data_4ZV5
# 
_entry.id   4ZV5 
# 
_audit_conform.dict_name       mmcif_pdbx.dic 
_audit_conform.dict_version    5.398 
_audit_conform.dict_location   http://mmcif.pdb.org/dictionaries/ascii/mmcif_pdbx.dic 
# 
loop_
_database_2.database_id 
_database_2.database_code 
_database_2.pdbx_database_accession 
_database_2.pdbx_DOI 
PDB   4ZV5         pdb_00004zv5 10.2210/pdb4zv5/pdb 
WWPDB D_1000209970 ?            ?                   
# 
loop_
_pdbx_audit_revision_history.ordinal 
_pdbx_audit_revision_history.data_content_type 
_pdbx_audit_revision_history.major_revision 
_pdbx_audit_revision_history.minor_revision 
_pdbx_audit_revision_history.revision_date 
1 'Structure model' 1 0 2016-01-27 
2 'Structure model' 1 1 2024-11-13 
# 
_pdbx_audit_revision_details.ordinal             1 
_pdbx_audit_revision_details.revision_ordinal    1 
_pdbx_audit_revision_details.data_content_type   'Structure model' 
_pdbx_audit_revision_details.provider            repository 
_pdbx_audit_revision_details.type                'Initial release' 
_pdbx_audit_revision_details.description         ? 
_pdbx_audit_revision_details.details             ? 
# 
loop_
_pdbx_audit_revision_group.ordinal 
_pdbx_audit_revision_group.revision_ordinal 
_pdbx_audit_revision_group.data_content_type 
_pdbx_audit_revision_group.group 
1 2 'Structure model' 'Data collection'      
2 2 'Structure model' 'Database references'  
3 2 'Structure model' 'Derived calculations' 
4 2 'Structure model' 'Structure summary'    
# 
loop_
_pdbx_audit_revision_category.ordinal 
_pdbx_audit_revision_category.revision_ordinal 
_pdbx_audit_revision_category.data_content_type 
_pdbx_audit_revision_category.category 
1 2 'Structure model' chem_comp_atom            
2 2 'Structure model' chem_comp_bond            
3 2 'Structure model' database_2                
4 2 'Structure model' pdbx_entry_details        
5 2 'Structure model' pdbx_modification_feature 
6 2 'Structure model' struct_conn               
# 
loop_
_pdbx_audit_revision_item.ordinal 
_pdbx_audit_revision_item.revision_ordinal 
_pdbx_audit_revision_item.data_content_type 
_pdbx_audit_revision_item.item 
1 2 'Structure model' '_database_2.pdbx_DOI'                
2 2 'Structure model' '_database_2.pdbx_database_accession' 
3 2 'Structure model' '_struct_conn.pdbx_dist_value'        
# 
_pdbx_database_status.status_code                     REL 
_pdbx_database_status.status_code_sf                  REL 
_pdbx_database_status.status_code_mr                  ? 
_pdbx_database_status.entry_id                        4ZV5 
_pdbx_database_status.recvd_initial_deposition_date   2015-05-18 
_pdbx_database_status.SG_entry                        N 
_pdbx_database_status.deposit_site                    RCSB 
_pdbx_database_status.process_site                    PDBE 
_pdbx_database_status.status_code_cs                  ? 
_pdbx_database_status.methods_development_category    ? 
_pdbx_database_status.pdb_format_compatible           Y 
_pdbx_database_status.status_code_nmr_data            ? 
# 
loop_
_audit_author.name 
_audit_author.pdbx_ordinal 
'Zabransky, A.' 1 
'Dolezal, M.'   2 
'Dostal, J.'    3 
'Vanek, O.'     4 
'Hadravova, R.' 5 
'Stokrova, J.'  6 
'Brynda, J.'    7 
'Pichova, I.'   8 
# 
loop_
_citation.abstract 
_citation.abstract_id_CAS 
_citation.book_id_ISBN 
_citation.book_publisher 
_citation.book_publisher_city 
_citation.book_title 
_citation.coordinate_linkage 
_citation.country 
_citation.database_id_Medline 
_citation.details 
_citation.id 
_citation.journal_abbrev 
_citation.journal_id_ASTM 
_citation.journal_id_CSD 
_citation.journal_id_ISSN 
_citation.journal_full 
_citation.journal_issue 
_citation.journal_volume 
_citation.language 
_citation.page_first 
_citation.page_last 
_citation.title 
_citation.year 
_citation.database_id_CSD 
_citation.pdbx_database_id_DOI 
_citation.pdbx_database_id_PubMed 
_citation.unpublished_flag 
? ? ? ? ? ? ? UK ? ? primary Retrovirology         ?      ?    1742-4690 ? ? 13 ? 2  2  
'Myristoylation drives dimerization of matrix protein from mouse mammary tumor virus.'  2016 ? 10.1186/s12977-015-0235-8 26728401 
? 
? ? ? ? ? ? ? US ? ? 1       'Protein Expr.Purif.' PEXPEJ 0757 1046-5928 ? ? 92 ? 94 99 
'One-step separation of myristoylated and nonmyristoylated retroviral matrix proteins.' 2013 ? 10.1016/j.pep.2013.09.003 24056256 
? 
# 
loop_
_citation_author.citation_id 
_citation_author.name 
_citation_author.ordinal 
_citation_author.identifier_ORCID 
primary 'Dolezal, M.'   1  ? 
primary 'Zabransky, A.' 2  ? 
primary 'Dostal, J.'    3  ? 
primary 'Vanek, O.'     4  ? 
primary 'Brynda, J.'    5  ? 
primary 'Lepsik, M.'    6  ? 
primary 'Hadravova, R.' 7  ? 
primary 'Pichova, I.'   8  ? 
1       'Dolezal, M.'   9  ? 
1       'Zabransky, A.' 10 ? 
1       'Hrabal, R.'    11 ? 
1       'Ruml, T.'      12 ? 
1       'Pichova, I.'   13 ? 
1       'Rumlova, M.'   14 ? 
# 
loop_
_entity.id 
_entity.type 
_entity.src_method 
_entity.pdbx_description 
_entity.formula_weight 
_entity.pdbx_number_of_molecules 
_entity.pdbx_ec 
_entity.pdbx_mutation 
_entity.pdbx_fragment 
_entity.details 
1 polymer     man 'Matrix protein p10' 10489.055 2  ? ? 'UNP residues 2-92' ? 
2 non-polymer syn 'MYRISTIC ACID'      228.371   2  ? ? ?                   ? 
3 water       nat water                18.015    87 ? ? ?                   ? 
# 
_entity_poly.entity_id                      1 
_entity_poly.type                           'polypeptide(L)' 
_entity_poly.nstd_linkage                   no 
_entity_poly.nstd_monomer                   no 
_entity_poly.pdbx_seq_one_letter_code       
;GVSGSKGQKLFVSVLQRLLSERGLHVKESSAIEFYQFLIKVSPWFPEEGGLNLQDWKRVGREMKRYAAEHGTDSIPKQAY
PIWLQLREILT
;
_entity_poly.pdbx_seq_one_letter_code_can   
;GVSGSKGQKLFVSVLQRLLSERGLHVKESSAIEFYQFLIKVSPWFPEEGGLNLQDWKRVGREMKRYAAEHGTDSIPKQAY
PIWLQLREILT
;
_entity_poly.pdbx_strand_id                 A,B 
_entity_poly.pdbx_target_identifier         ? 
# 
loop_
_pdbx_entity_nonpoly.entity_id 
_pdbx_entity_nonpoly.name 
_pdbx_entity_nonpoly.comp_id 
2 'MYRISTIC ACID' MYR 
3 water           HOH 
# 
loop_
_entity_poly_seq.entity_id 
_entity_poly_seq.num 
_entity_poly_seq.mon_id 
_entity_poly_seq.hetero 
1 1  GLY n 
1 2  VAL n 
1 3  SER n 
1 4  GLY n 
1 5  SER n 
1 6  LYS n 
1 7  GLY n 
1 8  GLN n 
1 9  LYS n 
1 10 LEU n 
1 11 PHE n 
1 12 VAL n 
1 13 SER n 
1 14 VAL n 
1 15 LEU n 
1 16 GLN n 
1 17 ARG n 
1 18 LEU n 
1 19 LEU n 
1 20 SER n 
1 21 GLU n 
1 22 ARG n 
1 23 GLY n 
1 24 LEU n 
1 25 HIS n 
1 26 VAL n 
1 27 LYS n 
1 28 GLU n 
1 29 SER n 
1 30 SER n 
1 31 ALA n 
1 32 ILE n 
1 33 GLU n 
1 34 PHE n 
1 35 TYR n 
1 36 GLN n 
1 37 PHE n 
1 38 LEU n 
1 39 ILE n 
1 40 LYS n 
1 41 VAL n 
1 42 SER n 
1 43 PRO n 
1 44 TRP n 
1 45 PHE n 
1 46 PRO n 
1 47 GLU n 
1 48 GLU n 
1 49 GLY n 
1 50 GLY n 
1 51 LEU n 
1 52 ASN n 
1 53 LEU n 
1 54 GLN n 
1 55 ASP n 
1 56 TRP n 
1 57 LYS n 
1 58 ARG n 
1 59 VAL n 
1 60 GLY n 
1 61 ARG n 
1 62 GLU n 
1 63 MET n 
1 64 LYS n 
1 65 ARG n 
1 66 TYR n 
1 67 ALA n 
1 68 ALA n 
1 69 GLU n 
1 70 HIS n 
1 71 GLY n 
1 72 THR n 
1 73 ASP n 
1 74 SER n 
1 75 ILE n 
1 76 PRO n 
1 77 LYS n 
1 78 GLN n 
1 79 ALA n 
1 80 TYR n 
1 81 PRO n 
1 82 ILE n 
1 83 TRP n 
1 84 LEU n 
1 85 GLN n 
1 86 LEU n 
1 87 ARG n 
1 88 GLU n 
1 89 ILE n 
1 90 LEU n 
1 91 THR n 
# 
_entity_src_gen.entity_id                          1 
_entity_src_gen.pdbx_src_id                        1 
_entity_src_gen.pdbx_alt_source_flag               sample 
_entity_src_gen.pdbx_seq_type                      'Biological sequence' 
_entity_src_gen.pdbx_beg_seq_num                   1 
_entity_src_gen.pdbx_end_seq_num                   91 
_entity_src_gen.gene_src_common_name               MMTV 
_entity_src_gen.gene_src_genus                     ? 
_entity_src_gen.pdbx_gene_src_gene                 gag 
_entity_src_gen.gene_src_species                   ? 
_entity_src_gen.gene_src_strain                    ? 
_entity_src_gen.gene_src_tissue                    ? 
_entity_src_gen.gene_src_tissue_fraction           ? 
_entity_src_gen.gene_src_details                   ? 
_entity_src_gen.pdbx_gene_src_fragment             ? 
_entity_src_gen.pdbx_gene_src_scientific_name      'Mouse mammary tumor virus' 
_entity_src_gen.pdbx_gene_src_ncbi_taxonomy_id     11758 
_entity_src_gen.pdbx_gene_src_variant              ? 
_entity_src_gen.pdbx_gene_src_cell_line            ? 
_entity_src_gen.pdbx_gene_src_atcc                 ? 
_entity_src_gen.pdbx_gene_src_organ                ? 
_entity_src_gen.pdbx_gene_src_organelle            ? 
_entity_src_gen.pdbx_gene_src_cell                 ? 
_entity_src_gen.pdbx_gene_src_cellular_location    ? 
_entity_src_gen.host_org_common_name               ? 
_entity_src_gen.pdbx_host_org_scientific_name      'Escherichia coli' 
_entity_src_gen.pdbx_host_org_ncbi_taxonomy_id     511693 
_entity_src_gen.host_org_genus                     ? 
_entity_src_gen.pdbx_host_org_gene                 ? 
_entity_src_gen.pdbx_host_org_organ                ? 
_entity_src_gen.host_org_species                   ? 
_entity_src_gen.pdbx_host_org_tissue               ? 
_entity_src_gen.pdbx_host_org_tissue_fraction      ? 
_entity_src_gen.pdbx_host_org_strain               BL21 
_entity_src_gen.pdbx_host_org_variant              ? 
_entity_src_gen.pdbx_host_org_cell_line            ? 
_entity_src_gen.pdbx_host_org_atcc                 ? 
_entity_src_gen.pdbx_host_org_culture_collection   ? 
_entity_src_gen.pdbx_host_org_cell                 ? 
_entity_src_gen.pdbx_host_org_organelle            ? 
_entity_src_gen.pdbx_host_org_cellular_location    ? 
_entity_src_gen.pdbx_host_org_vector_type          Plasmid 
_entity_src_gen.pdbx_host_org_vector               ? 
_entity_src_gen.host_org_details                   ? 
_entity_src_gen.expression_system_id               ? 
_entity_src_gen.plasmid_name                       pET-22b 
_entity_src_gen.plasmid_details                    ? 
_entity_src_gen.pdbx_description                   ? 
# 
loop_
_chem_comp.id 
_chem_comp.type 
_chem_comp.mon_nstd_flag 
_chem_comp.name 
_chem_comp.pdbx_synonyms 
_chem_comp.formula 
_chem_comp.formula_weight 
ALA 'L-peptide linking' y ALANINE         ? 'C3 H7 N O2'     89.093  
ARG 'L-peptide linking' y ARGININE        ? 'C6 H15 N4 O2 1' 175.209 
ASN 'L-peptide linking' y ASPARAGINE      ? 'C4 H8 N2 O3'    132.118 
ASP 'L-peptide linking' y 'ASPARTIC ACID' ? 'C4 H7 N O4'     133.103 
GLN 'L-peptide linking' y GLUTAMINE       ? 'C5 H10 N2 O3'   146.144 
GLU 'L-peptide linking' y 'GLUTAMIC ACID' ? 'C5 H9 N O4'     147.129 
GLY 'peptide linking'   y GLYCINE         ? 'C2 H5 N O2'     75.067  
HIS 'L-peptide linking' y HISTIDINE       ? 'C6 H10 N3 O2 1' 156.162 
HOH non-polymer         . WATER           ? 'H2 O'           18.015  
ILE 'L-peptide linking' y ISOLEUCINE      ? 'C6 H13 N O2'    131.173 
LEU 'L-peptide linking' y LEUCINE         ? 'C6 H13 N O2'    131.173 
LYS 'L-peptide linking' y LYSINE          ? 'C6 H15 N2 O2 1' 147.195 
MET 'L-peptide linking' y METHIONINE      ? 'C5 H11 N O2 S'  149.211 
MYR non-polymer         . 'MYRISTIC ACID' ? 'C14 H28 O2'     228.371 
PHE 'L-peptide linking' y PHENYLALANINE   ? 'C9 H11 N O2'    165.189 
PRO 'L-peptide linking' y PROLINE         ? 'C5 H9 N O2'     115.130 
SER 'L-peptide linking' y SERINE          ? 'C3 H7 N O3'     105.093 
THR 'L-peptide linking' y THREONINE       ? 'C4 H9 N O3'     119.119 
TRP 'L-peptide linking' y TRYPTOPHAN      ? 'C11 H12 N2 O2'  204.225 
TYR 'L-peptide linking' y TYROSINE        ? 'C9 H11 N O3'    181.189 
VAL 'L-peptide linking' y VALINE          ? 'C5 H11 N O2'    117.146 
# 
loop_
_pdbx_poly_seq_scheme.asym_id 
_pdbx_poly_seq_scheme.entity_id 
_pdbx_poly_seq_scheme.seq_id 
_pdbx_poly_seq_scheme.mon_id 
_pdbx_poly_seq_scheme.ndb_seq_num 
_pdbx_poly_seq_scheme.pdb_seq_num 
_pdbx_poly_seq_scheme.auth_seq_num 
_pdbx_poly_seq_scheme.pdb_mon_id 
_pdbx_poly_seq_scheme.auth_mon_id 
_pdbx_poly_seq_scheme.pdb_strand_id 
_pdbx_poly_seq_scheme.pdb_ins_code 
_pdbx_poly_seq_scheme.hetero 
A 1 1  GLY 1  2  2  GLY GLY A . n 
A 1 2  VAL 2  3  3  VAL VAL A . n 
A 1 3  SER 3  4  4  SER SER A . n 
A 1 4  GLY 4  5  5  GLY GLY A . n 
A 1 5  SER 5  6  6  SER SER A . n 
A 1 6  LYS 6  7  7  LYS LYS A . n 
A 1 7  GLY 7  8  8  GLY GLY A . n 
A 1 8  GLN 8  9  9  GLN GLN A . n 
A 1 9  LYS 9  10 10 LYS LYS A . n 
A 1 10 LEU 10 11 11 LEU LEU A . n 
A 1 11 PHE 11 12 12 PHE PHE A . n 
A 1 12 VAL 12 13 13 VAL VAL A . n 
A 1 13 SER 13 14 14 SER SER A . n 
A 1 14 VAL 14 15 15 VAL VAL A . n 
A 1 15 LEU 15 16 16 LEU LEU A . n 
A 1 16 GLN 16 17 17 GLN GLN A . n 
A 1 17 ARG 17 18 18 ARG ARG A . n 
A 1 18 LEU 18 19 19 LEU LEU A . n 
A 1 19 LEU 19 20 20 LEU LEU A . n 
A 1 20 SER 20 21 21 SER SER A . n 
A 1 21 GLU 21 22 22 GLU GLU A . n 
A 1 22 ARG 22 23 23 ARG ARG A . n 
A 1 23 GLY 23 24 24 GLY GLY A . n 
A 1 24 LEU 24 25 25 LEU LEU A . n 
A 1 25 HIS 25 26 26 HIS HIS A . n 
A 1 26 VAL 26 27 27 VAL VAL A . n 
A 1 27 LYS 27 28 28 LYS LYS A . n 
A 1 28 GLU 28 29 29 GLU GLU A . n 
A 1 29 SER 29 30 30 SER SER A . n 
A 1 30 SER 30 31 31 SER SER A . n 
A 1 31 ALA 31 32 32 ALA ALA A . n 
A 1 32 ILE 32 33 33 ILE ILE A . n 
A 1 33 GLU 33 34 34 GLU GLU A . n 
A 1 34 PHE 34 35 35 PHE PHE A . n 
A 1 35 TYR 35 36 36 TYR TYR A . n 
A 1 36 GLN 36 37 37 GLN GLN A . n 
A 1 37 PHE 37 38 38 PHE PHE A . n 
A 1 38 LEU 38 39 39 LEU LEU A . n 
A 1 39 ILE 39 40 40 ILE ILE A . n 
A 1 40 LYS 40 41 41 LYS LYS A . n 
A 1 41 VAL 41 42 42 VAL VAL A . n 
A 1 42 SER 42 43 43 SER SER A . n 
A 1 43 PRO 43 44 44 PRO PRO A . n 
A 1 44 TRP 44 45 45 TRP TRP A . n 
A 1 45 PHE 45 46 46 PHE PHE A . n 
A 1 46 PRO 46 47 47 PRO PRO A . n 
A 1 47 GLU 47 48 48 GLU GLU A . n 
A 1 48 GLU 48 49 49 GLU GLU A . n 
A 1 49 GLY 49 50 50 GLY GLY A . n 
A 1 50 GLY 50 51 51 GLY GLY A . n 
A 1 51 LEU 51 52 52 LEU LEU A . n 
A 1 52 ASN 52 53 53 ASN ASN A . n 
A 1 53 LEU 53 54 54 LEU LEU A . n 
A 1 54 GLN 54 55 55 GLN GLN A . n 
A 1 55 ASP 55 56 56 ASP ASP A . n 
A 1 56 TRP 56 57 57 TRP TRP A . n 
A 1 57 LYS 57 58 58 LYS LYS A . n 
A 1 58 ARG 58 59 59 ARG ARG A . n 
A 1 59 VAL 59 60 60 VAL VAL A . n 
A 1 60 GLY 60 61 61 GLY GLY A . n 
A 1 61 ARG 61 62 62 ARG ARG A . n 
A 1 62 GLU 62 63 63 GLU GLU A . n 
A 1 63 MET 63 64 64 MET MET A . n 
A 1 64 LYS 64 65 65 LYS LYS A . n 
A 1 65 ARG 65 66 66 ARG ARG A . n 
A 1 66 TYR 66 67 67 TYR TYR A . n 
A 1 67 ALA 67 68 68 ALA ALA A . n 
A 1 68 ALA 68 69 69 ALA ALA A . n 
A 1 69 GLU 69 70 70 GLU GLU A . n 
A 1 70 HIS 70 71 71 HIS HIS A . n 
A 1 71 GLY 71 72 72 GLY GLY A . n 
A 1 72 THR 72 73 73 THR THR A . n 
A 1 73 ASP 73 74 74 ASP ASP A . n 
A 1 74 SER 74 75 75 SER SER A . n 
A 1 75 ILE 75 76 76 ILE ILE A . n 
A 1 76 PRO 76 77 77 PRO PRO A . n 
A 1 77 LYS 77 78 78 LYS LYS A . n 
A 1 78 GLN 78 79 79 GLN GLN A . n 
A 1 79 ALA 79 80 80 ALA ALA A . n 
A 1 80 TYR 80 81 81 TYR TYR A . n 
A 1 81 PRO 81 82 82 PRO PRO A . n 
A 1 82 ILE 82 83 83 ILE ILE A . n 
A 1 83 TRP 83 84 84 TRP TRP A . n 
A 1 84 LEU 84 85 85 LEU LEU A . n 
A 1 85 GLN 85 86 86 GLN GLN A . n 
A 1 86 LEU 86 87 87 LEU LEU A . n 
A 1 87 ARG 87 88 88 ARG ARG A . n 
A 1 88 GLU 88 89 89 GLU GLU A . n 
A 1 89 ILE 89 90 90 ILE ILE A . n 
A 1 90 LEU 90 91 91 LEU LEU A . n 
A 1 91 THR 91 92 92 THR THR A . n 
B 1 1  GLY 1  2  2  GLY GLY B . n 
B 1 2  VAL 2  3  3  VAL VAL B . n 
B 1 3  SER 3  4  4  SER SER B . n 
B 1 4  GLY 4  5  5  GLY GLY B . n 
B 1 5  SER 5  6  6  SER SER B . n 
B 1 6  LYS 6  7  7  LYS LYS B . n 
B 1 7  GLY 7  8  8  GLY GLY B . n 
B 1 8  GLN 8  9  9  GLN GLN B . n 
B 1 9  LYS 9  10 10 LYS LYS B . n 
B 1 10 LEU 10 11 11 LEU LEU B . n 
B 1 11 PHE 11 12 12 PHE PHE B . n 
B 1 12 VAL 12 13 13 VAL VAL B . n 
B 1 13 SER 13 14 14 SER SER B . n 
B 1 14 VAL 14 15 15 VAL VAL B . n 
B 1 15 LEU 15 16 16 LEU LEU B . n 
B 1 16 GLN 16 17 17 GLN GLN B . n 
B 1 17 ARG 17 18 18 ARG ARG B . n 
B 1 18 LEU 18 19 19 LEU LEU B . n 
B 1 19 LEU 19 20 20 LEU LEU B . n 
B 1 20 SER 20 21 21 SER SER B . n 
B 1 21 GLU 21 22 22 GLU GLU B . n 
B 1 22 ARG 22 23 23 ARG ARG B . n 
B 1 23 GLY 23 24 24 GLY GLY B . n 
B 1 24 LEU 24 25 25 LEU LEU B . n 
B 1 25 HIS 25 26 26 HIS HIS B . n 
B 1 26 VAL 26 27 27 VAL VAL B . n 
B 1 27 LYS 27 28 28 LYS LYS B . n 
B 1 28 GLU 28 29 29 GLU GLU B . n 
B 1 29 SER 29 30 30 SER SER B . n 
B 1 30 SER 30 31 31 SER SER B . n 
B 1 31 ALA 31 32 32 ALA ALA B . n 
B 1 32 ILE 32 33 33 ILE ILE B . n 
B 1 33 GLU 33 34 34 GLU GLU B . n 
B 1 34 PHE 34 35 35 PHE PHE B . n 
B 1 35 TYR 35 36 36 TYR TYR B . n 
B 1 36 GLN 36 37 37 GLN GLN B . n 
B 1 37 PHE 37 38 38 PHE PHE B . n 
B 1 38 LEU 38 39 39 LEU LEU B . n 
B 1 39 ILE 39 40 40 ILE ILE B . n 
B 1 40 LYS 40 41 41 LYS LYS B . n 
B 1 41 VAL 41 42 42 VAL VAL B . n 
B 1 42 SER 42 43 43 SER SER B . n 
B 1 43 PRO 43 44 44 PRO PRO B . n 
B 1 44 TRP 44 45 45 TRP TRP B . n 
B 1 45 PHE 45 46 46 PHE PHE B . n 
B 1 46 PRO 46 47 47 PRO PRO B . n 
B 1 47 GLU 47 48 48 GLU GLU B . n 
B 1 48 GLU 48 49 49 GLU GLU B . n 
B 1 49 GLY 49 50 50 GLY GLY B . n 
B 1 50 GLY 50 51 51 GLY GLY B . n 
B 1 51 LEU 51 52 52 LEU LEU B . n 
B 1 52 ASN 52 53 53 ASN ASN B . n 
B 1 53 LEU 53 54 54 LEU LEU B . n 
B 1 54 GLN 54 55 55 GLN GLN B . n 
B 1 55 ASP 55 56 56 ASP ASP B . n 
B 1 56 TRP 56 57 57 TRP TRP B . n 
B 1 57 LYS 57 58 58 LYS LYS B . n 
B 1 58 ARG 58 59 59 ARG ARG B . n 
B 1 59 VAL 59 60 60 VAL VAL B . n 
B 1 60 GLY 60 61 61 GLY GLY B . n 
B 1 61 ARG 61 62 62 ARG ARG B . n 
B 1 62 GLU 62 63 63 GLU GLU B . n 
B 1 63 MET 63 64 64 MET MET B . n 
B 1 64 LYS 64 65 65 LYS LYS B . n 
B 1 65 ARG 65 66 66 ARG ARG B . n 
B 1 66 TYR 66 67 67 TYR TYR B . n 
B 1 67 ALA 67 68 68 ALA ALA B . n 
B 1 68 ALA 68 69 69 ALA ALA B . n 
B 1 69 GLU 69 70 70 GLU GLU B . n 
B 1 70 HIS 70 71 71 HIS HIS B . n 
B 1 71 GLY 71 72 72 GLY GLY B . n 
B 1 72 THR 72 73 73 THR THR B . n 
B 1 73 ASP 73 74 74 ASP ASP B . n 
B 1 74 SER 74 75 75 SER SER B . n 
B 1 75 ILE 75 76 76 ILE ILE B . n 
B 1 76 PRO 76 77 77 PRO PRO B . n 
B 1 77 LYS 77 78 78 LYS LYS B . n 
B 1 78 GLN 78 79 79 GLN GLN B . n 
B 1 79 ALA 79 80 80 ALA ALA B . n 
B 1 80 TYR 80 81 81 TYR TYR B . n 
B 1 81 PRO 81 82 82 PRO PRO B . n 
B 1 82 ILE 82 83 83 ILE ILE B . n 
B 1 83 TRP 83 84 84 TRP TRP B . n 
B 1 84 LEU 84 85 85 LEU LEU B . n 
B 1 85 GLN 85 86 86 GLN GLN B . n 
B 1 86 LEU 86 87 87 LEU LEU B . n 
B 1 87 ARG 87 88 88 ARG ARG B . n 
B 1 88 GLU 88 89 89 GLU GLU B . n 
B 1 89 ILE 89 90 90 ILE ILE B . n 
B 1 90 LEU 90 91 91 LEU LEU B . n 
B 1 91 THR 91 92 92 THR THR B . n 
# 
loop_
_pdbx_nonpoly_scheme.asym_id 
_pdbx_nonpoly_scheme.entity_id 
_pdbx_nonpoly_scheme.mon_id 
_pdbx_nonpoly_scheme.ndb_seq_num 
_pdbx_nonpoly_scheme.pdb_seq_num 
_pdbx_nonpoly_scheme.auth_seq_num 
_pdbx_nonpoly_scheme.pdb_mon_id 
_pdbx_nonpoly_scheme.auth_mon_id 
_pdbx_nonpoly_scheme.pdb_strand_id 
_pdbx_nonpoly_scheme.pdb_ins_code 
C 2 MYR 1  101 101 MYR MYR A . 
D 2 MYR 1  101 101 MYR MYR B . 
E 3 HOH 1  201 219 HOH HOH A . 
E 3 HOH 2  202 237 HOH HOH A . 
E 3 HOH 3  203 223 HOH HOH A . 
E 3 HOH 4  204 220 HOH HOH A . 
E 3 HOH 5  205 234 HOH HOH A . 
E 3 HOH 6  206 216 HOH HOH A . 
E 3 HOH 7  207 222 HOH HOH A . 
E 3 HOH 8  208 224 HOH HOH A . 
E 3 HOH 9  209 235 HOH HOH A . 
E 3 HOH 10 210 209 HOH HOH A . 
E 3 HOH 11 211 233 HOH HOH A . 
E 3 HOH 12 212 206 HOH HOH A . 
E 3 HOH 13 213 230 HOH HOH A . 
E 3 HOH 14 214 210 HOH HOH A . 
E 3 HOH 15 215 201 HOH HOH A . 
E 3 HOH 16 216 214 HOH HOH A . 
E 3 HOH 17 217 225 HOH HOH A . 
E 3 HOH 18 218 227 HOH HOH A . 
E 3 HOH 19 219 211 HOH HOH A . 
E 3 HOH 20 220 228 HOH HOH A . 
E 3 HOH 21 221 218 HOH HOH A . 
E 3 HOH 22 222 202 HOH HOH A . 
E 3 HOH 23 223 229 HOH HOH A . 
E 3 HOH 24 224 204 HOH HOH A . 
E 3 HOH 25 225 236 HOH HOH A . 
E 3 HOH 26 226 207 HOH HOH A . 
E 3 HOH 27 227 221 HOH HOH A . 
E 3 HOH 28 228 213 HOH HOH A . 
E 3 HOH 29 229 232 HOH HOH A . 
E 3 HOH 30 230 210 HOH HOH A . 
E 3 HOH 31 231 203 HOH HOH A . 
E 3 HOH 32 232 215 HOH HOH A . 
E 3 HOH 33 233 226 HOH HOH A . 
E 3 HOH 34 234 212 HOH HOH A . 
E 3 HOH 35 235 217 HOH HOH A . 
E 3 HOH 36 236 208 HOH HOH A . 
E 3 HOH 37 237 220 HOH HOH A . 
E 3 HOH 38 238 219 HOH HOH A . 
E 3 HOH 39 239 238 HOH HOH A . 
F 3 HOH 1  201 247 HOH HOH B . 
F 3 HOH 2  202 242 HOH HOH B . 
F 3 HOH 3  203 249 HOH HOH B . 
F 3 HOH 4  204 236 HOH HOH B . 
F 3 HOH 5  205 224 HOH HOH B . 
F 3 HOH 6  206 235 HOH HOH B . 
F 3 HOH 7  207 248 HOH HOH B . 
F 3 HOH 8  208 233 HOH HOH B . 
F 3 HOH 9  209 212 HOH HOH B . 
F 3 HOH 10 210 218 HOH HOH B . 
F 3 HOH 11 211 217 HOH HOH B . 
F 3 HOH 12 212 204 HOH HOH B . 
F 3 HOH 13 213 226 HOH HOH B . 
F 3 HOH 14 214 231 HOH HOH B . 
F 3 HOH 15 215 207 HOH HOH B . 
F 3 HOH 16 216 205 HOH HOH B . 
F 3 HOH 17 217 206 HOH HOH B . 
F 3 HOH 18 218 205 HOH HOH B . 
F 3 HOH 19 219 230 HOH HOH B . 
F 3 HOH 20 220 240 HOH HOH B . 
F 3 HOH 21 221 231 HOH HOH B . 
F 3 HOH 22 222 237 HOH HOH B . 
F 3 HOH 23 223 229 HOH HOH B . 
F 3 HOH 24 224 244 HOH HOH B . 
F 3 HOH 25 225 232 HOH HOH B . 
F 3 HOH 26 226 202 HOH HOH B . 
F 3 HOH 27 227 234 HOH HOH B . 
F 3 HOH 28 228 225 HOH HOH B . 
F 3 HOH 29 229 214 HOH HOH B . 
F 3 HOH 30 230 215 HOH HOH B . 
F 3 HOH 31 231 241 HOH HOH B . 
F 3 HOH 32 232 227 HOH HOH B . 
F 3 HOH 33 233 208 HOH HOH B . 
F 3 HOH 34 234 239 HOH HOH B . 
F 3 HOH 35 235 222 HOH HOH B . 
F 3 HOH 36 236 211 HOH HOH B . 
F 3 HOH 37 237 245 HOH HOH B . 
F 3 HOH 38 238 243 HOH HOH B . 
F 3 HOH 39 239 209 HOH HOH B . 
F 3 HOH 40 240 228 HOH HOH B . 
F 3 HOH 41 241 221 HOH HOH B . 
F 3 HOH 42 242 203 HOH HOH B . 
F 3 HOH 43 243 216 HOH HOH B . 
F 3 HOH 44 244 201 HOH HOH B . 
F 3 HOH 45 245 238 HOH HOH B . 
F 3 HOH 46 246 223 HOH HOH B . 
F 3 HOH 47 247 213 HOH HOH B . 
F 3 HOH 48 248 246 HOH HOH B . 
# 
loop_
_pdbx_unobs_or_zero_occ_atoms.id 
_pdbx_unobs_or_zero_occ_atoms.PDB_model_num 
_pdbx_unobs_or_zero_occ_atoms.polymer_flag 
_pdbx_unobs_or_zero_occ_atoms.occupancy_flag 
_pdbx_unobs_or_zero_occ_atoms.auth_asym_id 
_pdbx_unobs_or_zero_occ_atoms.auth_comp_id 
_pdbx_unobs_or_zero_occ_atoms.auth_seq_id 
_pdbx_unobs_or_zero_occ_atoms.PDB_ins_code 
_pdbx_unobs_or_zero_occ_atoms.auth_atom_id 
_pdbx_unobs_or_zero_occ_atoms.label_alt_id 
_pdbx_unobs_or_zero_occ_atoms.label_asym_id 
_pdbx_unobs_or_zero_occ_atoms.label_comp_id 
_pdbx_unobs_or_zero_occ_atoms.label_seq_id 
_pdbx_unobs_or_zero_occ_atoms.label_atom_id 
1 1 Y 1 A SER 6  ? OG  ? A SER 5  OG  
2 1 Y 1 A GLU 70 ? CG  ? A GLU 69 CG  
3 1 Y 1 A GLU 70 ? CD  ? A GLU 69 CD  
4 1 Y 1 A GLU 70 ? OE1 ? A GLU 69 OE1 
5 1 Y 1 A GLU 70 ? OE2 ? A GLU 69 OE2 
6 1 Y 1 A LYS 78 ? CE  ? A LYS 77 CE  
7 1 Y 1 A LYS 78 ? NZ  ? A LYS 77 NZ  
8 1 Y 1 B LYS 78 ? CE  ? B LYS 77 CE  
9 1 Y 1 B LYS 78 ? NZ  ? B LYS 77 NZ  
# 
loop_
_software.citation_id 
_software.classification 
_software.compiler_name 
_software.compiler_version 
_software.contact_author 
_software.contact_author_email 
_software.date 
_software.description 
_software.dependencies 
_software.hardware 
_software.language 
_software.location 
_software.mods 
_software.name 
_software.os 
_software.os_version 
_software.type 
_software.version 
_software.pdbx_ordinal 
? 'data reduction'  ? ? ? ? ? ? ? ? ? ? ? XDS         ? ? ? .        1 
? 'data extraction' ? ? ? ? ? ? ? ? ? ? ? PDB_EXTRACT ? ? ? 3.11     2 
? 'data scaling'    ? ? ? ? ? ? ? ? ? ? ? XSCALE      ? ? ? .        3 
? refinement        ? ? ? ? ? ? ? ? ? ? ? REFMAC      ? ? ? 5.6.0117 4 
? phasing           ? ? ? ? ? ? ? ? ? ? ? SHELXD      ? ? ? .        5 
? 'data reduction'  ? ? ? ? ? ? ? ? ? ? ? XSCALE      ? ? ? .        6 
# 
_cell.angle_alpha                  90.000 
_cell.angle_alpha_esd              ? 
_cell.angle_beta                   90.000 
_cell.angle_beta_esd               ? 
_cell.angle_gamma                  120.000 
_cell.angle_gamma_esd              ? 
_cell.entry_id                     4ZV5 
_cell.details                      ? 
_cell.formula_units_Z              ? 
_cell.length_a                     61.927 
_cell.length_a_esd                 ? 
_cell.length_b                     61.927 
_cell.length_b_esd                 ? 
_cell.length_c                     90.054 
_cell.length_c_esd                 ? 
_cell.volume                       ? 
_cell.volume_esd                   ? 
_cell.Z_PDB                        12 
_cell.reciprocal_angle_alpha       ? 
_cell.reciprocal_angle_beta        ? 
_cell.reciprocal_angle_gamma       ? 
_cell.reciprocal_angle_alpha_esd   ? 
_cell.reciprocal_angle_beta_esd    ? 
_cell.reciprocal_angle_gamma_esd   ? 
_cell.reciprocal_length_a          ? 
_cell.reciprocal_length_b          ? 
_cell.reciprocal_length_c          ? 
_cell.reciprocal_length_a_esd      ? 
_cell.reciprocal_length_b_esd      ? 
_cell.reciprocal_length_c_esd      ? 
_cell.pdbx_unique_axis             ? 
# 
_symmetry.entry_id                         4ZV5 
_symmetry.cell_setting                     ? 
_symmetry.Int_Tables_number                152 
_symmetry.space_group_name_Hall            ? 
_symmetry.space_group_name_H-M             'P 31 2 1' 
_symmetry.pdbx_full_space_group_name_H-M   ? 
# 
_exptl.absorpt_coefficient_mu     ? 
_exptl.absorpt_correction_T_max   ? 
_exptl.absorpt_correction_T_min   ? 
_exptl.absorpt_correction_type    ? 
_exptl.absorpt_process_details    ? 
_exptl.entry_id                   4ZV5 
_exptl.crystals_number            1 
_exptl.details                    ? 
_exptl.method                     'X-RAY DIFFRACTION' 
_exptl.method_details             ? 
# 
_exptl_crystal.colour                      ? 
_exptl_crystal.density_diffrn              ? 
_exptl_crystal.density_Matthews            2.38 
_exptl_crystal.density_method              ? 
_exptl_crystal.density_percent_sol         48.24 
_exptl_crystal.description                 ? 
_exptl_crystal.F_000                       ? 
_exptl_crystal.id                          1 
_exptl_crystal.preparation                 ? 
_exptl_crystal.size_max                    ? 
_exptl_crystal.size_mid                    ? 
_exptl_crystal.size_min                    ? 
_exptl_crystal.size_rad                    ? 
_exptl_crystal.colour_lustre               ? 
_exptl_crystal.colour_modifier             ? 
_exptl_crystal.colour_primary              ? 
_exptl_crystal.density_meas                ? 
_exptl_crystal.density_meas_esd            ? 
_exptl_crystal.density_meas_gt             ? 
_exptl_crystal.density_meas_lt             ? 
_exptl_crystal.density_meas_temp           ? 
_exptl_crystal.density_meas_temp_esd       ? 
_exptl_crystal.density_meas_temp_gt        ? 
_exptl_crystal.density_meas_temp_lt        ? 
_exptl_crystal.pdbx_crystal_image_url      ? 
_exptl_crystal.pdbx_crystal_image_format   ? 
_exptl_crystal.pdbx_mosaicity              ? 
_exptl_crystal.pdbx_mosaicity_esd          ? 
# 
_exptl_crystal_grow.apparatus       ? 
_exptl_crystal_grow.atmosphere      ? 
_exptl_crystal_grow.crystal_id      1 
_exptl_crystal_grow.details         ? 
_exptl_crystal_grow.method          'VAPOR DIFFUSION, HANGING DROP' 
_exptl_crystal_grow.method_ref      ? 
_exptl_crystal_grow.pH              8.0 
_exptl_crystal_grow.pressure        ? 
_exptl_crystal_grow.pressure_esd    ? 
_exptl_crystal_grow.seeding         ? 
_exptl_crystal_grow.seeding_ref     ? 
_exptl_crystal_grow.temp            294 
_exptl_crystal_grow.temp_details    ? 
_exptl_crystal_grow.temp_esd        ? 
_exptl_crystal_grow.time            ? 
_exptl_crystal_grow.pdbx_details    
'0.2M potassium chloride, 20% PEG 3350, pH 8.0, VAPOR DIFFUSION, HANGING DROP, temperature 294K' 
_exptl_crystal_grow.pdbx_pH_range   ? 
# 
_diffrn.ambient_environment    ? 
_diffrn.ambient_temp           100 
_diffrn.ambient_temp_details   ? 
_diffrn.ambient_temp_esd       ? 
_diffrn.crystal_id             1 
_diffrn.crystal_support        ? 
_diffrn.crystal_treatment      ? 
_diffrn.details                ? 
_diffrn.id                     1 
_diffrn.ambient_pressure       ? 
_diffrn.ambient_pressure_esd   ? 
_diffrn.ambient_pressure_gt    ? 
_diffrn.ambient_pressure_lt    ? 
_diffrn.ambient_temp_gt        ? 
_diffrn.ambient_temp_lt        ? 
# 
_diffrn_detector.details                      ? 
_diffrn_detector.detector                     CCD 
_diffrn_detector.diffrn_id                    1 
_diffrn_detector.type                         'MARMOSAIC 225 mm CCD' 
_diffrn_detector.area_resol_mean              ? 
_diffrn_detector.dtime                        ? 
_diffrn_detector.pdbx_frames_total            ? 
_diffrn_detector.pdbx_collection_time_total   ? 
_diffrn_detector.pdbx_collection_date         2013-05-29 
# 
_diffrn_radiation.collimation                      ? 
_diffrn_radiation.diffrn_id                        1 
_diffrn_radiation.filter_edge                      ? 
_diffrn_radiation.inhomogeneity                    ? 
_diffrn_radiation.monochromator                    ? 
_diffrn_radiation.polarisn_norm                    ? 
_diffrn_radiation.polarisn_ratio                   ? 
_diffrn_radiation.probe                            ? 
_diffrn_radiation.type                             ? 
_diffrn_radiation.xray_symbol                      ? 
_diffrn_radiation.wavelength_id                    1 
_diffrn_radiation.pdbx_monochromatic_or_laue_m_l   M 
_diffrn_radiation.pdbx_wavelength_list             ? 
_diffrn_radiation.pdbx_wavelength                  ? 
_diffrn_radiation.pdbx_diffrn_protocol             'SINGLE WAVELENGTH' 
_diffrn_radiation.pdbx_analyzer                    ? 
_diffrn_radiation.pdbx_scattering_type             x-ray 
# 
_diffrn_radiation_wavelength.id           1 
_diffrn_radiation_wavelength.wavelength   0.91840 
_diffrn_radiation_wavelength.wt           1.0 
# 
_diffrn_source.current                     ? 
_diffrn_source.details                     ? 
_diffrn_source.diffrn_id                   1 
_diffrn_source.power                       ? 
_diffrn_source.size                        ? 
_diffrn_source.source                      SYNCHROTRON 
_diffrn_source.target                      ? 
_diffrn_source.type                        'BESSY BEAMLINE 14.2' 
_diffrn_source.voltage                     ? 
_diffrn_source.take-off_angle              ? 
_diffrn_source.pdbx_wavelength_list        0.91840 
_diffrn_source.pdbx_wavelength             ? 
_diffrn_source.pdbx_synchrotron_beamline   14.2 
_diffrn_source.pdbx_synchrotron_site       BESSY 
# 
_reflns.B_iso_Wilson_estimate            30.3 
_reflns.entry_id                         4ZV5 
_reflns.data_reduction_details           ? 
_reflns.data_reduction_method            ? 
_reflns.d_resolution_high                1.57 
_reflns.d_resolution_low                 46.08 
_reflns.details                          ? 
_reflns.limit_h_max                      ? 
_reflns.limit_h_min                      ? 
_reflns.limit_k_max                      ? 
_reflns.limit_k_min                      ? 
_reflns.limit_l_max                      ? 
_reflns.limit_l_min                      ? 
_reflns.number_all                       28486 
_reflns.number_obs                       28486 
_reflns.observed_criterion               ? 
_reflns.observed_criterion_F_max         ? 
_reflns.observed_criterion_F_min         ? 
_reflns.observed_criterion_I_max         ? 
_reflns.observed_criterion_I_min         ? 
_reflns.observed_criterion_sigma_F       0.0 
_reflns.observed_criterion_sigma_I       0.0 
_reflns.percent_possible_obs             99.7 
_reflns.R_free_details                   ? 
_reflns.Rmerge_F_all                     ? 
_reflns.Rmerge_F_obs                     ? 
_reflns.Friedel_coverage                 ? 
_reflns.number_gt                        ? 
_reflns.threshold_expression             ? 
_reflns.pdbx_redundancy                  6.2 
_reflns.pdbx_Rmerge_I_obs                0.039 
_reflns.pdbx_Rmerge_I_all                ? 
_reflns.pdbx_Rsym_value                  ? 
_reflns.pdbx_netI_over_av_sigmaI         ? 
_reflns.pdbx_netI_over_sigmaI            23.9 
_reflns.pdbx_res_netI_over_av_sigmaI_2   ? 
_reflns.pdbx_res_netI_over_sigmaI_2      ? 
_reflns.pdbx_chi_squared                 ? 
_reflns.pdbx_scaling_rejects             ? 
_reflns.pdbx_d_res_high_opt              ? 
_reflns.pdbx_d_res_low_opt               ? 
_reflns.pdbx_d_res_opt_method            ? 
_reflns.phase_calculation_details        ? 
_reflns.pdbx_Rrim_I_all                  ? 
_reflns.pdbx_Rpim_I_all                  ? 
_reflns.pdbx_d_opt                       ? 
_reflns.pdbx_number_measured_all         ? 
_reflns.pdbx_diffrn_id                   1 
_reflns.pdbx_ordinal                     1 
_reflns.pdbx_CC_half                     ? 
_reflns.pdbx_R_split                     ? 
# 
_reflns_shell.d_res_high                  1.57 
_reflns_shell.d_res_low                   1.6110 
_reflns_shell.meanI_over_sigI_all         ? 
_reflns_shell.meanI_over_sigI_obs         2.4 
_reflns_shell.number_measured_all         ? 
_reflns_shell.number_measured_obs         ? 
_reflns_shell.number_possible             ? 
_reflns_shell.number_unique_all           ? 
_reflns_shell.number_unique_obs           ? 
_reflns_shell.percent_possible_all        ? 
_reflns_shell.percent_possible_obs        ? 
_reflns_shell.Rmerge_F_all                ? 
_reflns_shell.Rmerge_F_obs                ? 
_reflns_shell.Rmerge_I_all                ? 
_reflns_shell.Rmerge_I_obs                ? 
_reflns_shell.meanI_over_sigI_gt          ? 
_reflns_shell.meanI_over_uI_all           ? 
_reflns_shell.meanI_over_uI_gt            ? 
_reflns_shell.number_measured_gt          ? 
_reflns_shell.number_unique_gt            ? 
_reflns_shell.percent_possible_gt         ? 
_reflns_shell.Rmerge_F_gt                 ? 
_reflns_shell.Rmerge_I_gt                 ? 
_reflns_shell.pdbx_redundancy             ? 
_reflns_shell.pdbx_Rsym_value             ? 
_reflns_shell.pdbx_chi_squared            ? 
_reflns_shell.pdbx_netI_over_sigmaI_all   ? 
_reflns_shell.pdbx_netI_over_sigmaI_obs   ? 
_reflns_shell.pdbx_Rrim_I_all             ? 
_reflns_shell.pdbx_Rpim_I_all             ? 
_reflns_shell.pdbx_rejects                ? 
_reflns_shell.pdbx_ordinal                1 
_reflns_shell.pdbx_diffrn_id              1 
_reflns_shell.pdbx_CC_half                ? 
_reflns_shell.pdbx_R_split                ? 
# 
_refine.aniso_B[1][1]                            -0.1500 
_refine.aniso_B[1][2]                            -0.0800 
_refine.aniso_B[1][3]                            0.0000 
_refine.aniso_B[2][2]                            -0.1500 
_refine.aniso_B[2][3]                            0.0000 
_refine.aniso_B[3][3]                            0.2300 
_refine.B_iso_max                                67.270 
_refine.B_iso_mean                               24.1833 
_refine.B_iso_min                                7.550 
_refine.correlation_coeff_Fo_to_Fc               0.9490 
_refine.correlation_coeff_Fo_to_Fc_free          0.9380 
_refine.details                                  'HYDROGENS HAVE BEEN USED IF PRESENT IN THE INPUT' 
_refine.diff_density_max                         ? 
_refine.diff_density_max_esd                     ? 
_refine.diff_density_min                         ? 
_refine.diff_density_min_esd                     ? 
_refine.diff_density_rms                         ? 
_refine.diff_density_rms_esd                     ? 
_refine.entry_id                                 4ZV5 
_refine.pdbx_refine_id                           'X-RAY DIFFRACTION' 
_refine.ls_abs_structure_details                 ? 
_refine.ls_abs_structure_Flack                   ? 
_refine.ls_abs_structure_Flack_esd               ? 
_refine.ls_abs_structure_Rogers                  ? 
_refine.ls_abs_structure_Rogers_esd              ? 
_refine.ls_d_res_high                            1.5700 
_refine.ls_d_res_low                             46.0800 
_refine.ls_extinction_coef                       ? 
_refine.ls_extinction_coef_esd                   ? 
_refine.ls_extinction_expression                 ? 
_refine.ls_extinction_method                     ? 
_refine.ls_goodness_of_fit_all                   ? 
_refine.ls_goodness_of_fit_all_esd               ? 
_refine.ls_goodness_of_fit_obs                   ? 
_refine.ls_goodness_of_fit_obs_esd               ? 
_refine.ls_hydrogen_treatment                    ? 
_refine.ls_matrix_type                           ? 
_refine.ls_number_constraints                    ? 
_refine.ls_number_parameters                     ? 
_refine.ls_number_reflns_all                     27039 
_refine.ls_number_reflns_obs                     27039 
_refine.ls_number_reflns_R_free                  1423 
_refine.ls_number_reflns_R_work                  ? 
_refine.ls_number_restraints                     ? 
_refine.ls_percent_reflns_obs                    99.7700 
_refine.ls_percent_reflns_R_free                 5.0000 
_refine.ls_R_factor_all                          ? 
_refine.ls_R_factor_obs                          0.2275 
_refine.ls_R_factor_R_free                       0.2627 
_refine.ls_R_factor_R_free_error                 ? 
_refine.ls_R_factor_R_free_error_details         ? 
_refine.ls_R_factor_R_work                       0.2257 
_refine.ls_R_Fsqd_factor_obs                     ? 
_refine.ls_R_I_factor_obs                        ? 
_refine.ls_redundancy_reflns_all                 ? 
_refine.ls_redundancy_reflns_obs                 ? 
_refine.ls_restrained_S_all                      ? 
_refine.ls_restrained_S_obs                      ? 
_refine.ls_shift_over_esd_max                    ? 
_refine.ls_shift_over_esd_mean                   ? 
_refine.ls_structure_factor_coef                 ? 
_refine.ls_weighting_details                     ? 
_refine.ls_weighting_scheme                      ? 
_refine.ls_wR_factor_all                         ? 
_refine.ls_wR_factor_obs                         ? 
_refine.ls_wR_factor_R_free                      ? 
_refine.ls_wR_factor_R_work                      ? 
_refine.occupancy_max                            1.000 
_refine.occupancy_min                            0.500 
_refine.solvent_model_details                    'BABINET MODEL WITH MASK' 
_refine.solvent_model_param_bsol                 ? 
_refine.solvent_model_param_ksol                 ? 
_refine.ls_R_factor_gt                           ? 
_refine.ls_goodness_of_fit_gt                    ? 
_refine.ls_goodness_of_fit_ref                   ? 
_refine.ls_shift_over_su_max                     ? 
_refine.ls_shift_over_su_max_lt                  ? 
_refine.ls_shift_over_su_mean                    ? 
_refine.ls_shift_over_su_mean_lt                 ? 
_refine.pdbx_ls_sigma_I                          ? 
_refine.pdbx_ls_sigma_F                          0.000 
_refine.pdbx_ls_sigma_Fsqd                       ? 
_refine.pdbx_data_cutoff_high_absF               ? 
_refine.pdbx_data_cutoff_high_rms_absF           ? 
_refine.pdbx_data_cutoff_low_absF                ? 
_refine.pdbx_isotropic_thermal_model             ? 
_refine.pdbx_ls_cross_valid_method               THROUGHOUT 
_refine.pdbx_method_to_determine_struct          SIRAS 
_refine.pdbx_starting_model                      ? 
_refine.pdbx_stereochemistry_target_values       'MAXIMUM LIKELIHOOD' 
_refine.pdbx_R_Free_selection_details            RANDOM 
_refine.pdbx_stereochem_target_val_spec_case     ? 
_refine.pdbx_overall_ESU_R                       0.1020 
_refine.pdbx_overall_ESU_R_Free                  0.1030 
_refine.pdbx_solvent_vdw_probe_radii             1.2000 
_refine.pdbx_solvent_ion_probe_radii             0.8000 
_refine.pdbx_solvent_shrinkage_radii             0.8000 
_refine.pdbx_real_space_R                        ? 
_refine.pdbx_density_correlation                 ? 
_refine.pdbx_pd_number_of_powder_patterns        ? 
_refine.pdbx_pd_number_of_points                 ? 
_refine.pdbx_pd_meas_number_of_points            ? 
_refine.pdbx_pd_proc_ls_prof_R_factor            ? 
_refine.pdbx_pd_proc_ls_prof_wR_factor           ? 
_refine.pdbx_pd_Marquardt_correlation_coeff      ? 
_refine.pdbx_pd_Fsqrd_R_factor                   ? 
_refine.pdbx_pd_ls_matrix_band_width             ? 
_refine.pdbx_overall_phase_error                 ? 
_refine.pdbx_overall_SU_R_free_Cruickshank_DPI   ? 
_refine.pdbx_overall_SU_R_free_Blow_DPI          ? 
_refine.pdbx_overall_SU_R_Blow_DPI               ? 
_refine.pdbx_TLS_residual_ADP_flag               ? 
_refine.pdbx_diffrn_id                           1 
_refine.overall_SU_B                             2.1150 
_refine.overall_SU_ML                            0.0760 
_refine.overall_SU_R_Cruickshank_DPI             ? 
_refine.overall_SU_R_free                        ? 
_refine.overall_FOM_free_R_set                   ? 
_refine.overall_FOM_work_R_set                   ? 
_refine.pdbx_average_fsc_overall                 ? 
_refine.pdbx_average_fsc_work                    ? 
_refine.pdbx_average_fsc_free                    ? 
# 
_refine_hist.pdbx_refine_id                   'X-RAY DIFFRACTION' 
_refine_hist.cycle_id                         LAST 
_refine_hist.pdbx_number_atoms_protein        1473 
_refine_hist.pdbx_number_atoms_nucleic_acid   0 
_refine_hist.pdbx_number_atoms_ligand         30 
_refine_hist.number_atoms_solvent             87 
_refine_hist.number_atoms_total               1590 
_refine_hist.d_res_high                       1.5700 
_refine_hist.d_res_low                        46.0800 
# 
loop_
_refine_ls_restr.pdbx_refine_id 
_refine_ls_restr.criterion 
_refine_ls_restr.dev_ideal 
_refine_ls_restr.dev_ideal_target 
_refine_ls_restr.number 
_refine_ls_restr.rejects 
_refine_ls_restr.type 
_refine_ls_restr.weight 
_refine_ls_restr.pdbx_restraint_function 
'X-RAY DIFFRACTION' ? 0.012  0.019  1581 ? r_bond_refined_d       ? ? 
'X-RAY DIFFRACTION' ? 1.575  1.970  2127 ? r_angle_refined_deg    ? ? 
'X-RAY DIFFRACTION' ? 4.559  5.000  190  ? r_dihedral_angle_1_deg ? ? 
'X-RAY DIFFRACTION' ? 31.648 23.151 73   ? r_dihedral_angle_2_deg ? ? 
'X-RAY DIFFRACTION' ? 13.476 15.000 287  ? r_dihedral_angle_3_deg ? ? 
'X-RAY DIFFRACTION' ? 13.444 15.000 13   ? r_dihedral_angle_4_deg ? ? 
'X-RAY DIFFRACTION' ? 0.095  0.200  222  ? r_chiral_restr         ? ? 
'X-RAY DIFFRACTION' ? 0.009  0.021  1173 ? r_gen_planes_refined   ? ? 
# 
_refine_ls_shell.pdbx_refine_id                   'X-RAY DIFFRACTION' 
_refine_ls_shell.d_res_high                       1.5700 
_refine_ls_shell.d_res_low                        1.6110 
_refine_ls_shell.number_reflns_all                1918 
_refine_ls_shell.number_reflns_obs                ? 
_refine_ls_shell.number_reflns_R_free             92 
_refine_ls_shell.number_reflns_R_work             1826 
_refine_ls_shell.percent_reflns_obs               98.8700 
_refine_ls_shell.percent_reflns_R_free            ? 
_refine_ls_shell.R_factor_all                     ? 
_refine_ls_shell.R_factor_obs                     ? 
_refine_ls_shell.R_factor_R_free                  0.3340 
_refine_ls_shell.R_factor_R_free_error            ? 
_refine_ls_shell.R_factor_R_work                  0.2940 
_refine_ls_shell.redundancy_reflns_all            ? 
_refine_ls_shell.redundancy_reflns_obs            ? 
_refine_ls_shell.wR_factor_all                    ? 
_refine_ls_shell.wR_factor_obs                    ? 
_refine_ls_shell.wR_factor_R_free                 ? 
_refine_ls_shell.wR_factor_R_work                 ? 
_refine_ls_shell.pdbx_total_number_of_bins_used   20 
_refine_ls_shell.pdbx_phase_error                 ? 
_refine_ls_shell.pdbx_fsc_work                    ? 
_refine_ls_shell.pdbx_fsc_free                    ? 
# 
_struct.entry_id                     4ZV5 
_struct.title                        'Crystal structure of N-myristoylated mouse mammary tumor virus matrix protein' 
_struct.pdbx_model_details           ? 
_struct.pdbx_formula_weight          ? 
_struct.pdbx_formula_weight_method   ? 
_struct.pdbx_model_type_details      ? 
_struct.pdbx_CASP_flag               ? 
# 
_struct_keywords.entry_id        4ZV5 
_struct_keywords.text            'retroviral matrix protein, N-myristoylation, VIRAL PROTEIN' 
_struct_keywords.pdbx_keywords   'VIRAL PROTEIN' 
# 
loop_
_struct_asym.id 
_struct_asym.pdbx_blank_PDB_chainid_flag 
_struct_asym.pdbx_modified 
_struct_asym.entity_id 
_struct_asym.details 
A N N 1 ? 
B N N 1 ? 
C N N 2 ? 
D N N 2 ? 
E N N 3 ? 
F N N 3 ? 
# 
_struct_ref.id                         1 
_struct_ref.db_name                    UNP 
_struct_ref.db_code                    GAG_MMTVB 
_struct_ref.pdbx_db_accession          P10258 
_struct_ref.pdbx_db_isoform            ? 
_struct_ref.entity_id                  1 
_struct_ref.pdbx_seq_one_letter_code   
;GVSGSKGQKLFVSVLQRLLSERGLHVKESSAIEFYQFLIKVSPWFPEEGGLNLQDWKRVGREMKRYAAEHGTDSIPKQAY
PIWLQLREILT
;
_struct_ref.pdbx_align_begin           2 
# 
loop_
_struct_ref_seq.align_id 
_struct_ref_seq.ref_id 
_struct_ref_seq.pdbx_PDB_id_code 
_struct_ref_seq.pdbx_strand_id 
_struct_ref_seq.seq_align_beg 
_struct_ref_seq.pdbx_seq_align_beg_ins_code 
_struct_ref_seq.seq_align_end 
_struct_ref_seq.pdbx_seq_align_end_ins_code 
_struct_ref_seq.pdbx_db_accession 
_struct_ref_seq.db_align_beg 
_struct_ref_seq.pdbx_db_align_beg_ins_code 
_struct_ref_seq.db_align_end 
_struct_ref_seq.pdbx_db_align_end_ins_code 
_struct_ref_seq.pdbx_auth_seq_align_beg 
_struct_ref_seq.pdbx_auth_seq_align_end 
1 1 4ZV5 A 1 ? 91 ? P10258 2 ? 92 ? 2 92 
2 1 4ZV5 B 1 ? 91 ? P10258 2 ? 92 ? 2 92 
# 
_pdbx_struct_assembly.id                   1 
_pdbx_struct_assembly.details              author_and_software_defined_assembly 
_pdbx_struct_assembly.method_details       PISA 
_pdbx_struct_assembly.oligomeric_details   dimeric 
_pdbx_struct_assembly.oligomeric_count     2 
# 
loop_
_pdbx_struct_assembly_prop.biol_id 
_pdbx_struct_assembly_prop.type 
_pdbx_struct_assembly_prop.value 
_pdbx_struct_assembly_prop.details 
1 'ABSA (A^2)' 2240  ? 
1 MORE         -2    ? 
1 'SSA (A^2)'  10400 ? 
# 
_pdbx_struct_assembly_gen.assembly_id       1 
_pdbx_struct_assembly_gen.oper_expression   1 
_pdbx_struct_assembly_gen.asym_id_list      A,B,C,D,E,F 
# 
_pdbx_struct_oper_list.id                   1 
_pdbx_struct_oper_list.type                 'identity operation' 
_pdbx_struct_oper_list.name                 1_555 
_pdbx_struct_oper_list.symmetry_operation   x,y,z 
_pdbx_struct_oper_list.matrix[1][1]         1.0000000000 
_pdbx_struct_oper_list.matrix[1][2]         0.0000000000 
_pdbx_struct_oper_list.matrix[1][3]         0.0000000000 
_pdbx_struct_oper_list.vector[1]            0.0000000000 
_pdbx_struct_oper_list.matrix[2][1]         0.0000000000 
_pdbx_struct_oper_list.matrix[2][2]         1.0000000000 
_pdbx_struct_oper_list.matrix[2][3]         0.0000000000 
_pdbx_struct_oper_list.vector[2]            0.0000000000 
_pdbx_struct_oper_list.matrix[3][1]         0.0000000000 
_pdbx_struct_oper_list.matrix[3][2]         0.0000000000 
_pdbx_struct_oper_list.matrix[3][3]         1.0000000000 
_pdbx_struct_oper_list.vector[3]            0.0000000000 
# 
loop_
_struct_conf.conf_type_id 
_struct_conf.id 
_struct_conf.pdbx_PDB_helix_id 
_struct_conf.beg_label_comp_id 
_struct_conf.beg_label_asym_id 
_struct_conf.beg_label_seq_id 
_struct_conf.pdbx_beg_PDB_ins_code 
_struct_conf.end_label_comp_id 
_struct_conf.end_label_asym_id 
_struct_conf.end_label_seq_id 
_struct_conf.pdbx_end_PDB_ins_code 
_struct_conf.beg_auth_comp_id 
_struct_conf.beg_auth_asym_id 
_struct_conf.beg_auth_seq_id 
_struct_conf.end_auth_comp_id 
_struct_conf.end_auth_asym_id 
_struct_conf.end_auth_seq_id 
_struct_conf.pdbx_PDB_helix_class 
_struct_conf.details 
_struct_conf.pdbx_PDB_helix_length 
HELX_P HELX_P1  AA1 GLY A 7  ? GLU A 21 ? GLY A 8  GLU A 22 1 ? 15 
HELX_P HELX_P2  AA2 LYS A 27 ? SER A 42 ? LYS A 28 SER A 43 1 ? 16 
HELX_P HELX_P3  AA3 PRO A 43 ? GLY A 49 ? PRO A 44 GLY A 50 1 ? 7  
HELX_P HELX_P4  AA4 ASN A 52 ? GLY A 71 ? ASN A 53 GLY A 72 1 ? 20 
HELX_P HELX_P5  AA5 THR A 72 ? ILE A 75 ? THR A 73 ILE A 76 5 ? 4  
HELX_P HELX_P6  AA6 GLN A 78 ? LEU A 90 ? GLN A 79 LEU A 91 1 ? 13 
HELX_P HELX_P7  AA7 GLY B 7  ? GLU B 21 ? GLY B 8  GLU B 22 1 ? 15 
HELX_P HELX_P8  AA8 LYS B 27 ? SER B 42 ? LYS B 28 SER B 43 1 ? 16 
HELX_P HELX_P9  AA9 PRO B 43 ? GLY B 49 ? PRO B 44 GLY B 50 1 ? 7  
HELX_P HELX_P10 AB1 ASN B 52 ? GLY B 71 ? ASN B 53 GLY B 72 1 ? 20 
HELX_P HELX_P11 AB2 THR B 72 ? ILE B 75 ? THR B 73 ILE B 76 5 ? 4  
HELX_P HELX_P12 AB3 GLN B 78 ? THR B 91 ? GLN B 79 THR B 92 1 ? 14 
# 
_struct_conf_type.id          HELX_P 
_struct_conf_type.criteria    ? 
_struct_conf_type.reference   ? 
# 
loop_
_struct_conn.id 
_struct_conn.conn_type_id 
_struct_conn.pdbx_leaving_atom_flag 
_struct_conn.pdbx_PDB_id 
_struct_conn.ptnr1_label_asym_id 
_struct_conn.ptnr1_label_comp_id 
_struct_conn.ptnr1_label_seq_id 
_struct_conn.ptnr1_label_atom_id 
_struct_conn.pdbx_ptnr1_label_alt_id 
_struct_conn.pdbx_ptnr1_PDB_ins_code 
_struct_conn.pdbx_ptnr1_standard_comp_id 
_struct_conn.ptnr1_symmetry 
_struct_conn.ptnr2_label_asym_id 
_struct_conn.ptnr2_label_comp_id 
_struct_conn.ptnr2_label_seq_id 
_struct_conn.ptnr2_label_atom_id 
_struct_conn.pdbx_ptnr2_label_alt_id 
_struct_conn.pdbx_ptnr2_PDB_ins_code 
_struct_conn.ptnr1_auth_asym_id 
_struct_conn.ptnr1_auth_comp_id 
_struct_conn.ptnr1_auth_seq_id 
_struct_conn.ptnr2_auth_asym_id 
_struct_conn.ptnr2_auth_comp_id 
_struct_conn.ptnr2_auth_seq_id 
_struct_conn.ptnr2_symmetry 
_struct_conn.pdbx_ptnr3_label_atom_id 
_struct_conn.pdbx_ptnr3_label_seq_id 
_struct_conn.pdbx_ptnr3_label_comp_id 
_struct_conn.pdbx_ptnr3_label_asym_id 
_struct_conn.pdbx_ptnr3_label_alt_id 
_struct_conn.pdbx_ptnr3_PDB_ins_code 
_struct_conn.details 
_struct_conn.pdbx_dist_value 
_struct_conn.pdbx_value_order 
_struct_conn.pdbx_role 
covale1 covale both ? A GLY 1 N ? ? ? 1_555 C MYR . C1 ? ? A GLY 2 A MYR 101 1_555 ? ? ? ? ? ? ? 1.391 sing ? 
covale2 covale both ? B GLY 1 N ? ? ? 1_555 D MYR . C1 ? ? B GLY 2 B MYR 101 1_555 ? ? ? ? ? ? ? 1.758 sing ? 
# 
_struct_conn_type.id          covale 
_struct_conn_type.criteria    ? 
_struct_conn_type.reference   ? 
# 
loop_
_pdbx_modification_feature.ordinal 
_pdbx_modification_feature.label_comp_id 
_pdbx_modification_feature.label_asym_id 
_pdbx_modification_feature.label_seq_id 
_pdbx_modification_feature.label_alt_id 
_pdbx_modification_feature.modified_residue_label_comp_id 
_pdbx_modification_feature.modified_residue_label_asym_id 
_pdbx_modification_feature.modified_residue_label_seq_id 
_pdbx_modification_feature.modified_residue_label_alt_id 
_pdbx_modification_feature.auth_comp_id 
_pdbx_modification_feature.auth_asym_id 
_pdbx_modification_feature.auth_seq_id 
_pdbx_modification_feature.PDB_ins_code 
_pdbx_modification_feature.symmetry 
_pdbx_modification_feature.modified_residue_auth_comp_id 
_pdbx_modification_feature.modified_residue_auth_asym_id 
_pdbx_modification_feature.modified_residue_auth_seq_id 
_pdbx_modification_feature.modified_residue_PDB_ins_code 
_pdbx_modification_feature.modified_residue_symmetry 
_pdbx_modification_feature.comp_id_linking_atom 
_pdbx_modification_feature.modified_residue_id_linking_atom 
_pdbx_modification_feature.modified_residue_id 
_pdbx_modification_feature.ref_pcm_id 
_pdbx_modification_feature.ref_comp_id 
_pdbx_modification_feature.type 
_pdbx_modification_feature.category 
1 MYR C . ? GLY A 1 ? MYR A 101 ? 1_555 GLY A 2 ? 1_555 C1 N GLY 2 MYR Myristoylation Lipid/lipid-like 
2 MYR D . ? GLY B 1 ? MYR B 101 ? 1_555 GLY B 2 ? 1_555 C1 N GLY 2 MYR Myristoylation Lipid/lipid-like 
# 
loop_
_struct_site.id 
_struct_site.pdbx_evidence_code 
_struct_site.pdbx_auth_asym_id 
_struct_site.pdbx_auth_comp_id 
_struct_site.pdbx_auth_seq_id 
_struct_site.pdbx_auth_ins_code 
_struct_site.pdbx_num_residues 
_struct_site.details 
AC1 Software A MYR 101 ? 10 'binding site for residue MYR A 101' 
AC2 Software B MYR 101 ? 8  'binding site for residue MYR B 101' 
# 
loop_
_struct_site_gen.id 
_struct_site_gen.site_id 
_struct_site_gen.pdbx_num_res 
_struct_site_gen.label_comp_id 
_struct_site_gen.label_asym_id 
_struct_site_gen.label_seq_id 
_struct_site_gen.pdbx_auth_ins_code 
_struct_site_gen.auth_comp_id 
_struct_site_gen.auth_asym_id 
_struct_site_gen.auth_seq_id 
_struct_site_gen.label_atom_id 
_struct_site_gen.label_alt_id 
_struct_site_gen.symmetry 
_struct_site_gen.details 
1  AC1 10 GLY A 1  ? GLY A 2   . ? 1_555 ? 
2  AC1 10 VAL A 2  ? VAL A 3   . ? 1_555 ? 
3  AC1 10 PRO A 46 ? PRO A 47  . ? 1_555 ? 
4  AC1 10 GLU A 47 ? GLU A 48  . ? 1_555 ? 
5  AC1 10 GLY B 1  ? GLY B 2   . ? 5_555 ? 
6  AC1 10 GLY B 7  ? GLY B 8   . ? 1_555 ? 
7  AC1 10 PHE B 11 ? PHE B 12  . ? 1_555 ? 
8  AC1 10 TYR B 35 ? TYR B 36  . ? 1_555 ? 
9  AC1 10 LEU B 51 ? LEU B 52  . ? 1_555 ? 
10 AC1 10 MYR D .  ? MYR B 101 . ? 5_555 ? 
11 AC2 8  GLY A 7  ? GLY A 8   . ? 5_555 ? 
12 AC2 8  PHE A 11 ? PHE A 12  . ? 5_555 ? 
13 AC2 8  LEU A 86 ? LEU A 87  . ? 5_555 ? 
14 AC2 8  MYR C .  ? MYR A 101 . ? 5_555 ? 
15 AC2 8  GLY B 1  ? GLY B 2   . ? 1_555 ? 
16 AC2 8  VAL B 2  ? VAL B 3   . ? 1_555 ? 
17 AC2 8  PRO B 46 ? PRO B 47  . ? 5_555 ? 
18 AC2 8  GLU B 47 ? GLU B 48  . ? 5_555 ? 
# 
_pdbx_entry_details.entry_id                   4ZV5 
_pdbx_entry_details.compound_details           ? 
_pdbx_entry_details.source_details             ? 
_pdbx_entry_details.nonpolymer_details         ? 
_pdbx_entry_details.sequence_details           ? 
_pdbx_entry_details.has_ligand_of_interest     ? 
_pdbx_entry_details.has_protein_modification   Y 
# 
loop_
_pdbx_validate_close_contact.id 
_pdbx_validate_close_contact.PDB_model_num 
_pdbx_validate_close_contact.auth_atom_id_1 
_pdbx_validate_close_contact.auth_asym_id_1 
_pdbx_validate_close_contact.auth_comp_id_1 
_pdbx_validate_close_contact.auth_seq_id_1 
_pdbx_validate_close_contact.PDB_ins_code_1 
_pdbx_validate_close_contact.label_alt_id_1 
_pdbx_validate_close_contact.auth_atom_id_2 
_pdbx_validate_close_contact.auth_asym_id_2 
_pdbx_validate_close_contact.auth_comp_id_2 
_pdbx_validate_close_contact.auth_seq_id_2 
_pdbx_validate_close_contact.PDB_ins_code_2 
_pdbx_validate_close_contact.label_alt_id_2 
_pdbx_validate_close_contact.dist 
1 1 OE1 B GLN 17  ? B O  B HOH 202 ? ? 2.00 
2 1 O   B HOH 202 ? ? O  B HOH 205 ? ? 2.01 
3 1 CA  A GLY 2   ? ? C1 A MYR 101 ? ? 2.11 
# 
_pdbx_validate_symm_contact.id                1 
_pdbx_validate_symm_contact.PDB_model_num     1 
_pdbx_validate_symm_contact.auth_atom_id_1    O 
_pdbx_validate_symm_contact.auth_asym_id_1    A 
_pdbx_validate_symm_contact.auth_comp_id_1    HOH 
_pdbx_validate_symm_contact.auth_seq_id_1     238 
_pdbx_validate_symm_contact.PDB_ins_code_1    ? 
_pdbx_validate_symm_contact.label_alt_id_1    ? 
_pdbx_validate_symm_contact.site_symmetry_1   1_555 
_pdbx_validate_symm_contact.auth_atom_id_2    O 
_pdbx_validate_symm_contact.auth_asym_id_2    B 
_pdbx_validate_symm_contact.auth_comp_id_2    HOH 
_pdbx_validate_symm_contact.auth_seq_id_2     220 
_pdbx_validate_symm_contact.PDB_ins_code_2    ? 
_pdbx_validate_symm_contact.label_alt_id_2    ? 
_pdbx_validate_symm_contact.site_symmetry_2   5_565 
_pdbx_validate_symm_contact.dist              1.76 
# 
_pdbx_validate_torsion.id              1 
_pdbx_validate_torsion.PDB_model_num   1 
_pdbx_validate_torsion.auth_comp_id    SER 
_pdbx_validate_torsion.auth_asym_id    A 
_pdbx_validate_torsion.auth_seq_id     4 
_pdbx_validate_torsion.PDB_ins_code    ? 
_pdbx_validate_torsion.label_alt_id    ? 
_pdbx_validate_torsion.phi             -178.58 
_pdbx_validate_torsion.psi             107.24 
# 
_diffrn_reflns.diffrn_id           1 
_diffrn_reflns.pdbx_d_res_high     1.900 
_diffrn_reflns.pdbx_d_res_low      ? 
_diffrn_reflns.pdbx_Rmerge_I_obs   0.036 
_diffrn_reflns.pdbx_Rsym_value     ? 
_diffrn_reflns.pdbx_chi_squared    ? 
_diffrn_reflns.pdbx_redundancy     ? 
_diffrn_reflns.limit_h_max         ? 
_diffrn_reflns.limit_h_min         ? 
_diffrn_reflns.limit_k_max         ? 
_diffrn_reflns.limit_k_min         ? 
_diffrn_reflns.limit_l_max         ? 
_diffrn_reflns.limit_l_min         ? 
# 
loop_
_pdbx_diffrn_reflns_shell.diffrn_id 
_pdbx_diffrn_reflns_shell.d_res_high 
_pdbx_diffrn_reflns_shell.d_res_low 
_pdbx_diffrn_reflns_shell.rejects 
_pdbx_diffrn_reflns_shell.Rmerge_I_obs 
_pdbx_diffrn_reflns_shell.Rsym_value 
_pdbx_diffrn_reflns_shell.chi_squared 
_pdbx_diffrn_reflns_shell.redundancy 
_pdbx_diffrn_reflns_shell.percent_possible_obs 
1 4.02 5.66 ? 0.022 ? ? ? ? 
1 3.28 4.02 ? 0.029 ? ? ? ? 
1 2.85 3.28 ? 0.031 ? ? ? ? 
1 2.55 2.85 ? 0.041 ? ? ? ? 
1 2.33 2.55 ? 0.057 ? ? ? ? 
1 2.15 2.33 ? 0.080 ? ? ? ? 
1 2.01 2.15 ? 0.143 ? ? ? ? 
1 1.90 2.01 ? 0.201 ? ? ? ? 
# 
_phasing.method   SIRAS 
# 
loop_
_chem_comp_atom.comp_id 
_chem_comp_atom.atom_id 
_chem_comp_atom.type_symbol 
_chem_comp_atom.pdbx_aromatic_flag 
_chem_comp_atom.pdbx_stereo_config 
_chem_comp_atom.pdbx_ordinal 
ALA N    N N N 1   
ALA CA   C N S 2   
ALA C    C N N 3   
ALA O    O N N 4   
ALA CB   C N N 5   
ALA OXT  O N N 6   
ALA H    H N N 7   
ALA H2   H N N 8   
ALA HA   H N N 9   
ALA HB1  H N N 10  
ALA HB2  H N N 11  
ALA HB3  H N N 12  
ALA HXT  H N N 13  
ARG N    N N N 14  
ARG CA   C N S 15  
ARG C    C N N 16  
ARG O    O N N 17  
ARG CB   C N N 18  
ARG CG   C N N 19  
ARG CD   C N N 20  
ARG NE   N N N 21  
ARG CZ   C N N 22  
ARG NH1  N N N 23  
ARG NH2  N N N 24  
ARG OXT  O N N 25  
ARG H    H N N 26  
ARG H2   H N N 27  
ARG HA   H N N 28  
ARG HB2  H N N 29  
ARG HB3  H N N 30  
ARG HG2  H N N 31  
ARG HG3  H N N 32  
ARG HD2  H N N 33  
ARG HD3  H N N 34  
ARG HE   H N N 35  
ARG HH11 H N N 36  
ARG HH12 H N N 37  
ARG HH21 H N N 38  
ARG HH22 H N N 39  
ARG HXT  H N N 40  
ASN N    N N N 41  
ASN CA   C N S 42  
ASN C    C N N 43  
ASN O    O N N 44  
ASN CB   C N N 45  
ASN CG   C N N 46  
ASN OD1  O N N 47  
ASN ND2  N N N 48  
ASN OXT  O N N 49  
ASN H    H N N 50  
ASN H2   H N N 51  
ASN HA   H N N 52  
ASN HB2  H N N 53  
ASN HB3  H N N 54  
ASN HD21 H N N 55  
ASN HD22 H N N 56  
ASN HXT  H N N 57  
ASP N    N N N 58  
ASP CA   C N S 59  
ASP C    C N N 60  
ASP O    O N N 61  
ASP CB   C N N 62  
ASP CG   C N N 63  
ASP OD1  O N N 64  
ASP OD2  O N N 65  
ASP OXT  O N N 66  
ASP H    H N N 67  
ASP H2   H N N 68  
ASP HA   H N N 69  
ASP HB2  H N N 70  
ASP HB3  H N N 71  
ASP HD2  H N N 72  
ASP HXT  H N N 73  
GLN N    N N N 74  
GLN CA   C N S 75  
GLN C    C N N 76  
GLN O    O N N 77  
GLN CB   C N N 78  
GLN CG   C N N 79  
GLN CD   C N N 80  
GLN OE1  O N N 81  
GLN NE2  N N N 82  
GLN OXT  O N N 83  
GLN H    H N N 84  
GLN H2   H N N 85  
GLN HA   H N N 86  
GLN HB2  H N N 87  
GLN HB3  H N N 88  
GLN HG2  H N N 89  
GLN HG3  H N N 90  
GLN HE21 H N N 91  
GLN HE22 H N N 92  
GLN HXT  H N N 93  
GLU N    N N N 94  
GLU CA   C N S 95  
GLU C    C N N 96  
GLU O    O N N 97  
GLU CB   C N N 98  
GLU CG   C N N 99  
GLU CD   C N N 100 
GLU OE1  O N N 101 
GLU OE2  O N N 102 
GLU OXT  O N N 103 
GLU H    H N N 104 
GLU H2   H N N 105 
GLU HA   H N N 106 
GLU HB2  H N N 107 
GLU HB3  H N N 108 
GLU HG2  H N N 109 
GLU HG3  H N N 110 
GLU HE2  H N N 111 
GLU HXT  H N N 112 
GLY N    N N N 113 
GLY CA   C N N 114 
GLY C    C N N 115 
GLY O    O N N 116 
GLY OXT  O N N 117 
GLY H    H N N 118 
GLY H2   H N N 119 
GLY HA2  H N N 120 
GLY HA3  H N N 121 
GLY HXT  H N N 122 
HIS N    N N N 123 
HIS CA   C N S 124 
HIS C    C N N 125 
HIS O    O N N 126 
HIS CB   C N N 127 
HIS CG   C Y N 128 
HIS ND1  N Y N 129 
HIS CD2  C Y N 130 
HIS CE1  C Y N 131 
HIS NE2  N Y N 132 
HIS OXT  O N N 133 
HIS H    H N N 134 
HIS H2   H N N 135 
HIS HA   H N N 136 
HIS HB2  H N N 137 
HIS HB3  H N N 138 
HIS HD1  H N N 139 
HIS HD2  H N N 140 
HIS HE1  H N N 141 
HIS HE2  H N N 142 
HIS HXT  H N N 143 
HOH O    O N N 144 
HOH H1   H N N 145 
HOH H2   H N N 146 
ILE N    N N N 147 
ILE CA   C N S 148 
ILE C    C N N 149 
ILE O    O N N 150 
ILE CB   C N S 151 
ILE CG1  C N N 152 
ILE CG2  C N N 153 
ILE CD1  C N N 154 
ILE OXT  O N N 155 
ILE H    H N N 156 
ILE H2   H N N 157 
ILE HA   H N N 158 
ILE HB   H N N 159 
ILE HG12 H N N 160 
ILE HG13 H N N 161 
ILE HG21 H N N 162 
ILE HG22 H N N 163 
ILE HG23 H N N 164 
ILE HD11 H N N 165 
ILE HD12 H N N 166 
ILE HD13 H N N 167 
ILE HXT  H N N 168 
LEU N    N N N 169 
LEU CA   C N S 170 
LEU C    C N N 171 
LEU O    O N N 172 
LEU CB   C N N 173 
LEU CG   C N N 174 
LEU CD1  C N N 175 
LEU CD2  C N N 176 
LEU OXT  O N N 177 
LEU H    H N N 178 
LEU H2   H N N 179 
LEU HA   H N N 180 
LEU HB2  H N N 181 
LEU HB3  H N N 182 
LEU HG   H N N 183 
LEU HD11 H N N 184 
LEU HD12 H N N 185 
LEU HD13 H N N 186 
LEU HD21 H N N 187 
LEU HD22 H N N 188 
LEU HD23 H N N 189 
LEU HXT  H N N 190 
LYS N    N N N 191 
LYS CA   C N S 192 
LYS C    C N N 193 
LYS O    O N N 194 
LYS CB   C N N 195 
LYS CG   C N N 196 
LYS CD   C N N 197 
LYS CE   C N N 198 
LYS NZ   N N N 199 
LYS OXT  O N N 200 
LYS H    H N N 201 
LYS H2   H N N 202 
LYS HA   H N N 203 
LYS HB2  H N N 204 
LYS HB3  H N N 205 
LYS HG2  H N N 206 
LYS HG3  H N N 207 
LYS HD2  H N N 208 
LYS HD3  H N N 209 
LYS HE2  H N N 210 
LYS HE3  H N N 211 
LYS HZ1  H N N 212 
LYS HZ2  H N N 213 
LYS HZ3  H N N 214 
LYS HXT  H N N 215 
MET N    N N N 216 
MET CA   C N S 217 
MET C    C N N 218 
MET O    O N N 219 
MET CB   C N N 220 
MET CG   C N N 221 
MET SD   S N N 222 
MET CE   C N N 223 
MET OXT  O N N 224 
MET H    H N N 225 
MET H2   H N N 226 
MET HA   H N N 227 
MET HB2  H N N 228 
MET HB3  H N N 229 
MET HG2  H N N 230 
MET HG3  H N N 231 
MET HE1  H N N 232 
MET HE2  H N N 233 
MET HE3  H N N 234 
MET HXT  H N N 235 
MYR C1   C N N 236 
MYR O1   O N N 237 
MYR O2   O N N 238 
MYR C2   C N N 239 
MYR C3   C N N 240 
MYR C4   C N N 241 
MYR C5   C N N 242 
MYR C6   C N N 243 
MYR C7   C N N 244 
MYR C8   C N N 245 
MYR C9   C N N 246 
MYR C10  C N N 247 
MYR C11  C N N 248 
MYR C12  C N N 249 
MYR C13  C N N 250 
MYR C14  C N N 251 
MYR HO2  H N N 252 
MYR H21  H N N 253 
MYR H22  H N N 254 
MYR H31  H N N 255 
MYR H32  H N N 256 
MYR H41  H N N 257 
MYR H42  H N N 258 
MYR H51  H N N 259 
MYR H52  H N N 260 
MYR H61  H N N 261 
MYR H62  H N N 262 
MYR H71  H N N 263 
MYR H72  H N N 264 
MYR H81  H N N 265 
MYR H82  H N N 266 
MYR H91  H N N 267 
MYR H92  H N N 268 
MYR H101 H N N 269 
MYR H102 H N N 270 
MYR H111 H N N 271 
MYR H112 H N N 272 
MYR H121 H N N 273 
MYR H122 H N N 274 
MYR H131 H N N 275 
MYR H132 H N N 276 
MYR H141 H N N 277 
MYR H142 H N N 278 
MYR H143 H N N 279 
PHE N    N N N 280 
PHE CA   C N S 281 
PHE C    C N N 282 
PHE O    O N N 283 
PHE CB   C N N 284 
PHE CG   C Y N 285 
PHE CD1  C Y N 286 
PHE CD2  C Y N 287 
PHE CE1  C Y N 288 
PHE CE2  C Y N 289 
PHE CZ   C Y N 290 
PHE OXT  O N N 291 
PHE H    H N N 292 
PHE H2   H N N 293 
PHE HA   H N N 294 
PHE HB2  H N N 295 
PHE HB3  H N N 296 
PHE HD1  H N N 297 
PHE HD2  H N N 298 
PHE HE1  H N N 299 
PHE HE2  H N N 300 
PHE HZ   H N N 301 
PHE HXT  H N N 302 
PRO N    N N N 303 
PRO CA   C N S 304 
PRO C    C N N 305 
PRO O    O N N 306 
PRO CB   C N N 307 
PRO CG   C N N 308 
PRO CD   C N N 309 
PRO OXT  O N N 310 
PRO H    H N N 311 
PRO HA   H N N 312 
PRO HB2  H N N 313 
PRO HB3  H N N 314 
PRO HG2  H N N 315 
PRO HG3  H N N 316 
PRO HD2  H N N 317 
PRO HD3  H N N 318 
PRO HXT  H N N 319 
SER N    N N N 320 
SER CA   C N S 321 
SER C    C N N 322 
SER O    O N N 323 
SER CB   C N N 324 
SER OG   O N N 325 
SER OXT  O N N 326 
SER H    H N N 327 
SER H2   H N N 328 
SER HA   H N N 329 
SER HB2  H N N 330 
SER HB3  H N N 331 
SER HG   H N N 332 
SER HXT  H N N 333 
THR N    N N N 334 
THR CA   C N S 335 
THR C    C N N 336 
THR O    O N N 337 
THR CB   C N R 338 
THR OG1  O N N 339 
THR CG2  C N N 340 
THR OXT  O N N 341 
THR H    H N N 342 
THR H2   H N N 343 
THR HA   H N N 344 
THR HB   H N N 345 
THR HG1  H N N 346 
THR HG21 H N N 347 
THR HG22 H N N 348 
THR HG23 H N N 349 
THR HXT  H N N 350 
TRP N    N N N 351 
TRP CA   C N S 352 
TRP C    C N N 353 
TRP O    O N N 354 
TRP CB   C N N 355 
TRP CG   C Y N 356 
TRP CD1  C Y N 357 
TRP CD2  C Y N 358 
TRP NE1  N Y N 359 
TRP CE2  C Y N 360 
TRP CE3  C Y N 361 
TRP CZ2  C Y N 362 
TRP CZ3  C Y N 363 
TRP CH2  C Y N 364 
TRP OXT  O N N 365 
TRP H    H N N 366 
TRP H2   H N N 367 
TRP HA   H N N 368 
TRP HB2  H N N 369 
TRP HB3  H N N 370 
TRP HD1  H N N 371 
TRP HE1  H N N 372 
TRP HE3  H N N 373 
TRP HZ2  H N N 374 
TRP HZ3  H N N 375 
TRP HH2  H N N 376 
TRP HXT  H N N 377 
TYR N    N N N 378 
TYR CA   C N S 379 
TYR C    C N N 380 
TYR O    O N N 381 
TYR CB   C N N 382 
TYR CG   C Y N 383 
TYR CD1  C Y N 384 
TYR CD2  C Y N 385 
TYR CE1  C Y N 386 
TYR CE2  C Y N 387 
TYR CZ   C Y N 388 
TYR OH   O N N 389 
TYR OXT  O N N 390 
TYR H    H N N 391 
TYR H2   H N N 392 
TYR HA   H N N 393 
TYR HB2  H N N 394 
TYR HB3  H N N 395 
TYR HD1  H N N 396 
TYR HD2  H N N 397 
TYR HE1  H N N 398 
TYR HE2  H N N 399 
TYR HH   H N N 400 
TYR HXT  H N N 401 
VAL N    N N N 402 
VAL CA   C N S 403 
VAL C    C N N 404 
VAL O    O N N 405 
VAL CB   C N N 406 
VAL CG1  C N N 407 
VAL CG2  C N N 408 
VAL OXT  O N N 409 
VAL H    H N N 410 
VAL H2   H N N 411 
VAL HA   H N N 412 
VAL HB   H N N 413 
VAL HG11 H N N 414 
VAL HG12 H N N 415 
VAL HG13 H N N 416 
VAL HG21 H N N 417 
VAL HG22 H N N 418 
VAL HG23 H N N 419 
VAL HXT  H N N 420 
# 
loop_
_chem_comp_bond.comp_id 
_chem_comp_bond.atom_id_1 
_chem_comp_bond.atom_id_2 
_chem_comp_bond.value_order 
_chem_comp_bond.pdbx_aromatic_flag 
_chem_comp_bond.pdbx_stereo_config 
_chem_comp_bond.pdbx_ordinal 
ALA N   CA   sing N N 1   
ALA N   H    sing N N 2   
ALA N   H2   sing N N 3   
ALA CA  C    sing N N 4   
ALA CA  CB   sing N N 5   
ALA CA  HA   sing N N 6   
ALA C   O    doub N N 7   
ALA C   OXT  sing N N 8   
ALA CB  HB1  sing N N 9   
ALA CB  HB2  sing N N 10  
ALA CB  HB3  sing N N 11  
ALA OXT HXT  sing N N 12  
ARG N   CA   sing N N 13  
ARG N   H    sing N N 14  
ARG N   H2   sing N N 15  
ARG CA  C    sing N N 16  
ARG CA  CB   sing N N 17  
ARG CA  HA   sing N N 18  
ARG C   O    doub N N 19  
ARG C   OXT  sing N N 20  
ARG CB  CG   sing N N 21  
ARG CB  HB2  sing N N 22  
ARG CB  HB3  sing N N 23  
ARG CG  CD   sing N N 24  
ARG CG  HG2  sing N N 25  
ARG CG  HG3  sing N N 26  
ARG CD  NE   sing N N 27  
ARG CD  HD2  sing N N 28  
ARG CD  HD3  sing N N 29  
ARG NE  CZ   sing N N 30  
ARG NE  HE   sing N N 31  
ARG CZ  NH1  sing N N 32  
ARG CZ  NH2  doub N N 33  
ARG NH1 HH11 sing N N 34  
ARG NH1 HH12 sing N N 35  
ARG NH2 HH21 sing N N 36  
ARG NH2 HH22 sing N N 37  
ARG OXT HXT  sing N N 38  
ASN N   CA   sing N N 39  
ASN N   H    sing N N 40  
ASN N   H2   sing N N 41  
ASN CA  C    sing N N 42  
ASN CA  CB   sing N N 43  
ASN CA  HA   sing N N 44  
ASN C   O    doub N N 45  
ASN C   OXT  sing N N 46  
ASN CB  CG   sing N N 47  
ASN CB  HB2  sing N N 48  
ASN CB  HB3  sing N N 49  
ASN CG  OD1  doub N N 50  
ASN CG  ND2  sing N N 51  
ASN ND2 HD21 sing N N 52  
ASN ND2 HD22 sing N N 53  
ASN OXT HXT  sing N N 54  
ASP N   CA   sing N N 55  
ASP N   H    sing N N 56  
ASP N   H2   sing N N 57  
ASP CA  C    sing N N 58  
ASP CA  CB   sing N N 59  
ASP CA  HA   sing N N 60  
ASP C   O    doub N N 61  
ASP C   OXT  sing N N 62  
ASP CB  CG   sing N N 63  
ASP CB  HB2  sing N N 64  
ASP CB  HB3  sing N N 65  
ASP CG  OD1  doub N N 66  
ASP CG  OD2  sing N N 67  
ASP OD2 HD2  sing N N 68  
ASP OXT HXT  sing N N 69  
GLN N   CA   sing N N 70  
GLN N   H    sing N N 71  
GLN N   H2   sing N N 72  
GLN CA  C    sing N N 73  
GLN CA  CB   sing N N 74  
GLN CA  HA   sing N N 75  
GLN C   O    doub N N 76  
GLN C   OXT  sing N N 77  
GLN CB  CG   sing N N 78  
GLN CB  HB2  sing N N 79  
GLN CB  HB3  sing N N 80  
GLN CG  CD   sing N N 81  
GLN CG  HG2  sing N N 82  
GLN CG  HG3  sing N N 83  
GLN CD  OE1  doub N N 84  
GLN CD  NE2  sing N N 85  
GLN NE2 HE21 sing N N 86  
GLN NE2 HE22 sing N N 87  
GLN OXT HXT  sing N N 88  
GLU N   CA   sing N N 89  
GLU N   H    sing N N 90  
GLU N   H2   sing N N 91  
GLU CA  C    sing N N 92  
GLU CA  CB   sing N N 93  
GLU CA  HA   sing N N 94  
GLU C   O    doub N N 95  
GLU C   OXT  sing N N 96  
GLU CB  CG   sing N N 97  
GLU CB  HB2  sing N N 98  
GLU CB  HB3  sing N N 99  
GLU CG  CD   sing N N 100 
GLU CG  HG2  sing N N 101 
GLU CG  HG3  sing N N 102 
GLU CD  OE1  doub N N 103 
GLU CD  OE2  sing N N 104 
GLU OE2 HE2  sing N N 105 
GLU OXT HXT  sing N N 106 
GLY N   CA   sing N N 107 
GLY N   H    sing N N 108 
GLY N   H2   sing N N 109 
GLY CA  C    sing N N 110 
GLY CA  HA2  sing N N 111 
GLY CA  HA3  sing N N 112 
GLY C   O    doub N N 113 
GLY C   OXT  sing N N 114 
GLY OXT HXT  sing N N 115 
HIS N   CA   sing N N 116 
HIS N   H    sing N N 117 
HIS N   H2   sing N N 118 
HIS CA  C    sing N N 119 
HIS CA  CB   sing N N 120 
HIS CA  HA   sing N N 121 
HIS C   O    doub N N 122 
HIS C   OXT  sing N N 123 
HIS CB  CG   sing N N 124 
HIS CB  HB2  sing N N 125 
HIS CB  HB3  sing N N 126 
HIS CG  ND1  sing Y N 127 
HIS CG  CD2  doub Y N 128 
HIS ND1 CE1  doub Y N 129 
HIS ND1 HD1  sing N N 130 
HIS CD2 NE2  sing Y N 131 
HIS CD2 HD2  sing N N 132 
HIS CE1 NE2  sing Y N 133 
HIS CE1 HE1  sing N N 134 
HIS NE2 HE2  sing N N 135 
HIS OXT HXT  sing N N 136 
HOH O   H1   sing N N 137 
HOH O   H2   sing N N 138 
ILE N   CA   sing N N 139 
ILE N   H    sing N N 140 
ILE N   H2   sing N N 141 
ILE CA  C    sing N N 142 
ILE CA  CB   sing N N 143 
ILE CA  HA   sing N N 144 
ILE C   O    doub N N 145 
ILE C   OXT  sing N N 146 
ILE CB  CG1  sing N N 147 
ILE CB  CG2  sing N N 148 
ILE CB  HB   sing N N 149 
ILE CG1 CD1  sing N N 150 
ILE CG1 HG12 sing N N 151 
ILE CG1 HG13 sing N N 152 
ILE CG2 HG21 sing N N 153 
ILE CG2 HG22 sing N N 154 
ILE CG2 HG23 sing N N 155 
ILE CD1 HD11 sing N N 156 
ILE CD1 HD12 sing N N 157 
ILE CD1 HD13 sing N N 158 
ILE OXT HXT  sing N N 159 
LEU N   CA   sing N N 160 
LEU N   H    sing N N 161 
LEU N   H2   sing N N 162 
LEU CA  C    sing N N 163 
LEU CA  CB   sing N N 164 
LEU CA  HA   sing N N 165 
LEU C   O    doub N N 166 
LEU C   OXT  sing N N 167 
LEU CB  CG   sing N N 168 
LEU CB  HB2  sing N N 169 
LEU CB  HB3  sing N N 170 
LEU CG  CD1  sing N N 171 
LEU CG  CD2  sing N N 172 
LEU CG  HG   sing N N 173 
LEU CD1 HD11 sing N N 174 
LEU CD1 HD12 sing N N 175 
LEU CD1 HD13 sing N N 176 
LEU CD2 HD21 sing N N 177 
LEU CD2 HD22 sing N N 178 
LEU CD2 HD23 sing N N 179 
LEU OXT HXT  sing N N 180 
LYS N   CA   sing N N 181 
LYS N   H    sing N N 182 
LYS N   H2   sing N N 183 
LYS CA  C    sing N N 184 
LYS CA  CB   sing N N 185 
LYS CA  HA   sing N N 186 
LYS C   O    doub N N 187 
LYS C   OXT  sing N N 188 
LYS CB  CG   sing N N 189 
LYS CB  HB2  sing N N 190 
LYS CB  HB3  sing N N 191 
LYS CG  CD   sing N N 192 
LYS CG  HG2  sing N N 193 
LYS CG  HG3  sing N N 194 
LYS CD  CE   sing N N 195 
LYS CD  HD2  sing N N 196 
LYS CD  HD3  sing N N 197 
LYS CE  NZ   sing N N 198 
LYS CE  HE2  sing N N 199 
LYS CE  HE3  sing N N 200 
LYS NZ  HZ1  sing N N 201 
LYS NZ  HZ2  sing N N 202 
LYS NZ  HZ3  sing N N 203 
LYS OXT HXT  sing N N 204 
MET N   CA   sing N N 205 
MET N   H    sing N N 206 
MET N   H2   sing N N 207 
MET CA  C    sing N N 208 
MET CA  CB   sing N N 209 
MET CA  HA   sing N N 210 
MET C   O    doub N N 211 
MET C   OXT  sing N N 212 
MET CB  CG   sing N N 213 
MET CB  HB2  sing N N 214 
MET CB  HB3  sing N N 215 
MET CG  SD   sing N N 216 
MET CG  HG2  sing N N 217 
MET CG  HG3  sing N N 218 
MET SD  CE   sing N N 219 
MET CE  HE1  sing N N 220 
MET CE  HE2  sing N N 221 
MET CE  HE3  sing N N 222 
MET OXT HXT  sing N N 223 
MYR C1  O1   doub N N 224 
MYR C1  O2   sing N N 225 
MYR C1  C2   sing N N 226 
MYR O2  HO2  sing N N 227 
MYR C2  C3   sing N N 228 
MYR C2  H21  sing N N 229 
MYR C2  H22  sing N N 230 
MYR C3  C4   sing N N 231 
MYR C3  H31  sing N N 232 
MYR C3  H32  sing N N 233 
MYR C4  C5   sing N N 234 
MYR C4  H41  sing N N 235 
MYR C4  H42  sing N N 236 
MYR C5  C6   sing N N 237 
MYR C5  H51  sing N N 238 
MYR C5  H52  sing N N 239 
MYR C6  C7   sing N N 240 
MYR C6  H61  sing N N 241 
MYR C6  H62  sing N N 242 
MYR C7  C8   sing N N 243 
MYR C7  H71  sing N N 244 
MYR C7  H72  sing N N 245 
MYR C8  C9   sing N N 246 
MYR C8  H81  sing N N 247 
MYR C8  H82  sing N N 248 
MYR C9  C10  sing N N 249 
MYR C9  H91  sing N N 250 
MYR C9  H92  sing N N 251 
MYR C10 C11  sing N N 252 
MYR C10 H101 sing N N 253 
MYR C10 H102 sing N N 254 
MYR C11 C12  sing N N 255 
MYR C11 H111 sing N N 256 
MYR C11 H112 sing N N 257 
MYR C12 C13  sing N N 258 
MYR C12 H121 sing N N 259 
MYR C12 H122 sing N N 260 
MYR C13 C14  sing N N 261 
MYR C13 H131 sing N N 262 
MYR C13 H132 sing N N 263 
MYR C14 H141 sing N N 264 
MYR C14 H142 sing N N 265 
MYR C14 H143 sing N N 266 
PHE N   CA   sing N N 267 
PHE N   H    sing N N 268 
PHE N   H2   sing N N 269 
PHE CA  C    sing N N 270 
PHE CA  CB   sing N N 271 
PHE CA  HA   sing N N 272 
PHE C   O    doub N N 273 
PHE C   OXT  sing N N 274 
PHE CB  CG   sing N N 275 
PHE CB  HB2  sing N N 276 
PHE CB  HB3  sing N N 277 
PHE CG  CD1  doub Y N 278 
PHE CG  CD2  sing Y N 279 
PHE CD1 CE1  sing Y N 280 
PHE CD1 HD1  sing N N 281 
PHE CD2 CE2  doub Y N 282 
PHE CD2 HD2  sing N N 283 
PHE CE1 CZ   doub Y N 284 
PHE CE1 HE1  sing N N 285 
PHE CE2 CZ   sing Y N 286 
PHE CE2 HE2  sing N N 287 
PHE CZ  HZ   sing N N 288 
PHE OXT HXT  sing N N 289 
PRO N   CA   sing N N 290 
PRO N   CD   sing N N 291 
PRO N   H    sing N N 292 
PRO CA  C    sing N N 293 
PRO CA  CB   sing N N 294 
PRO CA  HA   sing N N 295 
PRO C   O    doub N N 296 
PRO C   OXT  sing N N 297 
PRO CB  CG   sing N N 298 
PRO CB  HB2  sing N N 299 
PRO CB  HB3  sing N N 300 
PRO CG  CD   sing N N 301 
PRO CG  HG2  sing N N 302 
PRO CG  HG3  sing N N 303 
PRO CD  HD2  sing N N 304 
PRO CD  HD3  sing N N 305 
PRO OXT HXT  sing N N 306 
SER N   CA   sing N N 307 
SER N   H    sing N N 308 
SER N   H2   sing N N 309 
SER CA  C    sing N N 310 
SER CA  CB   sing N N 311 
SER CA  HA   sing N N 312 
SER C   O    doub N N 313 
SER C   OXT  sing N N 314 
SER CB  OG   sing N N 315 
SER CB  HB2  sing N N 316 
SER CB  HB3  sing N N 317 
SER OG  HG   sing N N 318 
SER OXT HXT  sing N N 319 
THR N   CA   sing N N 320 
THR N   H    sing N N 321 
THR N   H2   sing N N 322 
THR CA  C    sing N N 323 
THR CA  CB   sing N N 324 
THR CA  HA   sing N N 325 
THR C   O    doub N N 326 
THR C   OXT  sing N N 327 
THR CB  OG1  sing N N 328 
THR CB  CG2  sing N N 329 
THR CB  HB   sing N N 330 
THR OG1 HG1  sing N N 331 
THR CG2 HG21 sing N N 332 
THR CG2 HG22 sing N N 333 
THR CG2 HG23 sing N N 334 
THR OXT HXT  sing N N 335 
TRP N   CA   sing N N 336 
TRP N   H    sing N N 337 
TRP N   H2   sing N N 338 
TRP CA  C    sing N N 339 
TRP CA  CB   sing N N 340 
TRP CA  HA   sing N N 341 
TRP C   O    doub N N 342 
TRP C   OXT  sing N N 343 
TRP CB  CG   sing N N 344 
TRP CB  HB2  sing N N 345 
TRP CB  HB3  sing N N 346 
TRP CG  CD1  doub Y N 347 
TRP CG  CD2  sing Y N 348 
TRP CD1 NE1  sing Y N 349 
TRP CD1 HD1  sing N N 350 
TRP CD2 CE2  doub Y N 351 
TRP CD2 CE3  sing Y N 352 
TRP NE1 CE2  sing Y N 353 
TRP NE1 HE1  sing N N 354 
TRP CE2 CZ2  sing Y N 355 
TRP CE3 CZ3  doub Y N 356 
TRP CE3 HE3  sing N N 357 
TRP CZ2 CH2  doub Y N 358 
TRP CZ2 HZ2  sing N N 359 
TRP CZ3 CH2  sing Y N 360 
TRP CZ3 HZ3  sing N N 361 
TRP CH2 HH2  sing N N 362 
TRP OXT HXT  sing N N 363 
TYR N   CA   sing N N 364 
TYR N   H    sing N N 365 
TYR N   H2   sing N N 366 
TYR CA  C    sing N N 367 
TYR CA  CB   sing N N 368 
TYR CA  HA   sing N N 369 
TYR C   O    doub N N 370 
TYR C   OXT  sing N N 371 
TYR CB  CG   sing N N 372 
TYR CB  HB2  sing N N 373 
TYR CB  HB3  sing N N 374 
TYR CG  CD1  doub Y N 375 
TYR CG  CD2  sing Y N 376 
TYR CD1 CE1  sing Y N 377 
TYR CD1 HD1  sing N N 378 
TYR CD2 CE2  doub Y N 379 
TYR CD2 HD2  sing N N 380 
TYR CE1 CZ   doub Y N 381 
TYR CE1 HE1  sing N N 382 
TYR CE2 CZ   sing Y N 383 
TYR CE2 HE2  sing N N 384 
TYR CZ  OH   sing N N 385 
TYR OH  HH   sing N N 386 
TYR OXT HXT  sing N N 387 
VAL N   CA   sing N N 388 
VAL N   H    sing N N 389 
VAL N   H2   sing N N 390 
VAL CA  C    sing N N 391 
VAL CA  CB   sing N N 392 
VAL CA  HA   sing N N 393 
VAL C   O    doub N N 394 
VAL C   OXT  sing N N 395 
VAL CB  CG1  sing N N 396 
VAL CB  CG2  sing N N 397 
VAL CB  HB   sing N N 398 
VAL CG1 HG11 sing N N 399 
VAL CG1 HG12 sing N N 400 
VAL CG1 HG13 sing N N 401 
VAL CG2 HG21 sing N N 402 
VAL CG2 HG22 sing N N 403 
VAL CG2 HG23 sing N N 404 
VAL OXT HXT  sing N N 405 
# 
_atom_sites.entry_id                    4ZV5 
_atom_sites.fract_transf_matrix[1][1]   0.01373058 
_atom_sites.fract_transf_matrix[1][2]   0.00603732 
_atom_sites.fract_transf_matrix[1][3]   -0.01107692 
_atom_sites.fract_transf_matrix[2][1]   0.01412984 
_atom_sites.fract_transf_matrix[2][2]   -0.01135533 
_atom_sites.fract_transf_matrix[2][3]   -0.00436778 
_atom_sites.fract_transf_matrix[3][1]   -0.00561115 
_atom_sites.fract_transf_matrix[3][2]   -0.00356038 
_atom_sites.fract_transf_matrix[3][3]   -0.00889593 
_atom_sites.fract_transf_vector[1]      0.386509 
_atom_sites.fract_transf_vector[2]      0.285344 
_atom_sites.fract_transf_vector[3]      0.344291 
# 
loop_
_atom_type.symbol 
C 
N 
O 
S 
# 
loop_
_atom_site.group_PDB 
_atom_site.id 
_atom_site.type_symbol 
_atom_site.label_atom_id 
_atom_site.label_alt_id 
_atom_site.label_comp_id 
_atom_site.label_asym_id 
_atom_site.label_entity_id 
_atom_site.label_seq_id 
_atom_site.pdbx_PDB_ins_code 
_atom_site.Cartn_x 
_atom_site.Cartn_y 
_atom_site.Cartn_z 
_atom_site.occupancy 
_atom_site.B_iso_or_equiv 
_atom_site.pdbx_formal_charge 
_atom_site.auth_seq_id 
_atom_site.auth_comp_id 
_atom_site.auth_asym_id 
_atom_site.auth_atom_id 
_atom_site.pdbx_PDB_model_num 
ATOM   1    N N   . GLY A 1 1  ? -8.691  7.089   2.686   1.00 31.84 ? 2   GLY A N   1 
ATOM   2    C CA  . GLY A 1 1  ? -9.433  6.885   3.967   1.00 33.47 ? 2   GLY A CA  1 
ATOM   3    C C   . GLY A 1 1  ? -10.284 5.643   3.816   1.00 33.18 ? 2   GLY A C   1 
ATOM   4    O O   . GLY A 1 1  ? -10.863 5.410   2.752   1.00 35.29 ? 2   GLY A O   1 
ATOM   5    N N   . VAL A 1 2  ? -10.337 4.809   4.851   1.00 34.96 ? 3   VAL A N   1 
ATOM   6    C CA  . VAL A 1 2  ? -11.037 3.527   4.703   1.00 37.89 ? 3   VAL A CA  1 
ATOM   7    C C   . VAL A 1 2  ? -12.545 3.658   4.846   1.00 41.42 ? 3   VAL A C   1 
ATOM   8    O O   . VAL A 1 2  ? -13.046 4.611   5.452   1.00 40.74 ? 3   VAL A O   1 
ATOM   9    C CB  . VAL A 1 2  ? -10.506 2.418   5.637   1.00 41.39 ? 3   VAL A CB  1 
ATOM   10   C CG1 . VAL A 1 2  ? -9.065  2.087   5.288   1.00 43.62 ? 3   VAL A CG1 1 
ATOM   11   C CG2 . VAL A 1 2  ? -10.658 2.803   7.100   1.00 41.91 ? 3   VAL A CG2 1 
ATOM   12   N N   . SER A 1 3  ? -13.237 2.678   4.271   1.00 40.85 ? 4   SER A N   1 
ATOM   13   C CA  . SER A 1 3  ? -14.682 2.642   4.181   1.00 41.90 ? 4   SER A CA  1 
ATOM   14   C C   . SER A 1 3  ? -14.946 1.319   3.480   1.00 41.58 ? 4   SER A C   1 
ATOM   15   O O   . SER A 1 3  ? -14.656 1.179   2.289   1.00 39.20 ? 4   SER A O   1 
ATOM   16   C CB  . SER A 1 3  ? -15.190 3.811   3.331   1.00 45.39 ? 4   SER A CB  1 
ATOM   17   O OG  . SER A 1 3  ? -16.332 4.414   3.906   1.00 50.86 ? 4   SER A OG  1 
ATOM   18   N N   . GLY A 1 4  ? -15.447 0.332   4.221   1.00 41.40 ? 5   GLY A N   1 
ATOM   19   C CA  . GLY A 1 4  ? -15.845 -0.955  3.639   1.00 41.28 ? 5   GLY A CA  1 
ATOM   20   C C   . GLY A 1 4  ? -14.721 -1.676  2.909   1.00 39.86 ? 5   GLY A C   1 
ATOM   21   O O   . GLY A 1 4  ? -13.659 -1.931  3.486   1.00 40.85 ? 5   GLY A O   1 
ATOM   22   N N   . SER A 1 5  ? -14.968 -1.989  1.639   1.00 35.42 ? 6   SER A N   1 
ATOM   23   C CA  . SER A 1 5  ? -13.996 -2.671  0.769   1.00 34.24 ? 6   SER A CA  1 
ATOM   24   C C   . SER A 1 5  ? -12.974 -1.749  0.060   1.00 31.90 ? 6   SER A C   1 
ATOM   25   O O   . SER A 1 5  ? -12.177 -2.235  -0.780  1.00 31.31 ? 6   SER A O   1 
ATOM   26   C CB  . SER A 1 5  ? -14.736 -3.525  -0.272  1.00 35.45 ? 6   SER A CB  1 
ATOM   27   N N   . LYS A 1 6  ? -12.997 -0.442  0.350   1.00 30.60 ? 7   LYS A N   1 
ATOM   28   C CA  . LYS A 1 6  ? -12.082 0.509   -0.328  1.00 27.75 ? 7   LYS A CA  1 
ATOM   29   C C   . LYS A 1 6  ? -10.659 0.172   0.084   1.00 26.06 ? 7   LYS A C   1 
ATOM   30   O O   . LYS A 1 6  ? -10.418 -0.016  1.271   1.00 23.26 ? 7   LYS A O   1 
ATOM   31   C CB  . LYS A 1 6  ? -12.370 1.968   0.026   1.00 26.95 ? 7   LYS A CB  1 
ATOM   32   C CG  . LYS A 1 6  ? -13.732 2.460   -0.471  1.00 28.00 ? 7   LYS A CG  1 
ATOM   33   C CD  . LYS A 1 6  ? -13.807 3.967   -0.357  1.00 27.67 ? 7   LYS A CD  1 
ATOM   34   C CE  . LYS A 1 6  ? -15.198 4.467   -0.753  1.00 28.89 ? 7   LYS A CE  1 
ATOM   35   N NZ  . LYS A 1 6  ? -15.182 5.947   -0.793  1.00 30.42 ? 7   LYS A NZ  1 
ATOM   36   N N   . GLY A 1 7  ? -9.764  0.072   -0.899  1.00 22.31 ? 8   GLY A N   1 
ATOM   37   C CA  . GLY A 1 7  ? -8.375  -0.288  -0.642  1.00 22.13 ? 8   GLY A CA  1 
ATOM   38   C C   . GLY A 1 7  ? -8.078  -1.768  -0.514  1.00 21.13 ? 8   GLY A C   1 
ATOM   39   O O   . GLY A 1 7  ? -6.900  -2.168  -0.524  1.00 18.55 ? 8   GLY A O   1 
ATOM   40   N N   . GLN A 1 8  ? -9.114  -2.603  -0.420  1.00 20.02 ? 9   GLN A N   1 
ATOM   41   C CA  . GLN A 1 8  ? -8.914  -4.019  -0.171  1.00 20.23 ? 9   GLN A CA  1 
ATOM   42   C C   . GLN A 1 8  ? -8.101  -4.763  -1.262  1.00 19.77 ? 9   GLN A C   1 
ATOM   43   O O   . GLN A 1 8  ? -7.177  -5.527  -0.972  1.00 19.63 ? 9   GLN A O   1 
ATOM   44   C CB  . GLN A 1 8  ? -10.279 -4.639  0.032   1.00 21.37 ? 9   GLN A CB  1 
ATOM   45   C CG  . GLN A 1 8  ? -10.297 -6.121  0.246   1.00 20.91 ? 9   GLN A CG  1 
ATOM   46   C CD  . GLN A 1 8  ? -11.712 -6.539  0.543   1.00 21.29 ? 9   GLN A CD  1 
ATOM   47   O OE1 . GLN A 1 8  ? -12.246 -6.211  1.611   1.00 23.44 ? 9   GLN A OE1 1 
ATOM   48   N NE2 . GLN A 1 8  ? -12.295 -7.294  -0.340  1.00 22.05 ? 9   GLN A NE2 1 
ATOM   49   N N   . LYS A 1 9  ? -8.410  -4.517  -2.536  1.00 19.28 ? 10  LYS A N   1 
ATOM   50   C CA  . LYS A 1 9  ? -7.689  -5.172  -3.605  1.00 19.28 ? 10  LYS A CA  1 
ATOM   51   C C   . LYS A 1 9  ? -6.178  -4.836  -3.558  1.00 18.05 ? 10  LYS A C   1 
ATOM   52   O O   . LYS A 1 9  ? -5.314  -5.705  -3.771  1.00 20.21 ? 10  LYS A O   1 
ATOM   53   C CB  . LYS A 1 9  ? -8.290  -4.729  -4.962  1.00 20.72 ? 10  LYS A CB  1 
ATOM   54   C CG  . LYS A 1 9  ? -7.787  -5.598  -6.092  1.00 20.20 ? 10  LYS A CG  1 
ATOM   55   C CD  . LYS A 1 9  ? -8.349  -5.185  -7.468  1.00 22.73 ? 10  LYS A CD  1 
ATOM   56   C CE  . LYS A 1 9  ? -7.727  -6.023  -8.560  1.00 23.49 ? 10  LYS A CE  1 
ATOM   57   N NZ  . LYS A 1 9  ? -8.083  -5.484  -9.932  1.00 25.55 ? 10  LYS A NZ  1 
ATOM   58   N N   . LEU A 1 10 ? -5.891  -3.579  -3.321  1.00 16.70 ? 11  LEU A N   1 
ATOM   59   C CA  . LEU A 1 10 ? -4.502  -3.115  -3.350  1.00 17.89 ? 11  LEU A CA  1 
ATOM   60   C C   . LEU A 1 10 ? -3.771  -3.658  -2.119  1.00 18.59 ? 11  LEU A C   1 
ATOM   61   O O   . LEU A 1 10 ? -2.668  -4.193  -2.242  1.00 17.93 ? 11  LEU A O   1 
ATOM   62   C CB  . LEU A 1 10 ? -4.465  -1.592  -3.352  1.00 17.21 ? 11  LEU A CB  1 
ATOM   63   C CG  . LEU A 1 10 ? -3.058  -0.964  -3.415  1.00 18.28 ? 11  LEU A CG  1 
ATOM   64   C CD1 . LEU A 1 10 ? -2.219  -1.501  -4.570  1.00 18.84 ? 11  LEU A CD1 1 
ATOM   65   C CD2 . LEU A 1 10 ? -3.237  0.535   -3.533  1.00 17.51 ? 11  LEU A CD2 1 
ATOM   66   N N   . PHE A 1 11 ? -4.393  -3.536  -0.940  1.00 19.19 ? 12  PHE A N   1 
ATOM   67   C CA  . PHE A 1 11 ? -3.782  -4.131  0.262   1.00 19.19 ? 12  PHE A CA  1 
ATOM   68   C C   . PHE A 1 11 ? -3.464  -5.613  0.119   1.00 19.89 ? 12  PHE A C   1 
ATOM   69   O O   . PHE A 1 11 ? -2.321  -6.045  0.404   1.00 18.85 ? 12  PHE A O   1 
ATOM   70   C CB  . PHE A 1 11 ? -4.727  -3.926  1.467   1.00 19.27 ? 12  PHE A CB  1 
ATOM   71   C CG  . PHE A 1 11 ? -4.225  -4.555  2.739   1.00 21.60 ? 12  PHE A CG  1 
ATOM   72   C CD1 . PHE A 1 11 ? -4.474  -5.901  3.002   1.00 23.46 ? 12  PHE A CD1 1 
ATOM   73   C CD2 . PHE A 1 11 ? -3.513  -3.814  3.637   1.00 23.82 ? 12  PHE A CD2 1 
ATOM   74   C CE1 . PHE A 1 11 ? -3.988  -6.514  4.157   1.00 26.79 ? 12  PHE A CE1 1 
ATOM   75   C CE2 . PHE A 1 11 ? -3.032  -4.415  4.813   1.00 27.14 ? 12  PHE A CE2 1 
ATOM   76   C CZ  . PHE A 1 11 ? -3.260  -5.762  5.054   1.00 27.42 ? 12  PHE A CZ  1 
ATOM   77   N N   . VAL A 1 12 ? -4.470  -6.404  -0.259  1.00 17.41 ? 13  VAL A N   1 
ATOM   78   C CA  . VAL A 1 12 ? -4.287  -7.820  -0.497  1.00 18.47 ? 13  VAL A CA  1 
ATOM   79   C C   . VAL A 1 12 ? -3.142  -8.050  -1.491  1.00 19.64 ? 13  VAL A C   1 
ATOM   80   O O   . VAL A 1 12 ? -2.322  -8.925  -1.275  1.00 19.25 ? 13  VAL A O   1 
ATOM   81   C CB  . VAL A 1 12 ? -5.587  -8.546  -0.917  1.00 19.57 ? 13  VAL A CB  1 
ATOM   82   C CG1 . VAL A 1 12 ? -5.327  -9.962  -1.420  1.00 21.65 ? 13  VAL A CG1 1 
ATOM   83   C CG2 . VAL A 1 12 ? -6.596  -8.504  0.256   1.00 20.09 ? 13  VAL A CG2 1 
ATOM   84   N N   . SER A 1 13 ? -3.087  -7.276  -2.584  1.00 19.17 ? 14  SER A N   1 
ATOM   85   C CA  . SER A 1 13 ? -2.064  -7.541  -3.584  1.00 19.72 ? 14  SER A CA  1 
ATOM   86   C C   . SER A 1 13 ? -0.655  -7.276  -3.053  1.00 17.81 ? 14  SER A C   1 
ATOM   87   O O   . SER A 1 13 ? 0.253   -8.057  -3.335  1.00 19.45 ? 14  SER A O   1 
ATOM   88   C CB  . SER A 1 13 ? -2.349  -6.753  -4.888  1.00 19.16 ? 14  SER A CB  1 
ATOM   89   O OG  . SER A 1 13 ? -2.095  -5.384  -4.723  1.00 20.72 ? 14  SER A OG  1 
ATOM   90   N N   . VAL A 1 14 ? -0.507  -6.226  -2.247  1.00 17.18 ? 15  VAL A N   1 
ATOM   91   C CA  . VAL A 1 14 ? 0.787   -5.947  -1.642  1.00 17.91 ? 15  VAL A CA  1 
ATOM   92   C C   . VAL A 1 14 ? 1.149   -6.980  -0.569  1.00 17.95 ? 15  VAL A C   1 
ATOM   93   O O   . VAL A 1 14 ? 2.273   -7.516  -0.538  1.00 17.92 ? 15  VAL A O   1 
ATOM   94   C CB  . VAL A 1 14 ? 0.867   -4.501  -1.125  1.00 18.35 ? 15  VAL A CB  1 
ATOM   95   C CG1 . VAL A 1 14 ? 2.222   -4.236  -0.433  1.00 18.62 ? 15  VAL A CG1 1 
ATOM   96   C CG2 . VAL A 1 14 ? 0.646   -3.519  -2.272  1.00 20.32 ? 15  VAL A CG2 1 
ATOM   97   N N   . LEU A 1 15 ? 0.174   -7.356  0.252   1.00 17.68 ? 16  LEU A N   1 
ATOM   98   C CA  . LEU A 1 15 ? 0.413   -8.344  1.280   1.00 18.56 ? 16  LEU A CA  1 
ATOM   99   C C   . LEU A 1 15 ? 0.893   -9.678  0.671   1.00 19.43 ? 16  LEU A C   1 
ATOM   100  O O   . LEU A 1 15 ? 1.878   -10.253 1.104   1.00 19.10 ? 16  LEU A O   1 
ATOM   101  C CB  . LEU A 1 15 ? -0.865  -8.558  2.106   1.00 19.52 ? 16  LEU A CB  1 
ATOM   102  C CG  . LEU A 1 15 ? -0.770  -9.607  3.213   1.00 20.82 ? 16  LEU A CG  1 
ATOM   103  C CD1 . LEU A 1 15 ? 0.263   -9.174  4.233   1.00 22.01 ? 16  LEU A CD1 1 
ATOM   104  C CD2 . LEU A 1 15 ? -2.126  -9.775  3.842   1.00 22.54 ? 16  LEU A CD2 1 
ATOM   105  N N   . GLN A 1 16 ? 0.206   -10.136 -0.380  1.00 19.24 ? 17  GLN A N   1 
ATOM   106  C CA  . GLN A 1 16 ? 0.513   -11.409 -1.022  1.00 20.32 ? 17  GLN A CA  1 
ATOM   107  C C   . GLN A 1 16 ? 1.900   -11.359 -1.628  1.00 18.42 ? 17  GLN A C   1 
ATOM   108  O O   . GLN A 1 16 ? 2.644   -12.336 -1.552  1.00 21.49 ? 17  GLN A O   1 
ATOM   109  C CB  . GLN A 1 16 ? -0.534  -11.736 -2.103  1.00 21.99 ? 17  GLN A CB  1 
ATOM   110  C CG  . GLN A 1 16 ? -1.823  -12.272 -1.497  1.00 25.56 ? 17  GLN A CG  1 
ATOM   111  C CD  . GLN A 1 16 ? -2.792  -12.794 -2.540  1.00 28.18 ? 17  GLN A CD  1 
ATOM   112  O OE1 . GLN A 1 16 ? -3.056  -12.120 -3.536  1.00 26.78 ? 17  GLN A OE1 1 
ATOM   113  N NE2 . GLN A 1 16 ? -3.351  -13.982 -2.307  1.00 31.24 ? 17  GLN A NE2 1 
ATOM   114  N N   . ARG A 1 17 ? 2.247   -10.212 -2.203  1.00 19.77 ? 18  ARG A N   1 
ATOM   115  C CA  . ARG A 1 17 ? 3.539   -10.060 -2.831  1.00 20.56 ? 18  ARG A CA  1 
ATOM   116  C C   . ARG A 1 17 ? 4.611   -10.214 -1.746  1.00 22.50 ? 18  ARG A C   1 
ATOM   117  O O   . ARG A 1 17 ? 5.579   -10.970 -1.907  1.00 23.04 ? 18  ARG A O   1 
ATOM   118  C CB  . ARG A 1 17 ? 3.644   -8.690  -3.486  1.00 22.60 ? 18  ARG A CB  1 
ATOM   119  C CG  . ARG A 1 17 ? 5.001   -8.490  -4.166  1.00 28.59 ? 18  ARG A CG  1 
ATOM   120  C CD  . ARG A 1 17 ? 5.074   -7.191  -4.970  1.00 31.58 ? 18  ARG A CD  1 
ATOM   121  N NE  . ARG A 1 17 ? 6.292   -7.229  -5.774  1.00 40.20 ? 18  ARG A NE  1 
ATOM   122  C CZ  . ARG A 1 17 ? 6.351   -7.684  -7.022  1.00 37.60 ? 18  ARG A CZ  1 
ATOM   123  N NH1 . ARG A 1 17 ? 5.255   -8.094  -7.648  1.00 39.82 ? 18  ARG A NH1 1 
ATOM   124  N NH2 . ARG A 1 17 ? 7.513   -7.708  -7.644  1.00 44.40 ? 18  ARG A NH2 1 
ATOM   125  N N   . LEU A 1 18 ? 4.416   -9.525  -0.628  1.00 20.72 ? 19  LEU A N   1 
ATOM   126  C CA  . LEU A 1 18 ? 5.441   -9.530  0.433   1.00 20.84 ? 19  LEU A CA  1 
ATOM   127  C C   . LEU A 1 18 ? 5.646   -10.883 1.081   1.00 21.27 ? 19  LEU A C   1 
ATOM   128  O O   . LEU A 1 18 ? 6.788   -11.309 1.286   1.00 23.14 ? 19  LEU A O   1 
ATOM   129  C CB  . LEU A 1 18 ? 5.168   -8.434  1.479   1.00 21.67 ? 19  LEU A CB  1 
ATOM   130  C CG  . LEU A 1 18 ? 5.167   -7.013  0.916   1.00 22.37 ? 19  LEU A CG  1 
ATOM   131  C CD1 . LEU A 1 18 ? 4.687   -6.040  1.991   1.00 23.31 ? 19  LEU A CD1 1 
ATOM   132  C CD2 . LEU A 1 18 ? 6.537   -6.633  0.351   1.00 24.69 ? 19  LEU A CD2 1 
ATOM   133  N N   . LEU A 1 19 ? 4.565   -11.579 1.361   1.00 20.23 ? 20  LEU A N   1 
ATOM   134  C CA  . LEU A 1 19 ? 4.645   -12.855 2.036   1.00 21.23 ? 20  LEU A CA  1 
ATOM   135  C C   . LEU A 1 19 ? 5.162   -13.933 1.129   1.00 23.63 ? 20  LEU A C   1 
ATOM   136  O O   . LEU A 1 19 ? 5.943   -14.800 1.588   1.00 23.53 ? 20  LEU A O   1 
ATOM   137  C CB  . LEU A 1 19 ? 3.279   -13.265 2.579   1.00 22.52 ? 20  LEU A CB  1 
ATOM   138  C CG  . LEU A 1 19 ? 2.737   -12.484 3.777   1.00 23.18 ? 20  LEU A CG  1 
ATOM   139  C CD1 . LEU A 1 19 ? 1.320   -12.957 4.096   1.00 26.41 ? 20  LEU A CD1 1 
ATOM   140  C CD2 . LEU A 1 19 ? 3.629   -12.703 4.988   1.00 25.57 ? 20  LEU A CD2 1 
ATOM   141  N N   . SER A 1 20 ? 4.770   -13.867 -0.154  1.00 24.02 ? 21  SER A N   1 
ATOM   142  C CA  . SER A 1 20 ? 5.145   -14.898 -1.128  1.00 25.67 ? 21  SER A CA  1 
ATOM   143  C C   . SER A 1 20 ? 6.636   -14.943 -1.333  1.00 27.77 ? 21  SER A C   1 
ATOM   144  O O   . SER A 1 20 ? 7.197   -16.018 -1.539  1.00 27.98 ? 21  SER A O   1 
ATOM   145  C CB  . SER A 1 20 ? 4.482   -14.636 -2.493  1.00 27.57 ? 21  SER A CB  1 
ATOM   146  O OG  . SER A 1 20 ? 3.119   -14.965 -2.442  1.00 33.03 ? 21  SER A OG  1 
ATOM   147  N N   . GLU A 1 21 ? 7.282   -13.787 -1.239  1.00 27.67 ? 22  GLU A N   1 
ATOM   148  C CA  . GLU A 1 21 ? 8.722   -13.717 -1.398  1.00 28.49 ? 22  GLU A CA  1 
ATOM   149  C C   . GLU A 1 21 ? 9.480   -14.419 -0.272  1.00 29.16 ? 22  GLU A C   1 
ATOM   150  O O   . GLU A 1 21 ? 10.669  -14.699 -0.435  1.00 28.63 ? 22  GLU A O   1 
ATOM   151  C CB  . GLU A 1 21 ? 9.168   -12.269 -1.525  1.00 32.10 ? 22  GLU A CB  1 
ATOM   152  C CG  . GLU A 1 21 ? 8.731   -11.675 -2.859  1.00 35.98 ? 22  GLU A CG  1 
ATOM   153  C CD  . GLU A 1 21 ? 8.838   -10.163 -2.910  1.00 40.42 ? 22  GLU A CD  1 
ATOM   154  O OE1 . GLU A 1 21 ? 8.817   -9.631  -4.045  1.00 43.43 ? 22  GLU A OE1 1 
ATOM   155  O OE2 . GLU A 1 21 ? 8.928   -9.513  -1.840  1.00 43.12 ? 22  GLU A OE2 1 
ATOM   156  N N   . ARG A 1 22 ? 8.796   -14.695 0.843   1.00 27.51 ? 23  ARG A N   1 
ATOM   157  C CA  A ARG A 1 22 ? 9.381   -15.424 1.982   0.50 28.27 ? 23  ARG A CA  1 
ATOM   158  C CA  B ARG A 1 22 ? 9.403   -15.431 1.965   0.50 28.52 ? 23  ARG A CA  1 
ATOM   159  C C   . ARG A 1 22 ? 8.903   -16.878 1.993   1.00 27.11 ? 23  ARG A C   1 
ATOM   160  O O   . ARG A 1 22 ? 9.144   -17.603 2.967   1.00 28.70 ? 23  ARG A O   1 
ATOM   161  C CB  A ARG A 1 22 ? 8.988   -14.757 3.315   0.50 29.39 ? 23  ARG A CB  1 
ATOM   162  C CB  B ARG A 1 22 ? 9.091   -14.750 3.312   0.50 30.15 ? 23  ARG A CB  1 
ATOM   163  C CG  A ARG A 1 22 ? 9.697   -13.445 3.635   0.50 32.79 ? 23  ARG A CG  1 
ATOM   164  C CG  B ARG A 1 22 ? 9.546   -13.299 3.446   0.50 34.24 ? 23  ARG A CG  1 
ATOM   165  C CD  A ARG A 1 22 ? 11.112  -13.707 4.130   0.50 33.26 ? 23  ARG A CD  1 
ATOM   166  C CD  B ARG A 1 22 ? 10.996  -13.114 3.004   0.50 35.63 ? 23  ARG A CD  1 
ATOM   167  N NE  A ARG A 1 22 ? 11.828  -12.489 4.522   0.50 35.18 ? 23  ARG A NE  1 
ATOM   168  N NE  B ARG A 1 22 ? 11.742  -12.236 3.906   0.50 38.77 ? 23  ARG A NE  1 
ATOM   169  C CZ  A ARG A 1 22 ? 11.860  -11.990 5.755   0.50 33.18 ? 23  ARG A CZ  1 
ATOM   170  C CZ  B ARG A 1 22 ? 11.845  -10.917 3.771   0.50 37.82 ? 23  ARG A CZ  1 
ATOM   171  N NH1 A ARG A 1 22 ? 11.198  -12.587 6.742   0.50 31.46 ? 23  ARG A NH1 1 
ATOM   172  N NH1 B ARG A 1 22 ? 11.241  -10.297 2.764   0.50 36.02 ? 23  ARG A NH1 1 
ATOM   173  N NH2 A ARG A 1 22 ? 12.559  -10.888 6.004   0.50 32.48 ? 23  ARG A NH2 1 
ATOM   174  N NH2 B ARG A 1 22 ? 12.557  -10.219 4.649   0.50 37.91 ? 23  ARG A NH2 1 
ATOM   175  N N   . GLY A 1 23 ? 8.185   -17.279 0.941   1.00 25.52 ? 24  GLY A N   1 
ATOM   176  C CA  . GLY A 1 23 ? 7.649   -18.640 0.773   1.00 25.43 ? 24  GLY A CA  1 
ATOM   177  C C   . GLY A 1 23 ? 6.379   -18.923 1.540   1.00 25.71 ? 24  GLY A C   1 
ATOM   178  O O   . GLY A 1 23 ? 6.022   -20.080 1.788   1.00 25.75 ? 24  GLY A O   1 
ATOM   179  N N   . LEU A 1 24 ? 5.695   -17.861 1.975   1.00 24.34 ? 25  LEU A N   1 
ATOM   180  C CA  . LEU A 1 24 ? 4.468   -18.039 2.713   1.00 24.87 ? 25  LEU A CA  1 
ATOM   181  C C   . LEU A 1 24 ? 3.314   -17.483 1.875   1.00 25.16 ? 25  LEU A C   1 
ATOM   182  O O   . LEU A 1 24 ? 3.385   -16.381 1.334   1.00 27.62 ? 25  LEU A O   1 
ATOM   183  C CB  . LEU A 1 24 ? 4.556   -17.375 4.095   1.00 25.53 ? 25  LEU A CB  1 
ATOM   184  C CG  . LEU A 1 24 ? 5.571   -17.932 5.133   1.00 25.99 ? 25  LEU A CG  1 
ATOM   185  C CD1 . LEU A 1 24 ? 5.455   -17.062 6.370   1.00 27.19 ? 25  LEU A CD1 1 
ATOM   186  C CD2 . LEU A 1 24 ? 5.356   -19.384 5.527   1.00 27.41 ? 25  LEU A CD2 1 
ATOM   187  N N   . HIS A 1 25 ? 2.314   -18.323 1.681   1.00 22.32 ? 26  HIS A N   1 
ATOM   188  C CA  . HIS A 1 25 ? 1.176   -17.969 0.851   1.00 22.30 ? 26  HIS A CA  1 
ATOM   189  C C   . HIS A 1 25 ? -0.051  -17.907 1.673   1.00 21.37 ? 26  HIS A C   1 
ATOM   190  O O   . HIS A 1 25 ? -0.264  -18.706 2.587   1.00 20.47 ? 26  HIS A O   1 
ATOM   191  C CB  . HIS A 1 25 ? 1.058   -18.965 -0.301  1.00 22.63 ? 26  HIS A CB  1 
ATOM   192  C CG  . HIS A 1 25 ? 2.285   -19.011 -1.143  1.00 22.14 ? 26  HIS A CG  1 
ATOM   193  N ND1 . HIS A 1 25 ? 3.247   -19.929 -0.952  1.00 23.44 ? 26  HIS A ND1 1 
ATOM   194  C CD2 . HIS A 1 25 ? 2.746   -18.159 -2.141  1.00 21.05 ? 26  HIS A CD2 1 
ATOM   195  C CE1 . HIS A 1 25 ? 4.260   -19.696 -1.813  1.00 21.15 ? 26  HIS A CE1 1 
ATOM   196  N NE2 . HIS A 1 25 ? 3.957   -18.611 -2.530  1.00 24.03 ? 26  HIS A NE2 1 
ATOM   197  N N   . VAL A 1 26 ? -0.867  -16.893 1.365   1.00 21.25 ? 27  VAL A N   1 
ATOM   198  C CA  . VAL A 1 26 ? -2.117  -16.701 2.048   1.00 22.46 ? 27  VAL A CA  1 
ATOM   199  C C   . VAL A 1 26 ? -3.219  -16.740 0.994   1.00 21.17 ? 27  VAL A C   1 
ATOM   200  O O   . VAL A 1 26 ? -3.057  -16.145 -0.086  1.00 23.47 ? 27  VAL A O   1 
ATOM   201  C CB  . VAL A 1 26 ? -2.104  -15.344 2.779   1.00 23.50 ? 27  VAL A CB  1 
ATOM   202  C CG1 . VAL A 1 26 ? -3.472  -14.981 3.337   1.00 26.15 ? 27  VAL A CG1 1 
ATOM   203  C CG2 . VAL A 1 26 ? -1.086  -15.379 3.907   1.00 24.78 ? 27  VAL A CG2 1 
ATOM   204  N N   . LYS A 1 27 ? -4.265  -17.497 1.288   1.00 19.27 ? 28  LYS A N   1 
ATOM   205  C CA  . LYS A 1 27 ? -5.507  -17.436 0.480   1.00 19.35 ? 28  LYS A CA  1 
ATOM   206  C C   . LYS A 1 27 ? -6.005  -15.999 0.354   1.00 19.90 ? 28  LYS A C   1 
ATOM   207  O O   . LYS A 1 27 ? -6.018  -15.218 1.296   1.00 19.40 ? 28  LYS A O   1 
ATOM   208  C CB  . LYS A 1 27 ? -6.622  -18.294 1.072   1.00 17.96 ? 28  LYS A CB  1 
ATOM   209  C CG  . LYS A 1 27 ? -6.313  -19.800 1.191   1.00 18.66 ? 28  LYS A CG  1 
ATOM   210  C CD  . LYS A 1 27 ? -7.490  -20.567 1.733   1.00 20.40 ? 28  LYS A CD  1 
ATOM   211  C CE  . LYS A 1 27 ? -7.105  -22.060 1.822   1.00 24.13 ? 28  LYS A CE  1 
ATOM   212  N NZ  . LYS A 1 27 ? -8.248  -22.920 2.227   1.00 27.85 ? 28  LYS A NZ  1 
ATOM   213  N N   . GLU A 1 28 ? -6.495  -15.656 -0.831  1.00 19.56 ? 29  GLU A N   1 
ATOM   214  C CA  . GLU A 1 28 ? -7.117  -14.347 -0.970  1.00 17.85 ? 29  GLU A CA  1 
ATOM   215  C C   . GLU A 1 28 ? -8.211  -14.110 0.076   1.00 17.89 ? 29  GLU A C   1 
ATOM   216  O O   . GLU A 1 28 ? -8.243  -13.052 0.671   1.00 17.46 ? 29  GLU A O   1 
ATOM   217  C CB  . GLU A 1 28 ? -7.635  -14.131 -2.415  1.00 19.10 ? 29  GLU A CB  1 
ATOM   218  C CG  . GLU A 1 28 ? -8.106  -12.691 -2.634  1.00 22.07 ? 29  GLU A CG  1 
ATOM   219  C CD  . GLU A 1 28 ? -8.826  -12.423 -3.958  1.00 25.76 ? 29  GLU A CD  1 
ATOM   220  O OE1 . GLU A 1 28 ? -9.276  -13.380 -4.639  1.00 26.50 ? 29  GLU A OE1 1 
ATOM   221  O OE2 . GLU A 1 28 ? -9.015  -11.218 -4.263  1.00 28.03 ? 29  GLU A OE2 1 
ATOM   222  N N   . SER A 1 29 ? -9.099  -15.080 0.326   1.00 18.67 ? 30  SER A N   1 
ATOM   223  C CA  . SER A 1 29 ? -10.185 -14.889 1.313   1.00 20.63 ? 30  SER A CA  1 
ATOM   224  C C   . SER A 1 29 ? -9.623  -14.596 2.718   1.00 19.35 ? 30  SER A C   1 
ATOM   225  O O   . SER A 1 29 ? -10.116 -13.734 3.462   1.00 21.27 ? 30  SER A O   1 
ATOM   226  C CB  . SER A 1 29 ? -11.083 -16.138 1.353   1.00 22.30 ? 30  SER A CB  1 
ATOM   227  O OG  . SER A 1 29 ? -10.263 -17.302 1.472   1.00 25.80 ? 30  SER A OG  1 
ATOM   228  N N   . SER A 1 30 ? -8.505  -15.247 3.042   1.00 19.03 ? 31  SER A N   1 
ATOM   229  C CA  . SER A 1 30 ? -7.890  -15.008 4.363   1.00 18.60 ? 31  SER A CA  1 
ATOM   230  C C   . SER A 1 30 ? -7.249  -13.637 4.418   1.00 16.60 ? 31  SER A C   1 
ATOM   231  O O   . SER A 1 30 ? -7.253  -12.979 5.474   1.00 17.51 ? 31  SER A O   1 
ATOM   232  C CB  . SER A 1 30 ? -6.817  -16.044 4.693   1.00 20.63 ? 31  SER A CB  1 
ATOM   233  O OG  . SER A 1 30 ? -7.431  -17.316 4.700   1.00 24.24 ? 31  SER A OG  1 
ATOM   234  N N   . ALA A 1 31 ? -6.650  -13.206 3.296   1.00 16.14 ? 32  ALA A N   1 
ATOM   235  C CA  . ALA A 1 31 ? -6.041  -11.904 3.261   1.00 16.76 ? 32  ALA A CA  1 
ATOM   236  C C   . ALA A 1 31 ? -7.095  -10.799 3.352   1.00 16.26 ? 32  ALA A C   1 
ATOM   237  O O   . ALA A 1 31 ? -6.858  -9.778  3.985   1.00 16.49 ? 32  ALA A O   1 
ATOM   238  C CB  . ALA A 1 31 ? -5.179  -11.716 1.995   1.00 16.04 ? 32  ALA A CB  1 
ATOM   239  N N   . ILE A 1 32 ? -8.267  -11.030 2.744   1.00 16.86 ? 33  ILE A N   1 
ATOM   240  C CA  . ILE A 1 32 ? -9.381  -10.058 2.867   1.00 16.48 ? 33  ILE A CA  1 
ATOM   241  C C   . ILE A 1 32 ? -9.855  -9.931  4.321   1.00 16.45 ? 33  ILE A C   1 
ATOM   242  O O   . ILE A 1 32 ? -9.997  -8.817  4.864   1.00 15.58 ? 33  ILE A O   1 
ATOM   243  C CB  . ILE A 1 32 ? -10.505 -10.444 1.904   1.00 17.62 ? 33  ILE A CB  1 
ATOM   244  C CG1 . ILE A 1 32 ? -10.040 -10.187 0.473   1.00 18.44 ? 33  ILE A CG1 1 
ATOM   245  C CG2 . ILE A 1 32 ? -11.739 -9.598  2.211   1.00 18.69 ? 33  ILE A CG2 1 
ATOM   246  C CD1 . ILE A 1 32 ? -10.923 -10.761 -0.624  1.00 20.47 ? 33  ILE A CD1 1 
ATOM   247  N N   . GLU A 1 33 ? -10.032 -11.069 4.960   1.00 16.43 ? 34  GLU A N   1 
ATOM   248  C CA  . GLU A 1 33 ? -10.453 -11.064 6.358   1.00 17.83 ? 34  GLU A CA  1 
ATOM   249  C C   . GLU A 1 33 ? -9.413  -10.344 7.221   1.00 17.28 ? 34  GLU A C   1 
ATOM   250  O O   . GLU A 1 33 ? -9.735  -9.586  8.145   1.00 18.94 ? 34  GLU A O   1 
ATOM   251  C CB  . GLU A 1 33 ? -10.673 -12.492 6.821   1.00 19.03 ? 34  GLU A CB  1 
ATOM   252  C CG  . GLU A 1 33 ? -11.290 -12.589 8.219   1.00 22.94 ? 34  GLU A CG  1 
ATOM   253  C CD  . GLU A 1 33 ? -11.572 -14.019 8.646   1.00 25.42 ? 34  GLU A CD  1 
ATOM   254  O OE1 . GLU A 1 33 ? -10.928 -14.961 8.126   1.00 26.90 ? 34  GLU A OE1 1 
ATOM   255  O OE2 . GLU A 1 33 ? -12.475 -14.197 9.495   1.00 28.89 ? 34  GLU A OE2 1 
ATOM   256  N N   . PHE A 1 34 ? -8.134  -10.578 6.938   1.00 16.35 ? 35  PHE A N   1 
ATOM   257  C CA  . PHE A 1 34 ? -7.095  -9.846  7.657   1.00 16.19 ? 35  PHE A CA  1 
ATOM   258  C C   . PHE A 1 34 ? -7.199  -8.316  7.459   1.00 16.14 ? 35  PHE A C   1 
ATOM   259  O O   . PHE A 1 34 ? -7.134  -7.515  8.406   1.00 16.06 ? 35  PHE A O   1 
ATOM   260  C CB  . PHE A 1 34 ? -5.693  -10.352 7.246   1.00 16.18 ? 35  PHE A CB  1 
ATOM   261  C CG  . PHE A 1 34 ? -4.569  -9.653  7.946   1.00 16.71 ? 35  PHE A CG  1 
ATOM   262  C CD1 . PHE A 1 34 ? -4.224  -9.961  9.271   1.00 17.32 ? 35  PHE A CD1 1 
ATOM   263  C CD2 . PHE A 1 34 ? -3.872  -8.627  7.308   1.00 17.27 ? 35  PHE A CD2 1 
ATOM   264  C CE1 . PHE A 1 34 ? -3.187  -9.279  9.893   1.00 18.48 ? 35  PHE A CE1 1 
ATOM   265  C CE2 . PHE A 1 34 ? -2.834  -7.952  7.948   1.00 19.19 ? 35  PHE A CE2 1 
ATOM   266  C CZ  . PHE A 1 34 ? -2.486  -8.298  9.233   1.00 17.82 ? 35  PHE A CZ  1 
ATOM   267  N N   . TYR A 1 35 ? -7.347  -7.885  6.210   1.00 15.98 ? 36  TYR A N   1 
ATOM   268  C CA  . TYR A 1 35 ? -7.546  -6.484  5.928   1.00 16.09 ? 36  TYR A CA  1 
ATOM   269  C C   . TYR A 1 35 ? -8.717  -5.880  6.696   1.00 15.45 ? 36  TYR A C   1 
ATOM   270  O O   . TYR A 1 35 ? -8.567  -4.834  7.342   1.00 14.75 ? 36  TYR A O   1 
ATOM   271  C CB  . TYR A 1 35 ? -7.788  -6.239  4.421   1.00 15.79 ? 36  TYR A CB  1 
ATOM   272  C CG  . TYR A 1 35 ? -7.955  -4.783  4.055   1.00 17.38 ? 36  TYR A CG  1 
ATOM   273  C CD1 . TYR A 1 35 ? -6.927  -3.888  4.264   1.00 16.29 ? 36  TYR A CD1 1 
ATOM   274  C CD2 . TYR A 1 35 ? -9.147  -4.306  3.475   1.00 18.44 ? 36  TYR A CD2 1 
ATOM   275  C CE1 . TYR A 1 35 ? -7.021  -2.547  3.941   1.00 17.41 ? 36  TYR A CE1 1 
ATOM   276  C CE2 . TYR A 1 35 ? -9.257  -2.963  3.111   1.00 18.55 ? 36  TYR A CE2 1 
ATOM   277  C CZ  . TYR A 1 35 ? -8.196  -2.089  3.347   1.00 18.30 ? 36  TYR A CZ  1 
ATOM   278  O OH  . TYR A 1 35 ? -8.242  -0.755  3.020   1.00 19.90 ? 36  TYR A OH  1 
ATOM   279  N N   . GLN A 1 36 ? -9.859  -6.561  6.615   1.00 16.71 ? 37  GLN A N   1 
ATOM   280  C CA  . GLN A 1 36 ? -11.045 -6.058  7.311   1.00 19.36 ? 37  GLN A CA  1 
ATOM   281  C C   . GLN A 1 36 ? -10.775 -5.946  8.825   1.00 18.20 ? 37  GLN A C   1 
ATOM   282  O O   . GLN A 1 36 ? -11.162 -4.942  9.440   1.00 20.46 ? 37  GLN A O   1 
ATOM   283  C CB  . GLN A 1 36 ? -12.288 -6.890  6.987   1.00 20.96 ? 37  GLN A CB  1 
ATOM   284  C CG  . GLN A 1 36 ? -12.799 -6.744  5.542   1.00 22.59 ? 37  GLN A CG  1 
ATOM   285  C CD  . GLN A 1 36 ? -13.217 -5.320  5.207   1.00 27.54 ? 37  GLN A CD  1 
ATOM   286  O OE1 . GLN A 1 36 ? -13.760 -4.590  6.061   1.00 30.15 ? 37  GLN A OE1 1 
ATOM   287  N NE2 . GLN A 1 36 ? -12.953 -4.902  3.970   1.00 28.18 ? 37  GLN A NE2 1 
ATOM   288  N N   . PHE A 1 37 ? -10.022 -6.893  9.396   1.00 17.46 ? 38  PHE A N   1 
ATOM   289  C CA  . PHE A 1 37 ? -9.681  -6.844  10.822  1.00 17.89 ? 38  PHE A CA  1 
ATOM   290  C C   . PHE A 1 37 ? -8.746  -5.675  11.141  1.00 16.95 ? 38  PHE A C   1 
ATOM   291  O O   . PHE A 1 37 ? -8.960  -4.888  12.058  1.00 16.53 ? 38  PHE A O   1 
ATOM   292  C CB  . PHE A 1 37 ? -9.110  -8.189  11.278  1.00 18.92 ? 38  PHE A CB  1 
ATOM   293  C CG  . PHE A 1 37 ? -8.735  -8.223  12.736  1.00 19.39 ? 38  PHE A CG  1 
ATOM   294  C CD1 . PHE A 1 37 ? -9.699  -8.082  13.739  1.00 21.10 ? 38  PHE A CD1 1 
ATOM   295  C CD2 . PHE A 1 37 ? -7.409  -8.374  13.094  1.00 19.24 ? 38  PHE A CD2 1 
ATOM   296  C CE1 . PHE A 1 37 ? -9.303  -8.096  15.096  1.00 20.62 ? 38  PHE A CE1 1 
ATOM   297  C CE2 . PHE A 1 37 ? -7.008  -8.386  14.431  1.00 20.53 ? 38  PHE A CE2 1 
ATOM   298  C CZ  . PHE A 1 37 ? -7.955  -8.255  15.433  1.00 21.43 ? 38  PHE A CZ  1 
ATOM   299  N N   . LEU A 1 38 ? -7.719  -5.507  10.308  1.00 16.86 ? 39  LEU A N   1 
ATOM   300  C CA  . LEU A 1 38 ? -6.796  -4.418  10.473  1.00 17.37 ? 39  LEU A CA  1 
ATOM   301  C C   . LEU A 1 38 ? -7.465  -3.041  10.445  1.00 18.33 ? 39  LEU A C   1 
ATOM   302  O O   . LEU A 1 38 ? -7.117  -2.174  11.235  1.00 17.65 ? 39  LEU A O   1 
ATOM   303  C CB  . LEU A 1 38 ? -5.682  -4.493  9.394   1.00 19.23 ? 39  LEU A CB  1 
ATOM   304  C CG  . LEU A 1 38 ? -4.486  -3.561  9.640   1.00 21.51 ? 39  LEU A CG  1 
ATOM   305  C CD1 . LEU A 1 38 ? -3.192  -4.173  9.060   1.00 25.52 ? 39  LEU A CD1 1 
ATOM   306  C CD2 . LEU A 1 38 ? -4.749  -2.190  9.028   1.00 23.00 ? 39  LEU A CD2 1 
ATOM   307  N N   . ILE A 1 39 ? -8.385  -2.834  9.500   1.00 18.18 ? 40  ILE A N   1 
ATOM   308  C CA  . ILE A 1 39 ? -8.971  -1.491  9.362   1.00 20.21 ? 40  ILE A CA  1 
ATOM   309  C C   . ILE A 1 39 ? -9.984  -1.263  10.470  1.00 22.42 ? 40  ILE A C   1 
ATOM   310  O O   . ILE A 1 39 ? -10.281 -0.108  10.805  1.00 23.73 ? 40  ILE A O   1 
ATOM   311  C CB  . ILE A 1 39 ? -9.592  -1.219  7.960   1.00 21.64 ? 40  ILE A CB  1 
ATOM   312  C CG1 . ILE A 1 39 ? -10.825 -2.071  7.699   1.00 24.06 ? 40  ILE A CG1 1 
ATOM   313  C CG2 . ILE A 1 39 ? -8.516  -1.306  6.881   1.00 23.39 ? 40  ILE A CG2 1 
ATOM   314  C CD1 . ILE A 1 39 ? -11.386 -1.951  6.288   1.00 27.13 ? 40  ILE A CD1 1 
ATOM   315  N N   . LYS A 1 40 ? -10.487 -2.362  11.039  1.00 20.58 ? 41  LYS A N   1 
ATOM   316  C CA  . LYS A 1 40 ? -11.375 -2.282  12.211  1.00 22.45 ? 41  LYS A CA  1 
ATOM   317  C C   . LYS A 1 40 ? -10.641 -1.797  13.456  1.00 23.07 ? 41  LYS A C   1 
ATOM   318  O O   . LYS A 1 40 ? -11.126 -0.896  14.155  1.00 25.22 ? 41  LYS A O   1 
ATOM   319  C CB  . LYS A 1 40 ? -12.096 -3.605  12.460  1.00 23.92 ? 41  LYS A CB  1 
ATOM   320  C CG  . LYS A 1 40 ? -13.108 -3.519  13.605  1.00 26.25 ? 41  LYS A CG  1 
ATOM   321  C CD  . LYS A 1 40 ? -13.947 -4.776  13.748  1.00 28.58 ? 41  LYS A CD  1 
ATOM   322  C CE  . LYS A 1 40 ? -13.134 -5.945  14.279  1.00 32.11 ? 41  LYS A CE  1 
ATOM   323  N NZ  . LYS A 1 40 ? -13.783 -7.283  14.100  1.00 32.60 ? 41  LYS A NZ  1 
ATOM   324  N N   . VAL A 1 41 ? -9.467  -2.372  13.719  1.00 21.32 ? 42  VAL A N   1 
ATOM   325  C CA  . VAL A 1 41 ? -8.662  -2.028  14.893  1.00 20.25 ? 42  VAL A CA  1 
ATOM   326  C C   . VAL A 1 41 ? -7.787  -0.775  14.733  1.00 22.01 ? 42  VAL A C   1 
ATOM   327  O O   . VAL A 1 41 ? -7.586  -0.018  15.669  1.00 21.90 ? 42  VAL A O   1 
ATOM   328  C CB  . VAL A 1 41 ? -7.821  -3.230  15.435  1.00 23.51 ? 42  VAL A CB  1 
ATOM   329  C CG1 . VAL A 1 41 ? -8.648  -4.513  15.568  1.00 22.94 ? 42  VAL A CG1 1 
ATOM   330  C CG2 . VAL A 1 41 ? -6.610  -3.498  14.577  1.00 24.96 ? 42  VAL A CG2 1 
ATOM   331  N N   . SER A 1 42 ? -7.298  -0.550  13.510  1.00 20.78 ? 43  SER A N   1 
ATOM   332  C CA  . SER A 1 42 ? -6.294  0.455   13.223  1.00 20.26 ? 43  SER A CA  1 
ATOM   333  C C   . SER A 1 42 ? -6.664  1.242   11.966  1.00 20.42 ? 43  SER A C   1 
ATOM   334  O O   . SER A 1 42 ? -5.922  1.234   10.979  1.00 20.14 ? 43  SER A O   1 
ATOM   335  C CB  . SER A 1 42 ? -4.935  -0.245  12.999  1.00 19.25 ? 43  SER A CB  1 
ATOM   336  O OG  . SER A 1 42 ? -4.514  -0.888  14.196  1.00 18.26 ? 43  SER A OG  1 
ATOM   337  N N   . PRO A 1 43 ? -7.810  1.959   11.991  1.00 20.55 ? 44  PRO A N   1 
ATOM   338  C CA  . PRO A 1 43 ? -8.211  2.639   10.770  1.00 21.92 ? 44  PRO A CA  1 
ATOM   339  C C   . PRO A 1 43 ? -7.272  3.779   10.369  1.00 22.72 ? 44  PRO A C   1 
ATOM   340  O O   . PRO A 1 43 ? -7.218  4.117   9.175   1.00 24.82 ? 44  PRO A O   1 
ATOM   341  C CB  . PRO A 1 43 ? -9.628  3.153   11.090  1.00 22.25 ? 44  PRO A CB  1 
ATOM   342  C CG  . PRO A 1 43 ? -9.696  3.214   12.570  1.00 22.95 ? 44  PRO A CG  1 
ATOM   343  C CD  . PRO A 1 43 ? -8.796  2.112   13.081  1.00 22.72 ? 44  PRO A CD  1 
ATOM   344  N N   . TRP A 1 44 ? -6.495  4.303   11.320  1.00 22.16 ? 45  TRP A N   1 
ATOM   345  C CA  . TRP A 1 44 ? -5.480  5.284   11.030  1.00 20.26 ? 45  TRP A CA  1 
ATOM   346  C C   . TRP A 1 44 ? -4.396  4.749   10.101  1.00 20.43 ? 45  TRP A C   1 
ATOM   347  O O   . TRP A 1 44 ? -3.640  5.539   9.506   1.00 20.45 ? 45  TRP A O   1 
ATOM   348  C CB  . TRP A 1 44 ? -4.847  5.814   12.318  1.00 19.56 ? 45  TRP A CB  1 
ATOM   349  C CG  . TRP A 1 44 ? -4.182  4.678   13.047  1.00 18.29 ? 45  TRP A CG  1 
ATOM   350  C CD1 . TRP A 1 44 ? -4.768  3.813   13.978  1.00 19.85 ? 45  TRP A CD1 1 
ATOM   351  C CD2 . TRP A 1 44 ? -2.816  4.207   12.879  1.00 18.29 ? 45  TRP A CD2 1 
ATOM   352  N NE1 . TRP A 1 44 ? -3.878  2.856   14.379  1.00 18.95 ? 45  TRP A NE1 1 
ATOM   353  C CE2 . TRP A 1 44 ? -2.684  3.019   13.743  1.00 19.64 ? 45  TRP A CE2 1 
ATOM   354  C CE3 . TRP A 1 44 ? -1.729  4.611   12.111  1.00 18.68 ? 45  TRP A CE3 1 
ATOM   355  C CZ2 . TRP A 1 44 ? -1.498  2.328   13.851  1.00 19.54 ? 45  TRP A CZ2 1 
ATOM   356  C CZ3 . TRP A 1 44 ? -0.538  3.885   12.221  1.00 18.89 ? 45  TRP A CZ3 1 
ATOM   357  C CH2 . TRP A 1 44 ? -0.435  2.768   13.060  1.00 18.35 ? 45  TRP A CH2 1 
ATOM   358  N N   . PHE A 1 45 ? -4.263  3.416   9.997   1.00 18.36 ? 46  PHE A N   1 
ATOM   359  C CA  . PHE A 1 45 ? -3.057  2.862   9.343   1.00 18.49 ? 46  PHE A CA  1 
ATOM   360  C C   . PHE A 1 45 ? -2.976  3.201   7.838   1.00 19.00 ? 46  PHE A C   1 
ATOM   361  O O   . PHE A 1 45 ? -1.936  3.721   7.402   1.00 20.08 ? 46  PHE A O   1 
ATOM   362  C CB  . PHE A 1 45 ? -2.814  1.363   9.643   1.00 17.53 ? 46  PHE A CB  1 
ATOM   363  C CG  . PHE A 1 45 ? -1.566  0.829   8.976   1.00 18.25 ? 46  PHE A CG  1 
ATOM   364  C CD1 . PHE A 1 45 ? -0.318  1.034   9.557   1.00 18.72 ? 46  PHE A CD1 1 
ATOM   365  C CD2 . PHE A 1 45 ? -1.665  0.150   7.758   1.00 17.12 ? 46  PHE A CD2 1 
ATOM   366  C CE1 . PHE A 1 45 ? 0.823   0.564   8.926   1.00 19.03 ? 46  PHE A CE1 1 
ATOM   367  C CE2 . PHE A 1 45 ? -0.516  -0.324  7.124   1.00 18.11 ? 46  PHE A CE2 1 
ATOM   368  C CZ  . PHE A 1 45 ? 0.724   -0.104  7.706   1.00 17.92 ? 46  PHE A CZ  1 
ATOM   369  N N   . PRO A 1 46 ? -4.047  2.942   7.048   1.00 20.81 ? 47  PRO A N   1 
ATOM   370  C CA  . PRO A 1 46 ? -3.894  3.336   5.622   1.00 21.21 ? 47  PRO A CA  1 
ATOM   371  C C   . PRO A 1 46 ? -3.740  4.845   5.460   1.00 24.73 ? 47  PRO A C   1 
ATOM   372  O O   . PRO A 1 46 ? -2.943  5.325   4.638   1.00 23.86 ? 47  PRO A O   1 
ATOM   373  C CB  . PRO A 1 46 ? -5.195  2.834   4.982   1.00 21.91 ? 47  PRO A CB  1 
ATOM   374  C CG  . PRO A 1 46 ? -5.543  1.635   5.802   1.00 22.24 ? 47  PRO A CG  1 
ATOM   375  C CD  . PRO A 1 46 ? -5.207  2.049   7.224   1.00 20.06 ? 47  PRO A CD  1 
ATOM   376  N N   . GLU A 1 47 ? -4.439  5.587   6.302   1.00 23.72 ? 48  GLU A N   1 
ATOM   377  C CA  . GLU A 1 47 ? -4.526  7.024   6.197   1.00 25.69 ? 48  GLU A CA  1 
ATOM   378  C C   . GLU A 1 47 ? -3.261  7.774   6.620   1.00 23.21 ? 48  GLU A C   1 
ATOM   379  O O   . GLU A 1 47 ? -2.832  8.712   5.925   1.00 24.58 ? 48  GLU A O   1 
ATOM   380  C CB  . GLU A 1 47 ? -5.705  7.469   7.071   1.00 27.57 ? 48  GLU A CB  1 
ATOM   381  C CG  . GLU A 1 47 ? -6.194  8.879   6.810   1.00 32.85 ? 48  GLU A CG  1 
ATOM   382  C CD  . GLU A 1 47 ? -7.507  9.159   7.518   1.00 34.51 ? 48  GLU A CD  1 
ATOM   383  O OE1 . GLU A 1 47 ? -8.440  8.331   7.448   1.00 34.81 ? 48  GLU A OE1 1 
ATOM   384  O OE2 . GLU A 1 47 ? -7.596  10.216  8.153   1.00 39.43 ? 48  GLU A OE2 1 
ATOM   385  N N   . GLU A 1 48 ? -2.694  7.392   7.770   1.00 23.33 ? 49  GLU A N   1 
ATOM   386  C CA  . GLU A 1 48 ? -1.586  8.137   8.374   1.00 22.31 ? 49  GLU A CA  1 
ATOM   387  C C   . GLU A 1 48 ? -0.345  7.289   8.592   1.00 20.81 ? 49  GLU A C   1 
ATOM   388  O O   . GLU A 1 48 ? 0.718   7.817   8.953   1.00 19.85 ? 49  GLU A O   1 
ATOM   389  C CB  . GLU A 1 48 ? -1.972  8.648   9.768   1.00 27.88 ? 49  GLU A CB  1 
ATOM   390  C CG  . GLU A 1 48 ? -3.161  9.580   9.894   1.00 34.71 ? 49  GLU A CG  1 
ATOM   391  C CD  . GLU A 1 48 ? -3.688  9.600   11.330  1.00 35.03 ? 49  GLU A CD  1 
ATOM   392  O OE1 . GLU A 1 48 ? -2.873  9.484   12.285  1.00 36.92 ? 49  GLU A OE1 1 
ATOM   393  O OE2 . GLU A 1 48 ? -4.920  9.690   11.511  1.00 42.11 ? 49  GLU A OE2 1 
ATOM   394  N N   . GLY A 1 49 ? -0.500  5.973   8.486   1.00 18.15 ? 50  GLY A N   1 
ATOM   395  C CA  . GLY A 1 49 ? 0.617   5.060   8.795   1.00 18.14 ? 50  GLY A CA  1 
ATOM   396  C C   . GLY A 1 49 ? 1.627   4.836   7.671   1.00 17.98 ? 50  GLY A C   1 
ATOM   397  O O   . GLY A 1 49 ? 1.382   5.147   6.476   1.00 20.07 ? 50  GLY A O   1 
ATOM   398  N N   . GLY A 1 50 ? 2.797   4.308   8.050   1.00 17.67 ? 51  GLY A N   1 
ATOM   399  C CA  . GLY A 1 50 ? 3.789   3.872   7.069   1.00 18.96 ? 51  GLY A CA  1 
ATOM   400  C C   . GLY A 1 50 ? 4.031   2.373   7.218   1.00 18.85 ? 51  GLY A C   1 
ATOM   401  O O   . GLY A 1 50 ? 3.798   1.815   8.308   1.00 18.23 ? 51  GLY A O   1 
ATOM   402  N N   . LEU A 1 51 ? 4.553   1.736   6.158   1.00 17.71 ? 52  LEU A N   1 
ATOM   403  C CA  . LEU A 1 51 ? 4.971   0.348   6.234   1.00 18.51 ? 52  LEU A CA  1 
ATOM   404  C C   . LEU A 1 51 ? 6.367   0.353   6.816   1.00 17.09 ? 52  LEU A C   1 
ATOM   405  O O   . LEU A 1 51 ? 7.373   0.321   6.092   1.00 20.05 ? 52  LEU A O   1 
ATOM   406  C CB  . LEU A 1 51 ? 4.908   -0.327  4.844   1.00 21.81 ? 52  LEU A CB  1 
ATOM   407  C CG  . LEU A 1 51 ? 5.078   -1.856  4.887   1.00 22.77 ? 52  LEU A CG  1 
ATOM   408  C CD1 . LEU A 1 51 ? 4.039   -2.528  5.756   1.00 25.42 ? 52  LEU A CD1 1 
ATOM   409  C CD2 . LEU A 1 51 ? 5.083   -2.377  3.457   1.00 25.83 ? 52  LEU A CD2 1 
ATOM   410  N N   . ASN A 1 52 ? 6.430   0.517   8.136   1.00 15.82 ? 53  ASN A N   1 
ATOM   411  C CA  . ASN A 1 52 ? 7.678   0.592   8.854   1.00 16.17 ? 53  ASN A CA  1 
ATOM   412  C C   . ASN A 1 52 ? 7.452   -0.116  10.186  1.00 17.68 ? 53  ASN A C   1 
ATOM   413  O O   . ASN A 1 52 ? 6.309   -0.366  10.564  1.00 16.04 ? 53  ASN A O   1 
ATOM   414  C CB  . ASN A 1 52 ? 8.144   2.061   9.005   1.00 17.27 ? 53  ASN A CB  1 
ATOM   415  C CG  . ASN A 1 52 ? 7.258   2.883   9.933   1.00 18.20 ? 53  ASN A CG  1 
ATOM   416  O OD1 . ASN A 1 52 ? 7.090   2.554   11.111  1.00 19.10 ? 53  ASN A OD1 1 
ATOM   417  N ND2 . ASN A 1 52 ? 6.739   3.995   9.431   1.00 18.78 ? 53  ASN A ND2 1 
ATOM   418  N N   . LEU A 1 53 ? 8.538   -0.480  10.850  1.00 16.96 ? 54  LEU A N   1 
ATOM   419  C CA  . LEU A 1 53 ? 8.435   -1.349  12.037  1.00 18.20 ? 54  LEU A CA  1 
ATOM   420  C C   . LEU A 1 53 ? 7.696   -0.671  13.186  1.00 18.91 ? 54  LEU A C   1 
ATOM   421  O O   . LEU A 1 53 ? 6.892   -1.330  13.862  1.00 19.58 ? 54  LEU A O   1 
ATOM   422  C CB  . LEU A 1 53 ? 9.843   -1.794  12.463  1.00 20.66 ? 54  LEU A CB  1 
ATOM   423  C CG  . LEU A 1 53 ? 9.979   -2.701  13.701  1.00 23.19 ? 54  LEU A CG  1 
ATOM   424  C CD1 . LEU A 1 53 ? 9.245   -4.012  13.483  1.00 22.79 ? 54  LEU A CD1 1 
ATOM   425  C CD2 . LEU A 1 53 ? 11.465  -2.991  13.920  1.00 23.77 ? 54  LEU A CD2 1 
ATOM   426  N N   . GLN A 1 54 ? 7.925   0.627   13.374  1.00 19.15 ? 55  GLN A N   1 
ATOM   427  C CA  A GLN A 1 54 ? 7.258   1.418   14.429  0.50 20.06 ? 55  GLN A CA  1 
ATOM   428  C CA  B GLN A 1 54 ? 7.291   1.375   14.422  0.50 19.87 ? 55  GLN A CA  1 
ATOM   429  C C   . GLN A 1 54 ? 5.741   1.370   14.303  1.00 19.81 ? 55  GLN A C   1 
ATOM   430  O O   . GLN A 1 54 ? 5.035   0.971   15.249  1.00 19.93 ? 55  GLN A O   1 
ATOM   431  C CB  A GLN A 1 54 ? 7.733   2.897   14.499  0.50 21.89 ? 55  GLN A CB  1 
ATOM   432  C CB  B GLN A 1 54 ? 7.927   2.771   14.460  0.50 21.45 ? 55  GLN A CB  1 
ATOM   433  C CG  A GLN A 1 54 ? 7.016   3.707   15.593  0.50 21.49 ? 55  GLN A CG  1 
ATOM   434  C CG  B GLN A 1 54 ? 9.427   2.760   14.829  0.50 20.89 ? 55  GLN A CG  1 
ATOM   435  C CD  A GLN A 1 54 ? 7.497   5.151   15.823  0.50 23.03 ? 55  GLN A CD  1 
ATOM   436  C CD  B GLN A 1 54 ? 10.350  2.010   13.838  0.50 21.14 ? 55  GLN A CD  1 
ATOM   437  O OE1 A GLN A 1 54 ? 8.425   5.397   16.595  0.50 24.24 ? 55  GLN A OE1 1 
ATOM   438  O OE1 B GLN A 1 54 ? 10.307  2.213   12.617  0.50 21.35 ? 55  GLN A OE1 1 
ATOM   439  N NE2 A GLN A 1 54 ? 6.790   6.108   15.239  0.50 22.10 ? 55  GLN A NE2 1 
ATOM   440  N NE2 B GLN A 1 54 ? 11.192  1.127   14.378  0.50 19.78 ? 55  GLN A NE2 1 
ATOM   441  N N   . ASP A 1 55 ? 5.225   1.767   13.143  1.00 18.31 ? 56  ASP A N   1 
ATOM   442  C CA  . ASP A 1 55 ? 3.768   1.785   12.936  1.00 17.06 ? 56  ASP A CA  1 
ATOM   443  C C   . ASP A 1 55 ? 3.184   0.352   12.967  1.00 17.07 ? 56  ASP A C   1 
ATOM   444  O O   . ASP A 1 55 ? 2.078   0.127   13.470  1.00 14.53 ? 56  ASP A O   1 
ATOM   445  C CB  . ASP A 1 55 ? 3.408   2.498   11.631  1.00 17.37 ? 56  ASP A CB  1 
ATOM   446  C CG  . ASP A 1 55 ? 3.610   3.993   11.713  1.00 21.20 ? 56  ASP A CG  1 
ATOM   447  O OD1 . ASP A 1 55 ? 4.077   4.474   12.763  1.00 21.52 ? 56  ASP A OD1 1 
ATOM   448  O OD2 . ASP A 1 55 ? 3.275   4.680   10.708  1.00 19.96 ? 56  ASP A OD2 1 
ATOM   449  N N   . TRP A 1 56 ? 3.919   -0.618  12.456  1.00 16.60 ? 57  TRP A N   1 
ATOM   450  C CA  . TRP A 1 56 ? 3.437   -2.005  12.450  1.00 15.02 ? 57  TRP A CA  1 
ATOM   451  C C   . TRP A 1 56 ? 3.363   -2.543  13.870  1.00 16.12 ? 57  TRP A C   1 
ATOM   452  O O   . TRP A 1 56 ? 2.437   -3.298  14.201  1.00 16.43 ? 57  TRP A O   1 
ATOM   453  C CB  . TRP A 1 56 ? 4.304   -2.875  11.516  1.00 16.06 ? 57  TRP A CB  1 
ATOM   454  C CG  . TRP A 1 56 ? 3.619   -4.147  11.146  1.00 15.14 ? 57  TRP A CG  1 
ATOM   455  C CD1 . TRP A 1 56 ? 3.949   -5.451  11.485  1.00 14.61 ? 57  TRP A CD1 1 
ATOM   456  C CD2 . TRP A 1 56 ? 2.437   -4.238  10.340  1.00 14.61 ? 57  TRP A CD2 1 
ATOM   457  N NE1 . TRP A 1 56 ? 3.063   -6.341  10.920  1.00 15.50 ? 57  TRP A NE1 1 
ATOM   458  C CE2 . TRP A 1 56 ? 2.105   -5.669  10.248  1.00 14.81 ? 57  TRP A CE2 1 
ATOM   459  C CE3 . TRP A 1 56 ? 1.617   -3.301  9.708   1.00 14.67 ? 57  TRP A CE3 1 
ATOM   460  C CZ2 . TRP A 1 56 ? 1.021   -6.112  9.555   1.00 16.06 ? 57  TRP A CZ2 1 
ATOM   461  C CZ3 . TRP A 1 56 ? 0.525   -3.766  9.005   1.00 16.43 ? 57  TRP A CZ3 1 
ATOM   462  C CH2 . TRP A 1 56 ? 0.240   -5.157  8.906   1.00 17.21 ? 57  TRP A CH2 1 
ATOM   463  N N   . LYS A 1 57 ? 4.299   -2.140  14.704  1.00 17.60 ? 58  LYS A N   1 
ATOM   464  C CA  . LYS A 1 57 ? 4.274   -2.522  16.145  1.00 18.64 ? 58  LYS A CA  1 
ATOM   465  C C   . LYS A 1 57 ? 3.042   -1.932  16.810  1.00 18.92 ? 58  LYS A C   1 
ATOM   466  O O   . LYS A 1 57 ? 2.384   -2.618  17.608  1.00 18.68 ? 58  LYS A O   1 
ATOM   467  C CB  . LYS A 1 57 ? 5.564   -2.113  16.883  1.00 20.85 ? 58  LYS A CB  1 
ATOM   468  C CG  . LYS A 1 57 ? 6.722   -3.098  16.693  1.00 22.65 ? 58  LYS A CG  1 
ATOM   469  C CD  . LYS A 1 57 ? 7.984   -2.556  17.374  1.00 28.71 ? 58  LYS A CD  1 
ATOM   470  C CE  . LYS A 1 57 ? 9.162   -3.513  17.244  1.00 31.90 ? 58  LYS A CE  1 
ATOM   471  N NZ  . LYS A 1 57 ? 10.443  -2.918  17.754  1.00 37.43 ? 58  LYS A NZ  1 
ATOM   472  N N   . ARG A 1 58 ? 2.701   -0.701  16.466  1.00 17.85 ? 59  ARG A N   1 
ATOM   473  C CA  . ARG A 1 58 ? 1.482   -0.064  16.984  1.00 17.84 ? 59  ARG A CA  1 
ATOM   474  C C   . ARG A 1 58 ? 0.243   -0.850  16.583  1.00 18.36 ? 59  ARG A C   1 
ATOM   475  O O   . ARG A 1 58 ? -0.628  -1.152  17.439  1.00 17.09 ? 59  ARG A O   1 
ATOM   476  C CB  . ARG A 1 58 ? 1.377   1.378   16.555  1.00 18.57 ? 59  ARG A CB  1 
ATOM   477  C CG  . ARG A 1 58 ? 0.136   2.066   17.120  1.00 18.87 ? 59  ARG A CG  1 
ATOM   478  C CD  . ARG A 1 58 ? 0.109   3.537   16.709  1.00 20.23 ? 59  ARG A CD  1 
ATOM   479  N NE  . ARG A 1 58 ? -1.235  4.099   16.716  1.00 21.60 ? 59  ARG A NE  1 
ATOM   480  C CZ  . ARG A 1 58 ? -1.535  5.261   16.138  1.00 24.06 ? 59  ARG A CZ  1 
ATOM   481  N NH1 . ARG A 1 58 ? -0.586  5.965   15.512  1.00 25.92 ? 59  ARG A NH1 1 
ATOM   482  N NH2 . ARG A 1 58 ? -2.757  5.721   16.179  1.00 25.36 ? 59  ARG A NH2 1 
ATOM   483  N N   . VAL A 1 59 ? 0.161   -1.247  15.307  1.00 16.67 ? 60  VAL A N   1 
ATOM   484  C CA  . VAL A 1 59 ? -0.933  -2.091  14.859  1.00 16.48 ? 60  VAL A CA  1 
ATOM   485  C C   . VAL A 1 59 ? -1.040  -3.380  15.721  1.00 16.70 ? 60  VAL A C   1 
ATOM   486  O O   . VAL A 1 59 ? -2.127  -3.753  16.141  1.00 17.28 ? 60  VAL A O   1 
ATOM   487  C CB  . VAL A 1 59 ? -0.771  -2.465  13.377  1.00 15.14 ? 60  VAL A CB  1 
ATOM   488  C CG1 . VAL A 1 59 ? -1.771  -3.557  12.965  1.00 16.07 ? 60  VAL A CG1 1 
ATOM   489  C CG2 . VAL A 1 59 ? -0.958  -1.202  12.547  1.00 15.63 ? 60  VAL A CG2 1 
ATOM   490  N N   . GLY A 1 60 ? 0.089   -4.054  15.927  1.00 17.80 ? 61  GLY A N   1 
ATOM   491  C CA  . GLY A 1 60 ? 0.172   -5.226  16.823  1.00 18.76 ? 61  GLY A CA  1 
ATOM   492  C C   . GLY A 1 60 ? -0.411  -4.950  18.206  1.00 18.32 ? 61  GLY A C   1 
ATOM   493  O O   . GLY A 1 60 ? -1.229  -5.748  18.697  1.00 18.07 ? 61  GLY A O   1 
ATOM   494  N N   . ARG A 1 61 ? -0.022  -3.822  18.805  1.00 17.69 ? 62  ARG A N   1 
ATOM   495  C CA  . ARG A 1 61 ? -0.512  -3.505  20.175  1.00 18.31 ? 62  ARG A CA  1 
ATOM   496  C C   . ARG A 1 61 ? -2.025  -3.324  20.121  1.00 18.75 ? 62  ARG A C   1 
ATOM   497  O O   . ARG A 1 61 ? -2.761  -3.777  21.036  1.00 19.21 ? 62  ARG A O   1 
ATOM   498  C CB  . ARG A 1 61 ? 0.184   -2.264  20.743  1.00 18.81 ? 62  ARG A CB  1 
ATOM   499  C CG  . ARG A 1 61 ? 1.658   -2.492  21.038  1.00 20.35 ? 62  ARG A CG  1 
ATOM   500  C CD  . ARG A 1 61 ? 2.287   -1.347  21.809  1.00 22.37 ? 62  ARG A CD  1 
ATOM   501  N NE  . ARG A 1 61 ? 2.024   -0.027  21.260  1.00 23.59 ? 62  ARG A NE  1 
ATOM   502  C CZ  . ARG A 1 61 ? 2.842   0.571   20.384  1.00 24.36 ? 62  ARG A CZ  1 
ATOM   503  N NH1 . ARG A 1 61 ? 3.930   -0.069  19.998  1.00 24.89 ? 62  ARG A NH1 1 
ATOM   504  N NH2 . ARG A 1 61 ? 2.579   1.787   19.930  1.00 26.02 ? 62  ARG A NH2 1 
ATOM   505  N N   . GLU A 1 62 ? -2.515  -2.679  19.059  1.00 17.03 ? 63  GLU A N   1 
ATOM   506  C CA  . GLU A 1 62 ? -3.932  -2.420  18.922  1.00 17.81 ? 63  GLU A CA  1 
ATOM   507  C C   . GLU A 1 62 ? -4.700  -3.714  18.703  1.00 17.93 ? 63  GLU A C   1 
ATOM   508  O O   . GLU A 1 62 ? -5.789  -3.878  19.246  1.00 19.56 ? 63  GLU A O   1 
ATOM   509  C CB  . GLU A 1 62 ? -4.188  -1.321  17.872  1.00 18.12 ? 63  GLU A CB  1 
ATOM   510  C CG  . GLU A 1 62 ? -3.648  0.013   18.379  1.00 19.16 ? 63  GLU A CG  1 
ATOM   511  C CD  . GLU A 1 62 ? -3.691  1.147   17.374  1.00 18.31 ? 63  GLU A CD  1 
ATOM   512  O OE1 . GLU A 1 62 ? -4.152  0.930   16.246  1.00 20.60 ? 63  GLU A OE1 1 
ATOM   513  O OE2 . GLU A 1 62 ? -3.289  2.264   17.772  1.00 21.09 ? 63  GLU A OE2 1 
ATOM   514  N N   . MET A 1 63 ? -4.114  -4.669  17.967  1.00 18.35 ? 64  MET A N   1 
ATOM   515  C CA  . MET A 1 63 ? -4.724  -5.994  17.776  1.00 18.06 ? 64  MET A CA  1 
ATOM   516  C C   . MET A 1 63 ? -4.806  -6.725  19.115  1.00 19.58 ? 64  MET A C   1 
ATOM   517  O O   . MET A 1 63 ? -5.815  -7.348  19.395  1.00 20.39 ? 64  MET A O   1 
ATOM   518  C CB  . MET A 1 63 ? -3.939  -6.814  16.708  1.00 19.47 ? 64  MET A CB  1 
ATOM   519  C CG  . MET A 1 63 ? -4.203  -6.251  15.315  1.00 18.76 ? 64  MET A CG  1 
ATOM   520  S SD  . MET A 1 63 ? -3.383  -7.246  14.039  1.00 24.76 ? 64  MET A SD  1 
ATOM   521  C CE  . MET A 1 63 ? -4.085  -6.527  12.543  1.00 23.70 ? 64  MET A CE  1 
ATOM   522  N N   . LYS A 1 64 ? -3.761  -6.631  19.931  1.00 20.49 ? 65  LYS A N   1 
ATOM   523  C CA  . LYS A 1 64 ? -3.756  -7.330  21.220  1.00 22.77 ? 65  LYS A CA  1 
ATOM   524  C C   . LYS A 1 64 ? -4.757  -6.657  22.139  1.00 21.91 ? 65  LYS A C   1 
ATOM   525  O O   . LYS A 1 64 ? -5.409  -7.329  22.925  1.00 23.23 ? 65  LYS A O   1 
ATOM   526  C CB  . LYS A 1 64 ? -2.365  -7.363  21.849  1.00 23.68 ? 65  LYS A CB  1 
ATOM   527  C CG  . LYS A 1 64 ? -1.435  -8.350  21.142  1.00 28.67 ? 65  LYS A CG  1 
ATOM   528  C CD  . LYS A 1 64 ? -0.181  -8.678  21.956  1.00 32.97 ? 65  LYS A CD  1 
ATOM   529  C CE  . LYS A 1 64 ? -0.422  -8.609  23.466  1.00 34.19 ? 65  LYS A CE  1 
ATOM   530  N NZ  . LYS A 1 64 ? 0.710   -9.181  24.255  1.00 36.07 ? 65  LYS A NZ  1 
ATOM   531  N N   . ARG A 1 65 ? -4.887  -5.343  22.036  1.00 21.86 ? 66  ARG A N   1 
ATOM   532  C CA  . ARG A 1 65 ? -5.880  -4.619  22.843  1.00 21.63 ? 66  ARG A CA  1 
ATOM   533  C C   . ARG A 1 65 ? -7.289  -5.089  22.528  1.00 22.84 ? 66  ARG A C   1 
ATOM   534  O O   . ARG A 1 65 ? -8.097  -5.340  23.447  1.00 20.24 ? 66  ARG A O   1 
ATOM   535  C CB  . ARG A 1 65 ? -5.735  -3.104  22.661  1.00 24.40 ? 66  ARG A CB  1 
ATOM   536  C CG  . ARG A 1 65 ? -6.896  -2.283  23.205  1.00 27.73 ? 66  ARG A CG  1 
ATOM   537  C CD  . ARG A 1 65 ? -6.585  -0.804  23.059  1.00 30.45 ? 66  ARG A CD  1 
ATOM   538  N NE  . ARG A 1 65 ? -6.922  -0.313  21.720  1.00 35.67 ? 66  ARG A NE  1 
ATOM   539  C CZ  . ARG A 1 65 ? -6.506  0.843   21.214  1.00 35.21 ? 66  ARG A CZ  1 
ATOM   540  N NH1 . ARG A 1 65 ? -5.715  1.646   21.919  1.00 35.65 ? 66  ARG A NH1 1 
ATOM   541  N NH2 . ARG A 1 65 ? -6.878  1.190   19.990  1.00 36.50 ? 66  ARG A NH2 1 
ATOM   542  N N   . TYR A 1 66 ? -7.595  -5.222  21.231  1.00 20.67 ? 67  TYR A N   1 
ATOM   543  C CA  . TYR A 1 66 ? -8.863  -5.756  20.788  1.00 20.23 ? 67  TYR A CA  1 
ATOM   544  C C   . TYR A 1 66 ? -9.145  -7.141  21.386  1.00 22.05 ? 67  TYR A C   1 
ATOM   545  O O   . TYR A 1 66 ? -10.247 -7.388  21.841  1.00 22.44 ? 67  TYR A O   1 
ATOM   546  C CB  . TYR A 1 66 ? -8.923  -5.806  19.249  1.00 22.02 ? 67  TYR A CB  1 
ATOM   547  C CG  . TYR A 1 66 ? -10.316 -6.065  18.734  1.00 22.30 ? 67  TYR A CG  1 
ATOM   548  C CD1 . TYR A 1 66 ? -10.794 -7.369  18.585  1.00 22.84 ? 67  TYR A CD1 1 
ATOM   549  C CD2 . TYR A 1 66 ? -11.150 -5.008  18.394  1.00 24.08 ? 67  TYR A CD2 1 
ATOM   550  C CE1 . TYR A 1 66 ? -12.083 -7.600  18.133  1.00 25.29 ? 67  TYR A CE1 1 
ATOM   551  C CE2 . TYR A 1 66 ? -12.435 -5.220  17.937  1.00 24.73 ? 67  TYR A CE2 1 
ATOM   552  C CZ  . TYR A 1 66 ? -12.898 -6.518  17.815  1.00 26.62 ? 67  TYR A CZ  1 
ATOM   553  O OH  . TYR A 1 66 ? -14.193 -6.692  17.359  1.00 31.73 ? 67  TYR A OH  1 
ATOM   554  N N   . ALA A 1 67 ? -8.154  -8.032  21.408  1.00 20.55 ? 68  ALA A N   1 
ATOM   555  C CA  . ALA A 1 67 ? -8.329  -9.375  21.952  1.00 21.24 ? 68  ALA A CA  1 
ATOM   556  C C   . ALA A 1 67 ? -8.560  -9.325  23.467  1.00 21.46 ? 68  ALA A C   1 
ATOM   557  O O   . ALA A 1 67 ? -9.307  -10.125 24.026  1.00 21.77 ? 68  ALA A O   1 
ATOM   558  C CB  . ALA A 1 67 ? -7.143  -10.255 21.637  1.00 23.48 ? 68  ALA A CB  1 
ATOM   559  N N   . ALA A 1 68 ? -7.928  -8.368  24.118  1.00 21.13 ? 69  ALA A N   1 
ATOM   560  C CA  . ALA A 1 68 ? -8.085  -8.250  25.575  1.00 22.00 ? 69  ALA A CA  1 
ATOM   561  C C   . ALA A 1 68 ? -9.550  -7.875  25.874  1.00 23.50 ? 69  ALA A C   1 
ATOM   562  O O   . ALA A 1 68 ? -10.160 -8.376  26.862  1.00 22.65 ? 69  ALA A O   1 
ATOM   563  C CB  . ALA A 1 68 ? -7.126  -7.204  26.126  1.00 21.16 ? 69  ALA A CB  1 
ATOM   564  N N   . GLU A 1 69 ? -10.123 -7.022  25.031  1.00 22.32 ? 70  GLU A N   1 
ATOM   565  C CA  . GLU A 1 69 ? -11.456 -6.455  25.268  1.00 24.21 ? 70  GLU A CA  1 
ATOM   566  C C   . GLU A 1 69 ? -12.573 -7.409  24.841  1.00 26.05 ? 70  GLU A C   1 
ATOM   567  O O   . GLU A 1 69 ? -13.606 -7.530  25.532  1.00 28.10 ? 70  GLU A O   1 
ATOM   568  C CB  . GLU A 1 69 ? -11.591 -5.082  24.608  1.00 25.43 ? 70  GLU A CB  1 
ATOM   569  N N   . HIS A 1 70 ? -12.351 -8.133  23.742  1.00 25.33 ? 71  HIS A N   1 
ATOM   570  C CA  . HIS A 1 70 ? -13.384 -8.974  23.126  1.00 25.24 ? 71  HIS A CA  1 
ATOM   571  C C   . HIS A 1 70 ? -13.081 -10.445 23.182  1.00 23.72 ? 71  HIS A C   1 
ATOM   572  O O   . HIS A 1 70 ? -13.932 -11.272 22.857  1.00 25.76 ? 71  HIS A O   1 
ATOM   573  C CB  . HIS A 1 70 ? -13.643 -8.500  21.692  1.00 27.76 ? 71  HIS A CB  1 
ATOM   574  C CG  . HIS A 1 70 ? -13.931 -7.008  21.593  1.00 28.95 ? 71  HIS A CG  1 
ATOM   575  N ND1 . HIS A 1 70 ? -15.149 -6.485  21.884  1.00 31.35 ? 71  HIS A ND1 1 
ATOM   576  C CD2 . HIS A 1 70 ? -13.111 -5.935  21.292  1.00 31.25 ? 71  HIS A CD2 1 
ATOM   577  C CE1 . HIS A 1 70 ? -15.104 -5.148  21.751  1.00 30.70 ? 71  HIS A CE1 1 
ATOM   578  N NE2 . HIS A 1 70 ? -13.862 -4.809  21.373  1.00 30.37 ? 71  HIS A NE2 1 
ATOM   579  N N   . GLY A 1 71 ? -11.889 -10.823 23.615  1.00 24.92 ? 72  GLY A N   1 
ATOM   580  C CA  . GLY A 1 71 ? -11.579 -12.253 23.744  1.00 26.16 ? 72  GLY A CA  1 
ATOM   581  C C   . GLY A 1 71 ? -10.793 -12.802 22.567  1.00 29.71 ? 72  GLY A C   1 
ATOM   582  O O   . GLY A 1 71 ? -10.904 -12.287 21.470  1.00 27.83 ? 72  GLY A O   1 
ATOM   583  N N   . THR A 1 72 ? -9.984  -13.835 22.801  1.00 37.01 ? 73  THR A N   1 
ATOM   584  C CA  . THR A 1 72 ? -9.131  -14.417 21.738  1.00 42.94 ? 73  THR A CA  1 
ATOM   585  C C   . THR A 1 72 ? -9.906  -14.927 20.516  1.00 44.08 ? 73  THR A C   1 
ATOM   586  O O   . THR A 1 72 ? -9.473  -14.741 19.369  1.00 44.09 ? 73  THR A O   1 
ATOM   587  C CB  . THR A 1 72 ? -8.207  -15.523 22.293  1.00 44.69 ? 73  THR A CB  1 
ATOM   588  O OG1 . THR A 1 72 ? -7.362  -14.956 23.297  1.00 50.63 ? 73  THR A OG1 1 
ATOM   589  C CG2 . THR A 1 72 ? -7.320  -16.119 21.184  1.00 47.58 ? 73  THR A CG2 1 
ATOM   590  N N   . ASP A 1 73 ? -11.057 -15.546 20.765  1.00 46.82 ? 74  ASP A N   1 
ATOM   591  C CA  . ASP A 1 73 ? -11.888 -16.155 19.722  1.00 48.02 ? 74  ASP A CA  1 
ATOM   592  C C   . ASP A 1 73 ? -12.484 -15.155 18.761  1.00 45.51 ? 74  ASP A C   1 
ATOM   593  O O   . ASP A 1 73 ? -13.012 -15.517 17.711  1.00 44.69 ? 74  ASP A O   1 
ATOM   594  C CB  . ASP A 1 73 ? -13.032 -16.932 20.363  1.00 53.78 ? 74  ASP A CB  1 
ATOM   595  C CG  . ASP A 1 73 ? -12.611 -18.305 20.832  1.00 58.20 ? 74  ASP A CG  1 
ATOM   596  O OD1 . ASP A 1 73 ? -11.388 -18.563 20.927  1.00 63.01 ? 74  ASP A OD1 1 
ATOM   597  O OD2 . ASP A 1 73 ? -13.510 -19.131 21.099  1.00 62.12 ? 74  ASP A OD2 1 
ATOM   598  N N   . SER A 1 74 ? -12.396 -13.890 19.132  1.00 40.13 ? 75  SER A N   1 
ATOM   599  C CA  . SER A 1 74 ? -13.055 -12.835 18.388  1.00 38.58 ? 75  SER A CA  1 
ATOM   600  C C   . SER A 1 74 ? -12.221 -12.439 17.164  1.00 39.40 ? 75  SER A C   1 
ATOM   601  O O   . SER A 1 74 ? -12.737 -11.844 16.207  1.00 43.44 ? 75  SER A O   1 
ATOM   602  C CB  . SER A 1 74 ? -13.227 -11.638 19.306  1.00 31.20 ? 75  SER A CB  1 
ATOM   603  O OG  . SER A 1 74 ? -11.959 -11.093 19.676  1.00 30.79 ? 75  SER A OG  1 
ATOM   604  N N   . ILE A 1 75 ? -10.935 -12.788 17.207  1.00 35.58 ? 76  ILE A N   1 
ATOM   605  C CA  . ILE A 1 75 ? -10.002 -12.374 16.159  1.00 31.44 ? 76  ILE A CA  1 
ATOM   606  C C   . ILE A 1 75 ? -9.622  -13.516 15.200  1.00 29.76 ? 76  ILE A C   1 
ATOM   607  O O   . ILE A 1 75 ? -9.492  -14.686 15.603  1.00 28.11 ? 76  ILE A O   1 
ATOM   608  C CB  . ILE A 1 75 ? -8.776  -11.654 16.751  1.00 33.23 ? 76  ILE A CB  1 
ATOM   609  C CG1 . ILE A 1 75 ? -7.724  -12.638 17.257  1.00 31.45 ? 76  ILE A CG1 1 
ATOM   610  C CG2 . ILE A 1 75 ? -9.209  -10.716 17.887  1.00 32.27 ? 76  ILE A CG2 1 
ATOM   611  C CD1 . ILE A 1 75 ? -6.332  -12.035 17.368  1.00 32.31 ? 76  ILE A CD1 1 
ATOM   612  N N   . PRO A 1 76 ? -9.467  -13.180 13.909  1.00 26.49 ? 77  PRO A N   1 
ATOM   613  C CA  . PRO A 1 76 ? -9.180  -14.182 12.892  1.00 23.93 ? 77  PRO A CA  1 
ATOM   614  C C   . PRO A 1 76 ? -7.918  -14.961 13.277  1.00 22.82 ? 77  PRO A C   1 
ATOM   615  O O   . PRO A 1 76 ? -6.932  -14.359 13.725  1.00 21.28 ? 77  PRO A O   1 
ATOM   616  C CB  . PRO A 1 76 ? -8.949  -13.329 11.631  1.00 25.03 ? 77  PRO A CB  1 
ATOM   617  C CG  . PRO A 1 76 ? -9.793  -12.120 11.868  1.00 26.18 ? 77  PRO A CG  1 
ATOM   618  C CD  . PRO A 1 76 ? -9.532  -11.826 13.328  1.00 28.10 ? 77  PRO A CD  1 
ATOM   619  N N   . LYS A 1 77 ? -7.952  -16.282 13.113  1.00 21.98 ? 78  LYS A N   1 
ATOM   620  C CA  . LYS A 1 77 ? -6.803  -17.124 13.487  1.00 21.32 ? 78  LYS A CA  1 
ATOM   621  C C   . LYS A 1 77 ? -5.545  -16.783 12.693  1.00 19.63 ? 78  LYS A C   1 
ATOM   622  O O   . LYS A 1 77 ? -4.429  -17.026 13.160  1.00 19.80 ? 78  LYS A O   1 
ATOM   623  C CB  . LYS A 1 77 ? -7.116  -18.635 13.346  1.00 24.11 ? 78  LYS A CB  1 
ATOM   624  C CG  . LYS A 1 77 ? -8.257  -19.148 14.226  1.00 28.86 ? 78  LYS A CG  1 
ATOM   625  C CD  . LYS A 1 77 ? -8.622  -20.604 13.920  1.00 31.56 ? 78  LYS A CD  1 
ATOM   626  N N   . GLN A 1 78 ? -5.713  -16.226 11.493  1.00 17.08 ? 79  GLN A N   1 
ATOM   627  C CA  . GLN A 1 78 ? -4.562  -15.855 10.695  1.00 16.28 ? 79  GLN A CA  1 
ATOM   628  C C   . GLN A 1 78 ? -4.015  -14.473 11.033  1.00 15.68 ? 79  GLN A C   1 
ATOM   629  O O   . GLN A 1 78 ? -2.970  -14.108 10.502  1.00 15.54 ? 79  GLN A O   1 
ATOM   630  C CB  . GLN A 1 78 ? -4.879  -15.915 9.187   1.00 16.04 ? 79  GLN A CB  1 
ATOM   631  C CG  . GLN A 1 78 ? -5.810  -14.788 8.689   1.00 17.65 ? 79  GLN A CG  1 
ATOM   632  C CD  . GLN A 1 78 ? -7.297  -15.082 8.882   1.00 19.00 ? 79  GLN A CD  1 
ATOM   633  O OE1 . GLN A 1 78 ? -7.714  -15.866 9.753   1.00 18.75 ? 79  GLN A OE1 1 
ATOM   634  N NE2 . GLN A 1 78 ? -8.116  -14.459 8.052   1.00 18.67 ? 79  GLN A NE2 1 
ATOM   635  N N   . ALA A 1 79 ? -4.693  -13.683 11.903  1.00 15.87 ? 80  ALA A N   1 
ATOM   636  C CA  . ALA A 1 79 ? -4.282  -12.277 12.081  1.00 16.83 ? 80  ALA A CA  1 
ATOM   637  C C   . ALA A 1 79 ? -2.918  -12.144 12.733  1.00 16.32 ? 80  ALA A C   1 
ATOM   638  O O   . ALA A 1 79 ? -2.017  -11.498 12.197  1.00 16.16 ? 80  ALA A O   1 
ATOM   639  C CB  . ALA A 1 79 ? -5.327  -11.500 12.877  1.00 19.09 ? 80  ALA A CB  1 
ATOM   640  N N   . TYR A 1 80 ? -2.711  -12.799 13.881  1.00 16.69 ? 81  TYR A N   1 
ATOM   641  C CA  . TYR A 1 80 ? -1.417  -12.664 14.534  1.00 18.19 ? 81  TYR A CA  1 
ATOM   642  C C   . TYR A 1 80 ? -0.292  -13.287 13.663  1.00 17.37 ? 81  TYR A C   1 
ATOM   643  O O   . TYR A 1 80 ? 0.786   -12.719 13.566  1.00 16.47 ? 81  TYR A O   1 
ATOM   644  C CB  . TYR A 1 80 ? -1.447  -13.284 15.954  1.00 21.44 ? 81  TYR A CB  1 
ATOM   645  C CG  . TYR A 1 80 ? -0.145  -13.087 16.671  1.00 27.02 ? 81  TYR A CG  1 
ATOM   646  C CD1 . TYR A 1 80 ? 0.227   -11.812 17.134  1.00 30.09 ? 81  TYR A CD1 1 
ATOM   647  C CD2 . TYR A 1 80 ? 0.758   -14.159 16.847  1.00 32.02 ? 81  TYR A CD2 1 
ATOM   648  C CE1 . TYR A 1 80 ? 1.435   -11.598 17.789  1.00 34.07 ? 81  TYR A CE1 1 
ATOM   649  C CE2 . TYR A 1 80 ? 1.981   -13.967 17.499  1.00 34.85 ? 81  TYR A CE2 1 
ATOM   650  C CZ  . TYR A 1 80 ? 2.319   -12.680 17.957  1.00 38.07 ? 81  TYR A CZ  1 
ATOM   651  O OH  . TYR A 1 80 ? 3.521   -12.471 18.603  1.00 44.79 ? 81  TYR A OH  1 
ATOM   652  N N   . PRO A 1 81 ? -0.534  -14.469 13.033  1.00 15.12 ? 82  PRO A N   1 
ATOM   653  C CA  . PRO A 1 81 ? 0.538   -15.046 12.207  1.00 16.01 ? 82  PRO A CA  1 
ATOM   654  C C   . PRO A 1 81 ? 0.938   -14.144 11.021  1.00 15.42 ? 82  PRO A C   1 
ATOM   655  O O   . PRO A 1 81 ? 2.119   -13.927 10.760  1.00 15.74 ? 82  PRO A O   1 
ATOM   656  C CB  . PRO A 1 81 ? -0.081  -16.353 11.700  1.00 15.98 ? 82  PRO A CB  1 
ATOM   657  C CG  . PRO A 1 81 ? -0.990  -16.762 12.815  1.00 16.43 ? 82  PRO A CG  1 
ATOM   658  C CD  . PRO A 1 81 ? -1.616  -15.453 13.274  1.00 16.65 ? 82  PRO A CD  1 
ATOM   659  N N   . ILE A 1 82 ? -0.043  -13.576 10.329  1.00 14.74 ? 83  ILE A N   1 
ATOM   660  C CA  . ILE A 1 82 ? 0.282   -12.643 9.258   1.00 15.43 ? 83  ILE A CA  1 
ATOM   661  C C   . ILE A 1 82 ? 0.965   -11.379 9.758   1.00 16.02 ? 83  ILE A C   1 
ATOM   662  O O   . ILE A 1 82 ? 1.987   -10.933 9.204   1.00 17.36 ? 83  ILE A O   1 
ATOM   663  C CB  . ILE A 1 82 ? -0.994  -12.265 8.450   1.00 15.44 ? 83  ILE A CB  1 
ATOM   664  C CG1 . ILE A 1 82 ? -1.516  -13.505 7.733   1.00 15.14 ? 83  ILE A CG1 1 
ATOM   665  C CG2 . ILE A 1 82 ? -0.671  -11.119 7.501   1.00 16.35 ? 83  ILE A CG2 1 
ATOM   666  C CD1 . ILE A 1 82 ? -2.845  -13.380 6.986   1.00 19.80 ? 83  ILE A CD1 1 
ATOM   667  N N   . TRP A 1 83 ? 0.454   -10.811 10.861  1.00 15.93 ? 84  TRP A N   1 
ATOM   668  C CA  . TRP A 1 83 ? 1.110   -9.667  11.479  1.00 17.32 ? 84  TRP A CA  1 
ATOM   669  C C   . TRP A 1 83 ? 2.566   -9.945  11.830  1.00 16.69 ? 84  TRP A C   1 
ATOM   670  O O   . TRP A 1 83 ? 3.459   -9.130  11.571  1.00 15.95 ? 84  TRP A O   1 
ATOM   671  C CB  . TRP A 1 83 ? 0.284   -9.193  12.708  1.00 17.76 ? 84  TRP A CB  1 
ATOM   672  C CG  . TRP A 1 83 ? 0.999   -8.083  13.395  1.00 18.09 ? 84  TRP A CG  1 
ATOM   673  C CD1 . TRP A 1 83 ? 0.901   -6.729  13.134  1.00 17.36 ? 84  TRP A CD1 1 
ATOM   674  C CD2 . TRP A 1 83 ? 2.016   -8.200  14.436  1.00 19.15 ? 84  TRP A CD2 1 
ATOM   675  N NE1 . TRP A 1 83 ? 1.772   -6.022  13.908  1.00 16.48 ? 84  TRP A NE1 1 
ATOM   676  C CE2 . TRP A 1 83 ? 2.457   -6.825  14.728  1.00 17.72 ? 84  TRP A CE2 1 
ATOM   677  C CE3 . TRP A 1 83 ? 2.576   -9.264  15.151  1.00 21.28 ? 84  TRP A CE3 1 
ATOM   678  C CZ2 . TRP A 1 83 ? 3.419   -6.538  15.687  1.00 19.99 ? 84  TRP A CZ2 1 
ATOM   679  C CZ3 . TRP A 1 83 ? 3.557   -8.966  16.119  1.00 23.10 ? 84  TRP A CZ3 1 
ATOM   680  C CH2 . TRP A 1 83 ? 3.957   -7.629  16.392  1.00 23.17 ? 84  TRP A CH2 1 
ATOM   681  N N   . LEU A 1 84 ? 2.823   -11.153 12.340  1.00 16.85 ? 85  LEU A N   1 
ATOM   682  C CA  . LEU A 1 84 ? 4.162   -11.498 12.787  1.00 17.84 ? 85  LEU A CA  1 
ATOM   683  C C   . LEU A 1 84 ? 5.088   -11.634 11.589  1.00 17.88 ? 85  LEU A C   1 
ATOM   684  O O   . LEU A 1 84 ? 6.212   -11.159 11.652  1.00 18.31 ? 85  LEU A O   1 
ATOM   685  C CB  . LEU A 1 84 ? 4.096   -12.794 13.591  1.00 21.10 ? 85  LEU A CB  1 
ATOM   686  C CG  . LEU A 1 84 ? 5.402   -13.444 14.020  1.00 25.16 ? 85  LEU A CG  1 
ATOM   687  C CD1 . LEU A 1 84 ? 6.061   -12.682 15.165  1.00 27.07 ? 85  LEU A CD1 1 
ATOM   688  C CD2 . LEU A 1 84 ? 5.058   -14.893 14.380  1.00 25.97 ? 85  LEU A CD2 1 
ATOM   689  N N   . GLN A 1 85 ? 4.620   -12.294 10.521  1.00 16.36 ? 86  GLN A N   1 
ATOM   690  C CA  . GLN A 1 85 ? 5.470   -12.418 9.305   1.00 17.89 ? 86  GLN A CA  1 
ATOM   691  C C   . GLN A 1 85 ? 5.794   -11.056 8.698   1.00 18.63 ? 86  GLN A C   1 
ATOM   692  O O   . GLN A 1 85 ? 6.918   -10.783 8.298   1.00 19.26 ? 86  GLN A O   1 
ATOM   693  C CB  . GLN A 1 85 ? 4.872   -13.378 8.298   1.00 18.34 ? 86  GLN A CB  1 
ATOM   694  C CG  . GLN A 1 85 ? 4.705   -14.791 8.875   1.00 20.30 ? 86  GLN A CG  1 
ATOM   695  C CD  . GLN A 1 85 ? 6.036   -15.437 9.276   1.00 21.15 ? 86  GLN A CD  1 
ATOM   696  O OE1 . GLN A 1 85 ? 7.057   -15.064 8.766   1.00 20.77 ? 86  GLN A OE1 1 
ATOM   697  N NE2 . GLN A 1 85 ? 6.002   -16.437 10.190  1.00 23.67 ? 86  GLN A NE2 1 
ATOM   698  N N   . LEU A 1 86 ? 4.818   -10.148 8.623   1.00 17.55 ? 87  LEU A N   1 
ATOM   699  C CA  A LEU A 1 86 ? 5.139   -8.794  8.153   0.50 18.88 ? 87  LEU A CA  1 
ATOM   700  C CA  B LEU A 1 86 ? 5.139   -8.788  8.166   0.50 19.86 ? 87  LEU A CA  1 
ATOM   701  C C   . LEU A 1 86 ? 6.069   -8.053  9.116   1.00 19.35 ? 87  LEU A C   1 
ATOM   702  O O   . LEU A 1 86 ? 6.905   -7.288  8.703   1.00 21.22 ? 87  LEU A O   1 
ATOM   703  C CB  A LEU A 1 86 ? 3.861   -7.984  7.908   0.50 18.11 ? 87  LEU A CB  1 
ATOM   704  C CB  B LEU A 1 86 ? 3.875   -7.952  7.949   0.50 20.68 ? 87  LEU A CB  1 
ATOM   705  C CG  A LEU A 1 86 ? 3.003   -8.568  6.804   0.50 18.04 ? 87  LEU A CG  1 
ATOM   706  C CG  B LEU A 1 86 ? 3.518   -7.866  6.486   0.50 23.61 ? 87  LEU A CG  1 
ATOM   707  C CD1 A LEU A 1 86 ? 1.578   -8.033  6.914   0.50 18.72 ? 87  LEU A CD1 1 
ATOM   708  C CD1 B LEU A 1 86 ? 3.002   -9.244  6.072   0.50 24.53 ? 87  LEU A CD1 1 
ATOM   709  C CD2 A LEU A 1 86 ? 3.600   -8.279  5.419   0.50 18.88 ? 87  LEU A CD2 1 
ATOM   710  C CD2 B LEU A 1 86 ? 2.476   -6.769  6.276   0.50 24.00 ? 87  LEU A CD2 1 
ATOM   711  N N   . ARG A 1 87 ? 5.922   -8.263  10.419  1.00 19.74 ? 88  ARG A N   1 
ATOM   712  C CA  . ARG A 1 87 ? 6.859   -7.627  11.332  1.00 21.54 ? 88  ARG A CA  1 
ATOM   713  C C   . ARG A 1 87 ? 8.295   -8.040  11.012  1.00 22.16 ? 88  ARG A C   1 
ATOM   714  O O   . ARG A 1 87 ? 9.192   -7.180  10.986  1.00 22.37 ? 88  ARG A O   1 
ATOM   715  C CB  . ARG A 1 87 ? 6.552   -7.909  12.809  1.00 21.98 ? 88  ARG A CB  1 
ATOM   716  C CG  . ARG A 1 87 ? 7.445   -7.077  13.738  1.00 27.28 ? 88  ARG A CG  1 
ATOM   717  C CD  . ARG A 1 87 ? 7.303   -7.405  15.214  1.00 31.88 ? 88  ARG A CD  1 
ATOM   718  N NE  . ARG A 1 87 ? 7.654   -8.789  15.518  1.00 39.10 ? 88  ARG A NE  1 
ATOM   719  C CZ  . ARG A 1 87 ? 8.883   -9.296  15.498  1.00 44.99 ? 88  ARG A CZ  1 
ATOM   720  N NH1 . ARG A 1 87 ? 9.934   -8.545  15.159  1.00 48.84 ? 88  ARG A NH1 1 
ATOM   721  N NH2 . ARG A 1 87 ? 9.055   -10.572 15.807  1.00 46.25 ? 88  ARG A NH2 1 
ATOM   722  N N   . GLU A 1 88 ? 8.493   -9.337  10.754  1.00 21.49 ? 89  GLU A N   1 
ATOM   723  C CA  . GLU A 1 88 ? 9.822   -9.858  10.451  1.00 24.18 ? 89  GLU A CA  1 
ATOM   724  C C   . GLU A 1 88 ? 10.391  -9.263  9.172   1.00 23.03 ? 89  GLU A C   1 
ATOM   725  O O   . GLU A 1 88 ? 11.574  -8.897  9.121   1.00 24.04 ? 89  GLU A O   1 
ATOM   726  C CB  . GLU A 1 88 ? 9.796   -11.375 10.394  1.00 25.93 ? 89  GLU A CB  1 
ATOM   727  C CG  . GLU A 1 88 ? 9.833   -11.946 11.785  1.00 31.68 ? 89  GLU A CG  1 
ATOM   728  C CD  . GLU A 1 88 ? 11.128  -11.553 12.485  1.00 35.39 ? 89  GLU A CD  1 
ATOM   729  O OE1 . GLU A 1 88 ? 12.200  -11.729 11.873  1.00 41.02 ? 89  GLU A OE1 1 
ATOM   730  O OE2 . GLU A 1 88 ? 11.068  -11.062 13.616  1.00 36.50 ? 89  GLU A OE2 1 
ATOM   731  N N   . ILE A 1 89 ? 9.542   -9.103  8.160   1.00 22.84 ? 90  ILE A N   1 
ATOM   732  C CA  . ILE A 1 89 ? 9.949   -8.469  6.889   1.00 22.08 ? 90  ILE A CA  1 
ATOM   733  C C   . ILE A 1 89 ? 10.433  -7.031  7.139   1.00 24.17 ? 90  ILE A C   1 
ATOM   734  O O   . ILE A 1 89 ? 11.386  -6.540  6.507   1.00 24.24 ? 90  ILE A O   1 
ATOM   735  C CB  . ILE A 1 89 ? 8.769   -8.543  5.879   1.00 23.59 ? 90  ILE A CB  1 
ATOM   736  C CG1 . ILE A 1 89 ? 8.527   -9.997  5.469   1.00 23.04 ? 90  ILE A CG1 1 
ATOM   737  C CG2 . ILE A 1 89 ? 8.936   -7.569  4.696   1.00 24.19 ? 90  ILE A CG2 1 
ATOM   738  C CD1 . ILE A 1 89 ? 7.146   -10.304 4.922   1.00 25.21 ? 90  ILE A CD1 1 
ATOM   739  N N   . LEU A 1 90 ? 9.829   -6.371  8.119   1.00 22.67 ? 91  LEU A N   1 
ATOM   740  C CA  . LEU A 1 90 ? 10.120  -4.966  8.403   1.00 23.74 ? 91  LEU A CA  1 
ATOM   741  C C   . LEU A 1 90 ? 11.308  -4.772  9.351   1.00 29.47 ? 91  LEU A C   1 
ATOM   742  O O   . LEU A 1 90 ? 11.665  -3.628  9.696   1.00 28.82 ? 91  LEU A O   1 
ATOM   743  C CB  . LEU A 1 90 ? 8.858   -4.290  8.954   1.00 23.15 ? 91  LEU A CB  1 
ATOM   744  C CG  . LEU A 1 90 ? 7.663   -4.221  8.008   1.00 22.14 ? 91  LEU A CG  1 
ATOM   745  C CD1 . LEU A 1 90 ? 6.533   -3.479  8.714   1.00 21.16 ? 91  LEU A CD1 1 
ATOM   746  C CD2 . LEU A 1 90 ? 7.980   -3.547  6.676   1.00 23.11 ? 91  LEU A CD2 1 
ATOM   747  N N   . THR A 1 91 ? 11.933  -5.883  9.761   1.00 31.02 ? 92  THR A N   1 
ATOM   748  C CA  . THR A 1 91 ? 13.069  -5.828  10.693  1.00 35.08 ? 92  THR A CA  1 
ATOM   749  C C   . THR A 1 91 ? 14.432  -5.694  10.004  1.00 36.87 ? 92  THR A C   1 
ATOM   750  O O   . THR A 1 91 ? 14.669  -6.317  8.972   1.00 41.66 ? 92  THR A O   1 
ATOM   751  C CB  . THR A 1 91 ? 13.055  -7.025  11.661  1.00 35.86 ? 92  THR A CB  1 
ATOM   752  O OG1 . THR A 1 91 ? 11.838  -7.002  12.418  1.00 36.69 ? 92  THR A OG1 1 
ATOM   753  C CG2 . THR A 1 91 ? 14.236  -6.953  12.632  1.00 37.05 ? 92  THR A CG2 1 
ATOM   754  N N   . GLY B 1 1  ? -12.024 13.318  9.200   1.00 30.46 ? 2   GLY B N   1 
ATOM   755  C CA  . GLY B 1 1  ? -10.668 13.795  8.782   1.00 27.15 ? 2   GLY B CA  1 
ATOM   756  C C   . GLY B 1 1  ? -10.666 14.368  7.392   1.00 26.64 ? 2   GLY B C   1 
ATOM   757  O O   . GLY B 1 1  ? -11.155 13.739  6.447   1.00 27.69 ? 2   GLY B O   1 
ATOM   758  N N   . VAL B 1 2  ? -10.105 15.579  7.266   1.00 29.24 ? 3   VAL B N   1 
ATOM   759  C CA  . VAL B 1 2  ? -9.965  16.261  5.976   1.00 28.21 ? 3   VAL B CA  1 
ATOM   760  C C   . VAL B 1 2  ? -8.494  16.587  5.695   1.00 31.01 ? 3   VAL B C   1 
ATOM   761  O O   . VAL B 1 2  ? -8.172  17.577  5.051   1.00 31.92 ? 3   VAL B O   1 
ATOM   762  C CB  . VAL B 1 2  ? -10.768 17.580  5.924   1.00 25.67 ? 3   VAL B CB  1 
ATOM   763  C CG1 . VAL B 1 2  ? -12.269 17.296  5.809   1.00 29.86 ? 3   VAL B CG1 1 
ATOM   764  C CG2 . VAL B 1 2  ? -10.452 18.432  7.145   1.00 27.85 ? 3   VAL B CG2 1 
ATOM   765  N N   . SER B 1 3  ? -7.591  15.758  6.195   1.00 30.11 ? 4   SER B N   1 
ATOM   766  C CA  . SER B 1 3  ? -6.181  15.887  5.778   1.00 32.70 ? 4   SER B CA  1 
ATOM   767  C C   . SER B 1 3  ? -6.066  15.776  4.260   1.00 32.56 ? 4   SER B C   1 
ATOM   768  O O   . SER B 1 3  ? -6.763  14.981  3.624   1.00 35.50 ? 4   SER B O   1 
ATOM   769  C CB  . SER B 1 3  ? -5.317  14.818  6.442   1.00 31.44 ? 4   SER B CB  1 
ATOM   770  O OG  . SER B 1 3  ? -4.067  14.742  5.768   1.00 32.67 ? 4   SER B OG  1 
ATOM   771  N N   . GLY B 1 4  ? -5.201  16.593  3.673   1.00 34.05 ? 5   GLY B N   1 
ATOM   772  C CA  . GLY B 1 4  ? -5.009  16.567  2.232   1.00 34.46 ? 5   GLY B CA  1 
ATOM   773  C C   . GLY B 1 4  ? -3.977  15.528  1.822   1.00 38.32 ? 5   GLY B C   1 
ATOM   774  O O   . GLY B 1 4  ? -3.772  15.285  0.633   1.00 41.67 ? 5   GLY B O   1 
ATOM   775  N N   . SER B 1 5  ? -3.337  14.902  2.810   1.00 36.12 ? 6   SER B N   1 
ATOM   776  C CA  . SER B 1 5  ? -2.270  13.930  2.553   1.00 34.14 ? 6   SER B CA  1 
ATOM   777  C C   . SER B 1 5  ? -2.591  12.486  2.994   1.00 34.87 ? 6   SER B C   1 
ATOM   778  O O   . SER B 1 5  ? -1.688  11.738  3.397   1.00 32.41 ? 6   SER B O   1 
ATOM   779  C CB  . SER B 1 5  ? -0.973  14.429  3.201   1.00 32.97 ? 6   SER B CB  1 
ATOM   780  O OG  . SER B 1 5  ? -1.152  14.691  4.580   1.00 34.57 ? 6   SER B OG  1 
ATOM   781  N N   . LYS B 1 6  ? -3.863  12.089  2.898   1.00 33.09 ? 7   LYS B N   1 
ATOM   782  C CA  . LYS B 1 6  ? -4.280  10.744  3.319   1.00 33.29 ? 7   LYS B CA  1 
ATOM   783  C C   . LYS B 1 6  ? -3.658  9.648   2.457   1.00 33.45 ? 7   LYS B C   1 
ATOM   784  O O   . LYS B 1 6  ? -3.854  9.611   1.238   1.00 32.59 ? 7   LYS B O   1 
ATOM   785  C CB  . LYS B 1 6  ? -5.814  10.594  3.294   1.00 35.24 ? 7   LYS B CB  1 
ATOM   786  C CG  . LYS B 1 6  ? -6.547  11.472  4.285   1.00 34.21 ? 7   LYS B CG  1 
ATOM   787  C CD  . LYS B 1 6  ? -8.038  11.218  4.226   1.00 34.35 ? 7   LYS B CD  1 
ATOM   788  C CE  . LYS B 1 6  ? -8.762  12.204  5.131   1.00 35.83 ? 7   LYS B CE  1 
ATOM   789  N NZ  . LYS B 1 6  ? -10.213 12.249  4.810   1.00 38.20 ? 7   LYS B NZ  1 
ATOM   790  N N   . GLY B 1 7  ? -2.910  8.747   3.090   1.00 29.00 ? 8   GLY B N   1 
ATOM   791  C CA  . GLY B 1 7  ? -2.347  7.605   2.361   1.00 27.88 ? 8   GLY B CA  1 
ATOM   792  C C   . GLY B 1 7  ? -0.953  7.839   1.843   1.00 25.37 ? 8   GLY B C   1 
ATOM   793  O O   . GLY B 1 7  ? -0.264  6.911   1.423   1.00 25.28 ? 8   GLY B O   1 
ATOM   794  N N   . GLN B 1 8  ? -0.525  9.088   1.902   1.00 23.78 ? 9   GLN B N   1 
ATOM   795  C CA  . GLN B 1 8  ? 0.722   9.499   1.298   1.00 24.74 ? 9   GLN B CA  1 
ATOM   796  C C   . GLN B 1 8  ? 1.917   8.826   1.962   1.00 23.47 ? 9   GLN B C   1 
ATOM   797  O O   . GLN B 1 8  ? 2.797   8.340   1.275   1.00 22.14 ? 9   GLN B O   1 
ATOM   798  C CB  . GLN B 1 8  ? 0.803   11.008  1.394   1.00 28.75 ? 9   GLN B CB  1 
ATOM   799  C CG  . GLN B 1 8  ? 2.107   11.650  1.023   1.00 27.95 ? 9   GLN B CG  1 
ATOM   800  C CD  . GLN B 1 8  ? 1.969   13.145  1.139   1.00 28.31 ? 9   GLN B CD  1 
ATOM   801  O OE1 . GLN B 1 8  ? 1.233   13.764  0.364   1.00 28.81 ? 9   GLN B OE1 1 
ATOM   802  N NE2 . GLN B 1 8  ? 2.647   13.733  2.107   1.00 29.42 ? 9   GLN B NE2 1 
ATOM   803  N N   . LYS B 1 9  ? 1.925   8.777   3.290   1.00 23.59 ? 10  LYS B N   1 
ATOM   804  C CA  . LYS B 1 9  ? 3.019   8.127   4.037   1.00 21.05 ? 10  LYS B CA  1 
ATOM   805  C C   . LYS B 1 9  ? 3.111   6.623   3.689   1.00 20.77 ? 10  LYS B C   1 
ATOM   806  O O   . LYS B 1 9  ? 4.213   6.057   3.481   1.00 19.01 ? 10  LYS B O   1 
ATOM   807  C CB  . LYS B 1 9  ? 2.827   8.322   5.537   1.00 21.71 ? 10  LYS B CB  1 
ATOM   808  C CG  . LYS B 1 9  ? 4.052   7.871   6.328   1.00 21.86 ? 10  LYS B CG  1 
ATOM   809  C CD  . LYS B 1 9  ? 3.889   8.073   7.829   1.00 23.45 ? 10  LYS B CD  1 
ATOM   810  C CE  . LYS B 1 9  ? 5.120   7.574   8.573   1.00 25.81 ? 10  LYS B CE  1 
ATOM   811  N NZ  . LYS B 1 9  ? 5.198   8.273   9.887   1.00 28.74 ? 10  LYS B NZ  1 
ATOM   812  N N   . LEU B 1 10 ? 1.957   5.971   3.607   1.00 18.58 ? 11  LEU B N   1 
ATOM   813  C CA  . LEU B 1 10 ? 1.936   4.567   3.261   1.00 19.40 ? 11  LEU B CA  1 
ATOM   814  C C   . LEU B 1 10 ? 2.438   4.382   1.836   1.00 18.41 ? 11  LEU B C   1 
ATOM   815  O O   . LEU B 1 10 ? 3.296   3.512   1.568   1.00 18.18 ? 11  LEU B O   1 
ATOM   816  C CB  . LEU B 1 10 ? 0.558   3.945   3.493   1.00 19.80 ? 11  LEU B CB  1 
ATOM   817  C CG  . LEU B 1 10 ? 0.504   2.439   3.253   1.00 19.21 ? 11  LEU B CG  1 
ATOM   818  C CD1 . LEU B 1 10 ? 1.637   1.724   4.004   1.00 18.54 ? 11  LEU B CD1 1 
ATOM   819  C CD2 . LEU B 1 10 ? -0.843  1.907   3.719   1.00 19.99 ? 11  LEU B CD2 1 
ATOM   820  N N   . PHE B 1 11 ? 1.960   5.226   0.917   1.00 19.47 ? 12  PHE B N   1 
ATOM   821  C CA  . PHE B 1 11 ? 2.451   5.120   -0.447  1.00 20.68 ? 12  PHE B CA  1 
ATOM   822  C C   . PHE B 1 11 ? 3.949   5.302   -0.598  1.00 20.56 ? 12  PHE B C   1 
ATOM   823  O O   . PHE B 1 11 ? 4.598   4.475   -1.246  1.00 19.86 ? 12  PHE B O   1 
ATOM   824  C CB  . PHE B 1 11 ? 1.775   6.168   -1.341  1.00 21.96 ? 12  PHE B CB  1 
ATOM   825  C CG  . PHE B 1 11 ? 2.331   6.163   -2.735  1.00 22.73 ? 12  PHE B CG  1 
ATOM   826  C CD1 . PHE B 1 11 ? 1.897   5.203   -3.636  1.00 25.18 ? 12  PHE B CD1 1 
ATOM   827  C CD2 . PHE B 1 11 ? 3.364   7.031   -3.090  1.00 24.91 ? 12  PHE B CD2 1 
ATOM   828  C CE1 . PHE B 1 11 ? 2.428   5.149   -4.914  1.00 26.04 ? 12  PHE B CE1 1 
ATOM   829  C CE2 . PHE B 1 11 ? 3.905   6.980   -4.364  1.00 26.01 ? 12  PHE B CE2 1 
ATOM   830  C CZ  . PHE B 1 11 ? 3.425   6.041   -5.273  1.00 27.05 ? 12  PHE B CZ  1 
ATOM   831  N N   . VAL B 1 12 ? 4.483   6.374   -0.030  1.00 18.65 ? 13  VAL B N   1 
ATOM   832  C CA  . VAL B 1 12 ? 5.901   6.666   -0.078  1.00 20.13 ? 13  VAL B CA  1 
ATOM   833  C C   . VAL B 1 12 ? 6.638   5.443   0.472   1.00 18.88 ? 13  VAL B C   1 
ATOM   834  O O   . VAL B 1 12 ? 7.591   4.967   -0.156  1.00 19.75 ? 13  VAL B O   1 
ATOM   835  C CB  . VAL B 1 12 ? 6.233   7.953   0.695   1.00 21.76 ? 13  VAL B CB  1 
ATOM   836  C CG1 . VAL B 1 12 ? 7.730   8.097   0.973   1.00 23.28 ? 13  VAL B CG1 1 
ATOM   837  C CG2 . VAL B 1 12 ? 5.583   9.171   0.013   1.00 25.32 ? 13  VAL B CG2 1 
ATOM   838  N N   . SER B 1 13 ? 6.142   4.867   1.566   1.00 17.57 ? 14  SER B N   1 
ATOM   839  C CA  . SER B 1 13 ? 6.888   3.767   2.211   1.00 17.39 ? 14  SER B CA  1 
ATOM   840  C C   . SER B 1 13 ? 6.892   2.533   1.330   1.00 16.67 ? 14  SER B C   1 
ATOM   841  O O   . SER B 1 13 ? 7.890   1.815   1.264   1.00 16.42 ? 14  SER B O   1 
ATOM   842  C CB  . SER B 1 13 ? 6.327   3.457   3.623   1.00 16.57 ? 14  SER B CB  1 
ATOM   843  O OG  . SER B 1 13 ? 5.081   2.781   3.541   1.00 18.93 ? 14  SER B OG  1 
ATOM   844  N N   . VAL B 1 14 ? 5.774   2.206   0.689   1.00 15.47 ? 15  VAL B N   1 
ATOM   845  C CA  . VAL B 1 14 ? 5.760   1.027   -0.156  1.00 15.65 ? 15  VAL B CA  1 
ATOM   846  C C   . VAL B 1 14 ? 6.563   1.280   -1.451  1.00 15.66 ? 15  VAL B C   1 
ATOM   847  O O   . VAL B 1 14 ? 7.286   0.412   -1.910  1.00 16.89 ? 15  VAL B O   1 
ATOM   848  C CB  . VAL B 1 14 ? 4.325   0.627   -0.525  1.00 16.93 ? 15  VAL B CB  1 
ATOM   849  C CG1 . VAL B 1 14 ? 4.342   -0.551  -1.489  1.00 18.02 ? 15  VAL B CG1 1 
ATOM   850  C CG2 . VAL B 1 14 ? 3.570   0.269   0.765   1.00 18.18 ? 15  VAL B CG2 1 
ATOM   851  N N   . LEU B 1 15 ? 6.394   2.456   -2.053  1.00 16.90 ? 16  LEU B N   1 
ATOM   852  C CA  . LEU B 1 15 ? 7.158   2.774   -3.256  1.00 18.18 ? 16  LEU B CA  1 
ATOM   853  C C   . LEU B 1 15 ? 8.654   2.692   -2.955  1.00 18.10 ? 16  LEU B C   1 
ATOM   854  O O   . LEU B 1 15 ? 9.448   2.143   -3.749  1.00 17.97 ? 16  LEU B O   1 
ATOM   855  C CB  . LEU B 1 15 ? 6.805   4.203   -3.721  1.00 19.87 ? 16  LEU B CB  1 
ATOM   856  C CG  . LEU B 1 15 ? 7.582   4.639   -4.966  1.00 19.44 ? 16  LEU B CG  1 
ATOM   857  C CD1 . LEU B 1 15 ? 7.043   3.841   -6.141  1.00 21.14 ? 16  LEU B CD1 1 
ATOM   858  C CD2 . LEU B 1 15 ? 7.361   6.120   -5.223  1.00 20.53 ? 16  LEU B CD2 1 
ATOM   859  N N   A GLN B 1 16 ? 9.065   3.237   -1.826  0.50 18.59 ? 17  GLN B N   1 
ATOM   860  N N   B GLN B 1 16 ? 9.054   3.243   -1.805  0.50 18.98 ? 17  GLN B N   1 
ATOM   861  C CA  A GLN B 1 16 ? 10.504  3.285   -1.583  0.50 20.33 ? 17  GLN B CA  1 
ATOM   862  C CA  B GLN B 1 16 ? 10.483  3.251   -1.405  0.50 21.21 ? 17  GLN B CA  1 
ATOM   863  C C   A GLN B 1 16 ? 11.068  1.864   -1.321  0.50 19.36 ? 17  GLN B C   1 
ATOM   864  C C   B GLN B 1 16 ? 11.027  1.847   -1.372  0.50 19.59 ? 17  GLN B C   1 
ATOM   865  O O   A GLN B 1 16 ? 12.216  1.572   -1.699  0.50 19.84 ? 17  GLN B O   1 
ATOM   866  O O   B GLN B 1 16 ? 12.121  1.568   -1.886  0.50 20.13 ? 17  GLN B O   1 
ATOM   867  C CB  A GLN B 1 16 ? 10.844  4.335   -0.513  0.50 21.65 ? 17  GLN B CB  1 
ATOM   868  C CB  B GLN B 1 16 ? 10.691  3.879   -0.015  0.50 22.83 ? 17  GLN B CB  1 
ATOM   869  C CG  A GLN B 1 16 ? 10.327  5.747   -0.841  0.50 23.60 ? 17  GLN B CG  1 
ATOM   870  C CG  B GLN B 1 16 ? 11.052  5.355   -0.062  0.50 26.62 ? 17  GLN B CG  1 
ATOM   871  C CD  A GLN B 1 16 ? 10.868  6.828   0.098   0.50 25.94 ? 17  GLN B CD  1 
ATOM   872  C CD  B GLN B 1 16 ? 11.267  5.846   -1.474  0.50 28.46 ? 17  GLN B CD  1 
ATOM   873  O OE1 A GLN B 1 16 ? 11.094  6.586   1.297   0.50 28.20 ? 17  GLN B OE1 1 
ATOM   874  O OE1 B GLN B 1 16 ? 12.350  5.663   -2.070  0.50 28.73 ? 17  GLN B OE1 1 
ATOM   875  N NE2 A GLN B 1 16 ? 11.078  8.039   -0.447  0.50 26.24 ? 17  GLN B NE2 1 
ATOM   876  N NE2 B GLN B 1 16 ? 10.238  6.474   -2.028  0.50 25.67 ? 17  GLN B NE2 1 
ATOM   877  N N   . ARG B 1 17 ? 10.270  0.970   -0.737  1.00 18.85 ? 18  ARG B N   1 
ATOM   878  C CA  . ARG B 1 17 ? 10.655  -0.428  -0.572  1.00 20.17 ? 18  ARG B CA  1 
ATOM   879  C C   . ARG B 1 17 ? 10.834  -1.085  -1.934  1.00 20.15 ? 18  ARG B C   1 
ATOM   880  O O   . ARG B 1 17 ? 11.894  -1.680  -2.213  1.00 20.34 ? 18  ARG B O   1 
ATOM   881  C CB  . ARG B 1 17 ? 9.621   -1.219  0.241   1.00 23.20 ? 18  ARG B CB  1 
ATOM   882  C CG  . ARG B 1 17 ? 9.986   -2.686  0.423   1.00 23.87 ? 18  ARG B CG  1 
ATOM   883  C CD  . ARG B 1 17 ? 9.086   -3.349  1.461   1.00 27.01 ? 18  ARG B CD  1 
ATOM   884  N NE  . ARG B 1 17 ? 9.547   -2.894  2.767   1.00 31.47 ? 18  ARG B NE  1 
ATOM   885  C CZ  . ARG B 1 17 ? 10.419  -3.558  3.511   1.00 31.33 ? 18  ARG B CZ  1 
ATOM   886  N NH1 . ARG B 1 17 ? 10.870  -4.747  3.113   1.00 31.14 ? 18  ARG B NH1 1 
ATOM   887  N NH2 . ARG B 1 17 ? 10.822  -3.036  4.658   1.00 33.65 ? 18  ARG B NH2 1 
ATOM   888  N N   . LEU B 1 18 ? 9.821   -0.946  -2.795  1.00 18.45 ? 19  LEU B N   1 
ATOM   889  C CA  . LEU B 1 18 ? 9.896   -1.612  -4.086  1.00 17.38 ? 19  LEU B CA  1 
ATOM   890  C C   . LEU B 1 18 ? 11.026  -1.096  -4.950  1.00 17.43 ? 19  LEU B C   1 
ATOM   891  O O   . LEU B 1 18 ? 11.666  -1.882  -5.647  1.00 18.05 ? 19  LEU B O   1 
ATOM   892  C CB  . LEU B 1 18 ? 8.565   -1.454  -4.829  1.00 17.80 ? 19  LEU B CB  1 
ATOM   893  C CG  . LEU B 1 18 ? 7.348   -2.099  -4.170  1.00 19.96 ? 19  LEU B CG  1 
ATOM   894  C CD1 . LEU B 1 18 ? 6.125   -1.623  -4.956  1.00 22.64 ? 19  LEU B CD1 1 
ATOM   895  C CD2 . LEU B 1 18 ? 7.426   -3.621  -4.142  1.00 24.02 ? 19  LEU B CD2 1 
ATOM   896  N N   . LEU B 1 19 ? 11.256  0.216   -4.949  1.00 16.93 ? 20  LEU B N   1 
ATOM   897  C CA  . LEU B 1 19 ? 12.302  0.806   -5.802  1.00 16.77 ? 20  LEU B CA  1 
ATOM   898  C C   . LEU B 1 19 ? 13.685  0.509   -5.258  1.00 19.40 ? 20  LEU B C   1 
ATOM   899  O O   . LEU B 1 19 ? 14.616  0.257   -6.021  1.00 18.48 ? 20  LEU B O   1 
ATOM   900  C CB  . LEU B 1 19 ? 12.094  2.299   -5.951  1.00 17.51 ? 20  LEU B CB  1 
ATOM   901  C CG  . LEU B 1 19 ? 10.909  2.777   -6.814  1.00 19.15 ? 20  LEU B CG  1 
ATOM   902  C CD1 . LEU B 1 19 ? 10.920  4.289   -6.958  1.00 19.77 ? 20  LEU B CD1 1 
ATOM   903  C CD2 . LEU B 1 19 ? 10.916  2.141   -8.202  1.00 20.36 ? 20  LEU B CD2 1 
ATOM   904  N N   . SER B 1 20 ? 13.842  0.619   -3.937  1.00 18.92 ? 21  SER B N   1 
ATOM   905  C CA  . SER B 1 20 ? 15.187  0.379   -3.347  1.00 22.06 ? 21  SER B CA  1 
ATOM   906  C C   . SER B 1 20 ? 15.681  -1.040  -3.576  1.00 22.33 ? 21  SER B C   1 
ATOM   907  O O   . SER B 1 20 ? 16.895  -1.252  -3.745  1.00 22.41 ? 21  SER B O   1 
ATOM   908  C CB  . SER B 1 20 ? 15.232  0.722   -1.839  1.00 23.29 ? 21  SER B CB  1 
ATOM   909  O OG  . SER B 1 20 ? 14.428  -0.179  -1.111  1.00 26.06 ? 21  SER B OG  1 
ATOM   910  N N   . GLU B 1 21 ? 14.808  -2.028  -3.664  1.00 21.91 ? 22  GLU B N   1 
ATOM   911  C CA  . GLU B 1 21 ? 15.339  -3.369  -3.876  1.00 25.89 ? 22  GLU B CA  1 
ATOM   912  C C   . GLU B 1 21 ? 15.740  -3.596  -5.340  1.00 25.39 ? 22  GLU B C   1 
ATOM   913  O O   . GLU B 1 21 ? 16.321  -4.644  -5.669  1.00 27.47 ? 22  GLU B O   1 
ATOM   914  C CB  . GLU B 1 21 ? 14.429  -4.464  -3.354  1.00 31.30 ? 22  GLU B CB  1 
ATOM   915  C CG  . GLU B 1 21 ? 13.061  -4.479  -3.960  1.00 35.76 ? 22  GLU B CG  1 
ATOM   916  C CD  . GLU B 1 21 ? 12.045  -5.202  -3.083  1.00 38.82 ? 22  GLU B CD  1 
ATOM   917  O OE1 . GLU B 1 21 ? 12.429  -5.702  -1.996  1.00 41.76 ? 22  GLU B OE1 1 
ATOM   918  O OE2 . GLU B 1 21 ? 10.858  -5.252  -3.471  1.00 39.23 ? 22  GLU B OE2 1 
ATOM   919  N N   . ARG B 1 22 ? 15.439  -2.614  -6.192  1.00 23.35 ? 23  ARG B N   1 
ATOM   920  C CA  . ARG B 1 22 ? 15.986  -2.574  -7.569  1.00 22.57 ? 23  ARG B CA  1 
ATOM   921  C C   . ARG B 1 22 ? 17.134  -1.571  -7.714  1.00 21.71 ? 23  ARG B C   1 
ATOM   922  O O   . ARG B 1 22 ? 17.524  -1.224  -8.836  1.00 18.54 ? 23  ARG B O   1 
ATOM   923  C CB  . ARG B 1 22 ? 14.905  -2.202  -8.597  1.00 22.69 ? 23  ARG B CB  1 
ATOM   924  C CG  . ARG B 1 22 ? 14.027  -3.359  -9.022  1.00 28.42 ? 23  ARG B CG  1 
ATOM   925  C CD  . ARG B 1 22 ? 12.752  -3.425  -8.242  1.00 31.14 ? 23  ARG B CD  1 
ATOM   926  N NE  . ARG B 1 22 ? 12.230  -4.793  -8.281  1.00 31.59 ? 23  ARG B NE  1 
ATOM   927  C CZ  . ARG B 1 22 ? 11.517  -5.354  -7.310  1.00 33.21 ? 23  ARG B CZ  1 
ATOM   928  N NH1 . ARG B 1 22 ? 11.187  -4.652  -6.213  1.00 28.11 ? 23  ARG B NH1 1 
ATOM   929  N NH2 . ARG B 1 22 ? 11.112  -6.611  -7.466  1.00 31.61 ? 23  ARG B NH2 1 
ATOM   930  N N   . GLY B 1 23 ? 17.613  -1.030  -6.585  1.00 21.16 ? 24  GLY B N   1 
ATOM   931  C CA  . GLY B 1 23 ? 18.707  -0.059  -6.603  1.00 18.74 ? 24  GLY B CA  1 
ATOM   932  C C   . GLY B 1 23 ? 18.391  1.390   -6.949  1.00 18.80 ? 24  GLY B C   1 
ATOM   933  O O   . GLY B 1 23 ? 19.281  2.183   -7.297  1.00 19.90 ? 24  GLY B O   1 
ATOM   934  N N   . LEU B 1 24 ? 17.099  1.729   -6.950  1.00 16.90 ? 25  LEU B N   1 
ATOM   935  C CA  . LEU B 1 24 ? 16.689  3.088   -7.283  1.00 17.32 ? 25  LEU B CA  1 
ATOM   936  C C   . LEU B 1 24 ? 16.064  3.787   -6.087  1.00 18.15 ? 25  LEU B C   1 
ATOM   937  O O   . LEU B 1 24 ? 15.300  3.205   -5.337  1.00 20.13 ? 25  LEU B O   1 
ATOM   938  C CB  . LEU B 1 24 ? 15.695  3.113   -8.437  1.00 18.41 ? 25  LEU B CB  1 
ATOM   939  C CG  . LEU B 1 24 ? 16.189  2.495   -9.732  1.00 19.00 ? 25  LEU B CG  1 
ATOM   940  C CD1 . LEU B 1 24 ? 14.979  2.338   -10.651 1.00 20.91 ? 25  LEU B CD1 1 
ATOM   941  C CD2 . LEU B 1 24 ? 17.249  3.358   -10.389 1.00 19.45 ? 25  LEU B CD2 1 
ATOM   942  N N   . HIS B 1 25 ? 16.442  5.056   -5.917  1.00 18.46 ? 26  HIS B N   1 
ATOM   943  C CA  . HIS B 1 25 ? 16.065  5.792   -4.691  1.00 19.44 ? 26  HIS B CA  1 
ATOM   944  C C   . HIS B 1 25 ? 15.471  7.083   -5.075  1.00 20.07 ? 26  HIS B C   1 
ATOM   945  O O   . HIS B 1 25 ? 15.997  7.798   -5.910  1.00 18.20 ? 26  HIS B O   1 
ATOM   946  C CB  . HIS B 1 25 ? 17.279  6.001   -3.777  1.00 18.84 ? 26  HIS B CB  1 
ATOM   947  C CG  . HIS B 1 25 ? 17.859  4.717   -3.328  1.00 17.02 ? 26  HIS B CG  1 
ATOM   948  N ND1 . HIS B 1 25 ? 17.437  4.072   -2.232  1.00 18.36 ? 26  HIS B ND1 1 
ATOM   949  C CD2 . HIS B 1 25 ? 18.791  3.883   -3.948  1.00 17.92 ? 26  HIS B CD2 1 
ATOM   950  C CE1 . HIS B 1 25 ? 18.114  2.910   -2.114  1.00 18.51 ? 26  HIS B CE1 1 
ATOM   951  N NE2 . HIS B 1 25 ? 18.926  2.803   -3.169  1.00 18.49 ? 26  HIS B NE2 1 
ATOM   952  N N   . VAL B 1 26 ? 14.300  7.373   -4.496  1.00 20.45 ? 27  VAL B N   1 
ATOM   953  C CA  . VAL B 1 26 ? 13.600  8.590   -4.828  1.00 19.98 ? 27  VAL B CA  1 
ATOM   954  C C   . VAL B 1 26 ? 13.580  9.467   -3.562  1.00 16.91 ? 27  VAL B C   1 
ATOM   955  O O   . VAL B 1 26 ? 13.261  8.943   -2.507  1.00 19.68 ? 27  VAL B O   1 
ATOM   956  C CB  . VAL B 1 26 ? 12.165  8.179   -5.276  1.00 20.46 ? 27  VAL B CB  1 
ATOM   957  C CG1 . VAL B 1 26 ? 11.266  9.358   -5.455  1.00 20.30 ? 27  VAL B CG1 1 
ATOM   958  C CG2 . VAL B 1 26 ? 12.281  7.448   -6.617  1.00 23.97 ? 27  VAL B CG2 1 
ATOM   959  N N   . LYS B 1 27 ? 13.845  10.763  -3.700  1.00 18.33 ? 28  LYS B N   1 
ATOM   960  C CA  . LYS B 1 27 ? 13.623  11.756  -2.638  1.00 19.47 ? 28  LYS B CA  1 
ATOM   961  C C   . LYS B 1 27 ? 12.179  11.664  -2.136  1.00 18.35 ? 28  LYS B C   1 
ATOM   962  O O   . LYS B 1 27 ? 11.264  11.503  -2.949  1.00 18.83 ? 28  LYS B O   1 
ATOM   963  C CB  . LYS B 1 27 ? 13.860  13.163  -3.206  1.00 23.94 ? 28  LYS B CB  1 
ATOM   964  C CG  . LYS B 1 27 ? 14.419  14.174  -2.250  1.00 29.14 ? 28  LYS B CG  1 
ATOM   965  C CD  . LYS B 1 27 ? 14.947  15.353  -3.047  1.00 26.88 ? 28  LYS B CD  1 
ATOM   966  C CE  . LYS B 1 27 ? 15.353  16.455  -2.099  1.00 29.62 ? 28  LYS B CE  1 
ATOM   967  N NZ  . LYS B 1 27 ? 15.270  17.795  -2.761  1.00 31.26 ? 28  LYS B NZ  1 
ATOM   968  N N   . GLU B 1 28 ? 11.993  11.721  -0.816  1.00 17.64 ? 29  GLU B N   1 
ATOM   969  C CA  . GLU B 1 28 ? 10.642  11.786  -0.232  1.00 19.13 ? 29  GLU B CA  1 
ATOM   970  C C   . GLU B 1 28 ? 9.716   12.781  -0.958  1.00 18.99 ? 29  GLU B C   1 
ATOM   971  O O   . GLU B 1 28 ? 8.596   12.405  -1.369  1.00 17.69 ? 29  GLU B O   1 
ATOM   972  C CB  . GLU B 1 28 ? 10.681  12.118  1.260   1.00 20.27 ? 29  GLU B CB  1 
ATOM   973  C CG  . GLU B 1 28 ? 9.330   11.911  1.935   1.00 23.18 ? 29  GLU B CG  1 
ATOM   974  C CD  . GLU B 1 28 ? 9.349   12.262  3.407   1.00 25.26 ? 29  GLU B CD  1 
ATOM   975  O OE1 . GLU B 1 28 ? 9.373   11.330  4.222   1.00 28.48 ? 29  GLU B OE1 1 
ATOM   976  O OE2 . GLU B 1 28 ? 9.330   13.459  3.757   1.00 28.74 ? 29  GLU B OE2 1 
ATOM   977  N N   . SER B 1 29 ? 10.180  14.015  -1.150  1.00 19.28 ? 30  SER B N   1 
ATOM   978  C CA  . SER B 1 29 ? 9.360   15.031  -1.829  1.00 19.66 ? 30  SER B CA  1 
ATOM   979  C C   . SER B 1 29 ? 8.936   14.611  -3.247  1.00 19.69 ? 30  SER B C   1 
ATOM   980  O O   . SER B 1 29 ? 7.805   14.832  -3.686  1.00 20.25 ? 30  SER B O   1 
ATOM   981  C CB  . SER B 1 29 ? 10.081  16.387  -1.836  1.00 20.75 ? 30  SER B CB  1 
ATOM   982  O OG  . SER B 1 29 ? 11.314  16.304  -2.563  1.00 21.62 ? 30  SER B OG  1 
ATOM   983  N N   . SER B 1 30 ? 9.836   13.948  -3.956  1.00 17.99 ? 31  SER B N   1 
ATOM   984  C CA  A SER B 1 30 ? 9.540   13.428  -5.286  0.50 17.43 ? 31  SER B CA  1 
ATOM   985  C CA  B SER B 1 30 ? 9.547   13.439  -5.279  0.50 17.96 ? 31  SER B CA  1 
ATOM   986  C C   . SER B 1 30 ? 8.538   12.277  -5.253  1.00 16.27 ? 31  SER B C   1 
ATOM   987  O O   . SER B 1 30 ? 7.703   12.133  -6.154  1.00 16.97 ? 31  SER B O   1 
ATOM   988  C CB  A SER B 1 30 ? 10.819  12.981  -5.979  0.50 16.64 ? 31  SER B CB  1 
ATOM   989  C CB  B SER B 1 30 ? 10.837  12.995  -5.944  0.50 17.93 ? 31  SER B CB  1 
ATOM   990  O OG  A SER B 1 30 ? 11.652  14.101  -6.189  0.50 18.49 ? 31  SER B OG  1 
ATOM   991  O OG  B SER B 1 30 ? 10.553  12.444  -7.196  0.50 22.78 ? 31  SER B OG  1 
ATOM   992  N N   . ALA B 1 31 ? 8.602   11.437  -4.215  1.00 15.77 ? 32  ALA B N   1 
ATOM   993  C CA  . ALA B 1 31 ? 7.670   10.328  -4.109  1.00 15.77 ? 32  ALA B CA  1 
ATOM   994  C C   . ALA B 1 31 ? 6.264   10.884  -3.770  1.00 15.89 ? 32  ALA B C   1 
ATOM   995  O O   . ALA B 1 31 ? 5.268   10.391  -4.289  1.00 16.03 ? 32  ALA B O   1 
ATOM   996  C CB  . ALA B 1 31 ? 8.156   9.321   -3.049  1.00 16.84 ? 32  ALA B CB  1 
ATOM   997  N N   . ILE B 1 32 ? 6.227   11.915  -2.924  1.00 16.67 ? 33  ILE B N   1 
ATOM   998  C CA  . ILE B 1 32 ? 4.966   12.576  -2.558  1.00 16.15 ? 33  ILE B CA  1 
ATOM   999  C C   . ILE B 1 32 ? 4.363   13.210  -3.834  1.00 16.70 ? 33  ILE B C   1 
ATOM   1000 O O   . ILE B 1 32 ? 3.170   13.084  -4.068  1.00 15.87 ? 33  ILE B O   1 
ATOM   1001 C CB  . ILE B 1 32 ? 5.165   13.630  -1.452  1.00 16.76 ? 33  ILE B CB  1 
ATOM   1002 C CG1 . ILE B 1 32 ? 5.449   12.935  -0.123  1.00 18.08 ? 33  ILE B CG1 1 
ATOM   1003 C CG2 . ILE B 1 32 ? 3.915   14.531  -1.315  1.00 17.58 ? 33  ILE B CG2 1 
ATOM   1004 C CD1 . ILE B 1 32 ? 5.986   13.815  1.004   1.00 17.52 ? 33  ILE B CD1 1 
ATOM   1005 N N   . GLU B 1 33 ? 5.184   13.901  -4.628  1.00 18.63 ? 34  GLU B N   1 
ATOM   1006 C CA  . GLU B 1 33 ? 4.691   14.535  -5.875  1.00 19.06 ? 34  GLU B CA  1 
ATOM   1007 C C   . GLU B 1 33 ? 4.120   13.486  -6.839  1.00 20.29 ? 34  GLU B C   1 
ATOM   1008 O O   . GLU B 1 33 ? 3.067   13.647  -7.455  1.00 19.13 ? 34  GLU B O   1 
ATOM   1009 C CB  . GLU B 1 33 ? 5.812   15.360  -6.504  1.00 21.19 ? 34  GLU B CB  1 
ATOM   1010 C CG  . GLU B 1 33 ? 5.367   16.291  -7.602  1.00 26.27 ? 34  GLU B CG  1 
ATOM   1011 C CD  . GLU B 1 33 ? 6.532   17.099  -8.154  1.00 27.83 ? 34  GLU B CD  1 
ATOM   1012 O OE1 . GLU B 1 33 ? 7.708   16.722  -7.917  1.00 29.34 ? 34  GLU B OE1 1 
ATOM   1013 O OE2 . GLU B 1 33 ? 6.260   18.106  -8.852  1.00 32.81 ? 34  GLU B OE2 1 
ATOM   1014 N N   . PHE B 1 34 ? 4.771   12.337  -6.893  1.00 15.69 ? 35  PHE B N   1 
ATOM   1015 C CA  . PHE B 1 34 ? 4.247   11.264  -7.682  1.00 15.68 ? 35  PHE B CA  1 
ATOM   1016 C C   . PHE B 1 34 ? 2.894   10.755  -7.176  1.00 16.81 ? 35  PHE B C   1 
ATOM   1017 O O   . PHE B 1 34 ? 2.000   10.499  -7.962  1.00 17.34 ? 35  PHE B O   1 
ATOM   1018 C CB  . PHE B 1 34 ? 5.217   10.085  -7.748  1.00 17.68 ? 35  PHE B CB  1 
ATOM   1019 C CG  . PHE B 1 34 ? 4.708   8.974   -8.608  1.00 16.33 ? 35  PHE B CG  1 
ATOM   1020 C CD1 . PHE B 1 34 ? 4.858   9.027   -9.988  1.00 17.15 ? 35  PHE B CD1 1 
ATOM   1021 C CD2 . PHE B 1 34 ? 4.093   7.849   -8.050  1.00 17.08 ? 35  PHE B CD2 1 
ATOM   1022 C CE1 . PHE B 1 34 ? 4.412   7.995   -10.772 1.00 17.45 ? 35  PHE B CE1 1 
ATOM   1023 C CE2 . PHE B 1 34 ? 3.630   6.807   -8.834  1.00 18.45 ? 35  PHE B CE2 1 
ATOM   1024 C CZ  . PHE B 1 34 ? 3.797   6.890   -10.213 1.00 17.34 ? 35  PHE B CZ  1 
ATOM   1025 N N   . TYR B 1 35 ? 2.764   10.567  -5.863  1.00 16.42 ? 36  TYR B N   1 
ATOM   1026 C CA  . TYR B 1 35 ? 1.505   10.107  -5.288  1.00 15.74 ? 36  TYR B CA  1 
ATOM   1027 C C   . TYR B 1 35 ? 0.376   11.090  -5.637  1.00 18.11 ? 36  TYR B C   1 
ATOM   1028 O O   . TYR B 1 35 ? -0.704  10.658  -6.055  1.00 18.90 ? 36  TYR B O   1 
ATOM   1029 C CB  . TYR B 1 35 ? 1.626   10.027  -3.772  1.00 16.92 ? 36  TYR B CB  1 
ATOM   1030 C CG  . TYR B 1 35 ? 0.363   9.589   -3.073  1.00 17.76 ? 36  TYR B CG  1 
ATOM   1031 C CD1 . TYR B 1 35 ? -0.187  8.345   -3.323  1.00 18.75 ? 36  TYR B CD1 1 
ATOM   1032 C CD2 . TYR B 1 35 ? -0.274  10.439  -2.167  1.00 20.89 ? 36  TYR B CD2 1 
ATOM   1033 C CE1 . TYR B 1 35 ? -1.351  7.934   -2.678  1.00 20.13 ? 36  TYR B CE1 1 
ATOM   1034 C CE2 . TYR B 1 35 ? -1.424  10.024  -1.512  1.00 21.32 ? 36  TYR B CE2 1 
ATOM   1035 C CZ  . TYR B 1 35 ? -1.962  8.800   -1.795  1.00 20.31 ? 36  TYR B CZ  1 
ATOM   1036 O OH  . TYR B 1 35 ? -3.101  8.442   -1.084  1.00 25.95 ? 36  TYR B OH  1 
ATOM   1037 N N   . GLN B 1 36 ? 0.639   12.368  -5.445  1.00 17.77 ? 37  GLN B N   1 
ATOM   1038 C CA  . GLN B 1 36 ? -0.414  13.377  -5.683  1.00 18.63 ? 37  GLN B CA  1 
ATOM   1039 C C   . GLN B 1 36 ? -0.831  13.390  -7.141  1.00 19.00 ? 37  GLN B C   1 
ATOM   1040 O O   . GLN B 1 36 ? -2.049  13.562  -7.461  1.00 20.12 ? 37  GLN B O   1 
ATOM   1041 C CB  . GLN B 1 36 ? 0.053   14.751  -5.190  1.00 19.02 ? 37  GLN B CB  1 
ATOM   1042 C CG  A GLN B 1 36 ? 0.156   14.899  -3.663  0.50 20.84 ? 37  GLN B CG  1 
ATOM   1043 C CG  B GLN B 1 36 ? 0.206   14.838  -3.681  0.50 22.72 ? 37  GLN B CG  1 
ATOM   1044 C CD  A GLN B 1 36 ? -1.172  14.737  -2.901  0.50 21.12 ? 37  GLN B CD  1 
ATOM   1045 C CD  B GLN B 1 36 ? 0.985   16.050  -3.220  0.50 24.59 ? 37  GLN B CD  1 
ATOM   1046 O OE1 A GLN B 1 36 ? -2.228  15.193  -3.342  0.50 23.04 ? 37  GLN B OE1 1 
ATOM   1047 O OE1 B GLN B 1 36 ? 1.511   16.818  -4.032  0.50 27.58 ? 37  GLN B OE1 1 
ATOM   1048 N NE2 A GLN B 1 36 ? -1.109  14.101  -1.732  0.50 22.19 ? 37  GLN B NE2 1 
ATOM   1049 N NE2 B GLN B 1 36 ? 1.083   16.221  -1.902  0.50 26.59 ? 37  GLN B NE2 1 
ATOM   1050 N N   . PHE B 1 37 ? 0.149   13.210  -8.035  1.00 18.06 ? 38  PHE B N   1 
ATOM   1051 C CA  . PHE B 1 37 ? -0.127  13.088  -9.472  1.00 18.28 ? 38  PHE B CA  1 
ATOM   1052 C C   . PHE B 1 37 ? -0.948  11.840  -9.744  1.00 18.76 ? 38  PHE B C   1 
ATOM   1053 O O   . PHE B 1 37 ? -1.973  11.898  -10.441 1.00 18.85 ? 38  PHE B O   1 
ATOM   1054 C CB  . PHE B 1 37 ? 1.193   13.088  -10.260 1.00 17.96 ? 38  PHE B CB  1 
ATOM   1055 C CG  . PHE B 1 37 ? 1.013   13.004  -11.729 1.00 21.14 ? 38  PHE B CG  1 
ATOM   1056 C CD1 . PHE B 1 37 ? 0.378   14.052  -12.423 1.00 20.87 ? 38  PHE B CD1 1 
ATOM   1057 C CD2 . PHE B 1 37 ? 1.507   11.916  -12.438 1.00 20.05 ? 38  PHE B CD2 1 
ATOM   1058 C CE1 . PHE B 1 37 ? 0.206   13.956  -13.805 1.00 21.46 ? 38  PHE B CE1 1 
ATOM   1059 C CE2 . PHE B 1 37 ? 1.343   11.814  -13.814 1.00 21.97 ? 38  PHE B CE2 1 
ATOM   1060 C CZ  . PHE B 1 37 ? 0.698   12.864  -14.508 1.00 21.37 ? 38  PHE B CZ  1 
ATOM   1061 N N   . LEU B 1 38 ? -0.540  10.692  -9.170  1.00 17.64 ? 39  LEU B N   1 
ATOM   1062 C CA  . LEU B 1 38 ? -1.293  9.447   -9.321  1.00 18.08 ? 39  LEU B CA  1 
ATOM   1063 C C   . LEU B 1 38 ? -2.750  9.576   -8.901  1.00 18.24 ? 39  LEU B C   1 
ATOM   1064 O O   . LEU B 1 38 ? -3.637  9.130   -9.607  1.00 21.02 ? 39  LEU B O   1 
ATOM   1065 C CB  . LEU B 1 38 ? -0.638  8.347   -8.479  1.00 20.72 ? 39  LEU B CB  1 
ATOM   1066 C CG  . LEU B 1 38 ? -1.316  6.984   -8.450  1.00 21.37 ? 39  LEU B CG  1 
ATOM   1067 C CD1 . LEU B 1 38 ? -1.340  6.359   -9.821  1.00 22.14 ? 39  LEU B CD1 1 
ATOM   1068 C CD2 . LEU B 1 38 ? -0.557  6.080   -7.474  1.00 20.09 ? 39  LEU B CD2 1 
ATOM   1069 N N   . ILE B 1 39 ? -3.020  10.162  -7.744  1.00 18.46 ? 40  ILE B N   1 
ATOM   1070 C CA  . ILE B 1 39 ? -4.400  10.184  -7.272  1.00 20.67 ? 40  ILE B CA  1 
ATOM   1071 C C   . ILE B 1 39 ? -5.191  11.265  -8.012  1.00 21.59 ? 40  ILE B C   1 
ATOM   1072 O O   . ILE B 1 39 ? -6.415  11.170  -8.056  1.00 22.87 ? 40  ILE B O   1 
ATOM   1073 C CB  . ILE B 1 39 ? -4.513  10.276  -5.740  1.00 21.42 ? 40  ILE B CB  1 
ATOM   1074 C CG1 . ILE B 1 39 ? -4.061  11.636  -5.220  1.00 19.56 ? 40  ILE B CG1 1 
ATOM   1075 C CG2 . ILE B 1 39 ? -3.718  9.142   -5.079  1.00 21.12 ? 40  ILE B CG2 1 
ATOM   1076 C CD1 . ILE B 1 39 ? -4.130  11.809  -3.707  1.00 22.27 ? 40  ILE B CD1 1 
ATOM   1077 N N   . LYS B 1 40 ? -4.501  12.239  -8.614  1.00 21.27 ? 41  LYS B N   1 
ATOM   1078 C CA  . LYS B 1 40 ? -5.166  13.228  -9.476  1.00 23.75 ? 41  LYS B CA  1 
ATOM   1079 C C   . LYS B 1 40 ? -5.680  12.583  -10.750 1.00 23.52 ? 41  LYS B C   1 
ATOM   1080 O O   . LYS B 1 40 ? -6.844  12.779  -11.131 1.00 28.14 ? 41  LYS B O   1 
ATOM   1081 C CB  . LYS B 1 40 ? -4.243  14.380  -9.814  1.00 23.73 ? 41  LYS B CB  1 
ATOM   1082 C CG  . LYS B 1 40 ? -4.889  15.451  -10.698 1.00 28.59 ? 41  LYS B CG  1 
ATOM   1083 C CD  . LYS B 1 40 ? -4.011  16.685  -10.785 1.00 30.40 ? 41  LYS B CD  1 
ATOM   1084 C CE  . LYS B 1 40 ? -3.000  16.574  -11.910 1.00 31.61 ? 41  LYS B CE  1 
ATOM   1085 N NZ  . LYS B 1 40 ? -1.999  17.697  -11.908 1.00 34.68 ? 41  LYS B NZ  1 
ATOM   1086 N N   . VAL B 1 41 ? -4.814  11.819  -11.415 1.00 22.36 ? 42  VAL B N   1 
ATOM   1087 C CA  . VAL B 1 41 ? -5.109  11.258  -12.707 1.00 21.15 ? 42  VAL B CA  1 
ATOM   1088 C C   . VAL B 1 41 ? -5.942  9.991   -12.567 1.00 22.22 ? 42  VAL B C   1 
ATOM   1089 O O   . VAL B 1 41 ? -6.815  9.721   -13.389 1.00 24.28 ? 42  VAL B O   1 
ATOM   1090 C CB  . VAL B 1 41 ? -3.784  10.966  -13.452 1.00 22.71 ? 42  VAL B CB  1 
ATOM   1091 C CG1 . VAL B 1 41 ? -3.999  10.181  -14.740 1.00 24.12 ? 42  VAL B CG1 1 
ATOM   1092 C CG2 . VAL B 1 41 ? -3.021  12.278  -13.693 1.00 25.38 ? 42  VAL B CG2 1 
ATOM   1093 N N   . SER B 1 42 ? -5.665  9.210   -11.521 1.00 20.68 ? 43  SER B N   1 
ATOM   1094 C CA  . SER B 1 42 ? -6.276  7.895   -11.354 1.00 19.33 ? 43  SER B CA  1 
ATOM   1095 C C   . SER B 1 42 ? -6.758  7.667   -9.896  1.00 20.68 ? 43  SER B C   1 
ATOM   1096 O O   . SER B 1 42 ? -6.256  6.756   -9.224  1.00 20.59 ? 43  SER B O   1 
ATOM   1097 C CB  . SER B 1 42 ? -5.264  6.798   -11.764 1.00 20.28 ? 43  SER B CB  1 
ATOM   1098 O OG  . SER B 1 42 ? -4.696  6.984   -13.069 1.00 19.20 ? 43  SER B OG  1 
ATOM   1099 N N   . PRO B 1 43 ? -7.742  8.466   -9.429  1.00 20.79 ? 44  PRO B N   1 
ATOM   1100 C CA  . PRO B 1 43 ? -8.296  8.360   -8.049  1.00 22.01 ? 44  PRO B CA  1 
ATOM   1101 C C   . PRO B 1 43 ? -8.891  6.978   -7.744  1.00 21.13 ? 44  PRO B C   1 
ATOM   1102 O O   . PRO B 1 43 ? -8.925  6.545   -6.567  1.00 26.21 ? 44  PRO B O   1 
ATOM   1103 C CB  . PRO B 1 43 ? -9.403  9.432   -7.997  1.00 23.39 ? 44  PRO B CB  1 
ATOM   1104 C CG  . PRO B 1 43 ? -9.598  9.925   -9.384  1.00 23.91 ? 44  PRO B CG  1 
ATOM   1105 C CD  . PRO B 1 43 ? -8.434  9.489   -10.249 1.00 21.10 ? 44  PRO B CD  1 
ATOM   1106 N N   . TRP B 1 44 ? -9.314  6.258   -8.764  1.00 20.61 ? 45  TRP B N   1 
ATOM   1107 C CA  . TRP B 1 44 ? -9.843  4.904   -8.606  1.00 19.54 ? 45  TRP B CA  1 
ATOM   1108 C C   . TRP B 1 44 ? -8.778  3.882   -8.175  1.00 19.20 ? 45  TRP B C   1 
ATOM   1109 O O   . TRP B 1 44 ? -9.114  2.802   -7.673  1.00 20.26 ? 45  TRP B O   1 
ATOM   1110 C CB  . TRP B 1 44 ? -10.520 4.433   -9.902  1.00 20.51 ? 45  TRP B CB  1 
ATOM   1111 C CG  . TRP B 1 44 ? -9.484  4.316   -10.962 1.00 18.11 ? 45  TRP B CG  1 
ATOM   1112 C CD1 . TRP B 1 44 ? -9.017  5.322   -11.807 1.00 19.49 ? 45  TRP B CD1 1 
ATOM   1113 C CD2 . TRP B 1 44 ? -8.653  3.163   -11.235 1.00 18.62 ? 45  TRP B CD2 1 
ATOM   1114 N NE1 . TRP B 1 44 ? -8.008  4.863   -12.580 1.00 19.54 ? 45  TRP B NE1 1 
ATOM   1115 C CE2 . TRP B 1 44 ? -7.722  3.569   -12.285 1.00 18.87 ? 45  TRP B CE2 1 
ATOM   1116 C CE3 . TRP B 1 44 ? -8.611  1.842   -10.755 1.00 18.36 ? 45  TRP B CE3 1 
ATOM   1117 C CZ2 . TRP B 1 44 ? -6.779  2.702   -12.801 1.00 19.45 ? 45  TRP B CZ2 1 
ATOM   1118 C CZ3 . TRP B 1 44 ? -7.674  0.973   -11.289 1.00 20.68 ? 45  TRP B CZ3 1 
ATOM   1119 C CH2 . TRP B 1 44 ? -6.784  1.388   -12.319 1.00 20.16 ? 45  TRP B CH2 1 
ATOM   1120 N N   . PHE B 1 45 ? -7.491  4.186   -8.402  1.00 18.60 ? 46  PHE B N   1 
ATOM   1121 C CA  . PHE B 1 45 ? -6.463  3.143   -8.285  1.00 17.61 ? 46  PHE B CA  1 
ATOM   1122 C C   . PHE B 1 45 ? -6.298  2.643   -6.815  1.00 18.48 ? 46  PHE B C   1 
ATOM   1123 O O   . PHE B 1 45 ? -6.361  1.435   -6.573  1.00 18.23 ? 46  PHE B O   1 
ATOM   1124 C CB  . PHE B 1 45 ? -5.102  3.513   -8.965  1.00 17.78 ? 46  PHE B CB  1 
ATOM   1125 C CG  . PHE B 1 45 ? -4.032  2.489   -8.699  1.00 16.62 ? 46  PHE B CG  1 
ATOM   1126 C CD1 . PHE B 1 45 ? -4.001  1.318   -9.434  1.00 15.77 ? 46  PHE B CD1 1 
ATOM   1127 C CD2 . PHE B 1 45 ? -3.110  2.656   -7.630  1.00 16.16 ? 46  PHE B CD2 1 
ATOM   1128 C CE1 . PHE B 1 45 ? -3.086  0.327   -9.184  1.00 16.08 ? 46  PHE B CE1 1 
ATOM   1129 C CE2 . PHE B 1 45 ? -2.181  1.658   -7.383  1.00 14.60 ? 46  PHE B CE2 1 
ATOM   1130 C CZ  . PHE B 1 45 ? -2.185  0.485   -8.138  1.00 14.81 ? 46  PHE B CZ  1 
ATOM   1131 N N   . PRO B 1 46 ? -6.099  3.560   -5.857  1.00 18.15 ? 47  PRO B N   1 
ATOM   1132 C CA  . PRO B 1 46 ? -5.970  3.039   -4.467  1.00 21.05 ? 47  PRO B CA  1 
ATOM   1133 C C   . PRO B 1 46 ? -7.239  2.384   -3.950  1.00 22.71 ? 47  PRO B C   1 
ATOM   1134 O O   . PRO B 1 46 ? -7.170  1.374   -3.227  1.00 21.65 ? 47  PRO B O   1 
ATOM   1135 C CB  . PRO B 1 46 ? -5.647  4.291   -3.648  1.00 20.64 ? 47  PRO B CB  1 
ATOM   1136 C CG  . PRO B 1 46 ? -5.209  5.337   -4.636  1.00 21.34 ? 47  PRO B CG  1 
ATOM   1137 C CD  . PRO B 1 46 ? -5.905  5.016   -5.923  1.00 18.43 ? 47  PRO B CD  1 
ATOM   1138 N N   . GLU B 1 47 ? -8.388  2.919   -4.383  1.00 21.09 ? 48  GLU B N   1 
ATOM   1139 C CA  . GLU B 1 47 ? -9.710  2.408   -3.956  1.00 22.95 ? 48  GLU B CA  1 
ATOM   1140 C C   . GLU B 1 47 ? -10.103 1.030   -4.480  1.00 25.44 ? 48  GLU B C   1 
ATOM   1141 O O   . GLU B 1 47 ? -10.598 0.173   -3.715  1.00 23.25 ? 48  GLU B O   1 
ATOM   1142 C CB  . GLU B 1 47 ? -10.791 3.408   -4.351  1.00 25.13 ? 48  GLU B CB  1 
ATOM   1143 C CG  . GLU B 1 47 ? -12.148 3.009   -3.774  1.00 27.62 ? 48  GLU B CG  1 
ATOM   1144 C CD  . GLU B 1 47 ? -13.218 4.031   -4.013  1.00 33.11 ? 48  GLU B CD  1 
ATOM   1145 O OE1 . GLU B 1 47 ? -12.867 5.202   -4.301  1.00 29.45 ? 48  GLU B OE1 1 
ATOM   1146 O OE2 . GLU B 1 47 ? -14.408 3.649   -3.897  1.00 35.21 ? 48  GLU B OE2 1 
ATOM   1147 N N   . GLU B 1 48 ? -9.938  0.841   -5.789  1.00 22.23 ? 49  GLU B N   1 
ATOM   1148 C CA  . GLU B 1 48 ? -10.379 -0.356  -6.529  1.00 22.58 ? 49  GLU B CA  1 
ATOM   1149 C C   . GLU B 1 48 ? -9.293  -1.176  -7.189  1.00 21.33 ? 49  GLU B C   1 
ATOM   1150 O O   . GLU B 1 48 ? -9.519  -2.309  -7.585  1.00 21.22 ? 49  GLU B O   1 
ATOM   1151 C CB  . GLU B 1 48 ? -11.348 0.084   -7.669  1.00 26.91 ? 49  GLU B CB  1 
ATOM   1152 C CG  . GLU B 1 48 ? -12.563 0.880   -7.246  1.00 31.96 ? 49  GLU B CG  1 
ATOM   1153 C CD  . GLU B 1 48 ? -13.074 1.785   -8.369  1.00 33.76 ? 49  GLU B CD  1 
ATOM   1154 O OE1 . GLU B 1 48 ? -13.081 1.348   -9.535  1.00 32.09 ? 49  GLU B OE1 1 
ATOM   1155 O OE2 . GLU B 1 48 ? -13.425 2.954   -8.078  1.00 37.61 ? 49  GLU B OE2 1 
ATOM   1156 N N   . GLY B 1 49 ? -8.122  -0.573  -7.385  1.00 18.91 ? 50  GLY B N   1 
ATOM   1157 C CA  . GLY B 1 49 ? -7.092  -1.210  -8.154  1.00 19.97 ? 50  GLY B CA  1 
ATOM   1158 C C   . GLY B 1 49 ? -6.218  -2.121  -7.311  1.00 18.94 ? 50  GLY B C   1 
ATOM   1159 O O   . GLY B 1 49 ? -6.314  -2.134  -6.076  1.00 20.77 ? 50  GLY B O   1 
ATOM   1160 N N   . GLY B 1 50 ? -5.372  -2.883  -7.971  1.00 19.44 ? 51  GLY B N   1 
ATOM   1161 C CA  . GLY B 1 50 ? -4.397  -3.733  -7.291  1.00 20.62 ? 51  GLY B CA  1 
ATOM   1162 C C   . GLY B 1 50 ? -3.064  -3.552  -7.960  1.00 20.91 ? 51  GLY B C   1 
ATOM   1163 O O   . GLY B 1 50 ? -2.953  -2.894  -9.014  1.00 20.05 ? 51  GLY B O   1 
ATOM   1164 N N   . LEU B 1 51 ? -2.041  -4.110  -7.334  1.00 20.94 ? 52  LEU B N   1 
ATOM   1165 C CA  . LEU B 1 51 ? -0.718  -4.082  -7.924  1.00 22.75 ? 52  LEU B CA  1 
ATOM   1166 C C   . LEU B 1 51 ? -0.637  -5.230  -8.891  1.00 22.43 ? 52  LEU B C   1 
ATOM   1167 O O   . LEU B 1 51 ? -0.124  -6.305  -8.585  1.00 24.87 ? 52  LEU B O   1 
ATOM   1168 C CB  . LEU B 1 51 ? 0.344   -4.126  -6.819  1.00 27.31 ? 52  LEU B CB  1 
ATOM   1169 C CG  . LEU B 1 51 ? 1.618   -3.334  -7.056  1.00 28.74 ? 52  LEU B CG  1 
ATOM   1170 C CD1 . LEU B 1 51 ? 1.340   -1.853  -7.265  1.00 29.51 ? 52  LEU B CD1 1 
ATOM   1171 C CD2 . LEU B 1 51 ? 2.520   -3.562  -5.857  1.00 28.49 ? 52  LEU B CD2 1 
ATOM   1172 N N   . ASN B 1 52 ? -1.231  -4.988  -10.071 1.00 20.80 ? 53  ASN B N   1 
ATOM   1173 C CA  . ASN B 1 52 ? -1.201  -5.928  -11.171 1.00 20.61 ? 53  ASN B CA  1 
ATOM   1174 C C   . ASN B 1 52 ? -1.095  -5.176  -12.495 1.00 18.49 ? 53  ASN B C   1 
ATOM   1175 O O   . ASN B 1 52 ? -1.325  -3.943  -12.542 1.00 18.24 ? 53  ASN B O   1 
ATOM   1176 C CB  . ASN B 1 52 ? -2.488  -6.762  -11.176 1.00 21.76 ? 53  ASN B CB  1 
ATOM   1177 C CG  . ASN B 1 52 ? -3.718  -5.916  -11.401 1.00 23.46 ? 53  ASN B CG  1 
ATOM   1178 O OD1 . ASN B 1 52 ? -3.994  -5.471  -12.520 1.00 21.66 ? 53  ASN B OD1 1 
ATOM   1179 N ND2 . ASN B 1 52 ? -4.482  -5.701  -10.351 1.00 22.46 ? 53  ASN B ND2 1 
ATOM   1180 N N   . LEU B 1 53 ? -0.754  -5.913  -13.551 1.00 21.50 ? 54  LEU B N   1 
ATOM   1181 C CA  . LEU B 1 53 ? -0.525  -5.291  -14.884 1.00 23.53 ? 54  LEU B CA  1 
ATOM   1182 C C   . LEU B 1 53 ? -1.716  -4.581  -15.520 1.00 25.22 ? 54  LEU B C   1 
ATOM   1183 O O   . LEU B 1 53 ? -1.538  -3.460  -16.056 1.00 23.27 ? 54  LEU B O   1 
ATOM   1184 C CB  . LEU B 1 53 ? 0.093   -6.293  -15.880 1.00 27.15 ? 54  LEU B CB  1 
ATOM   1185 C CG  . LEU B 1 53 ? 1.625   -6.288  -15.996 1.00 29.88 ? 54  LEU B CG  1 
ATOM   1186 C CD1 . LEU B 1 53 ? 2.045   -7.198  -17.139 1.00 31.74 ? 54  LEU B CD1 1 
ATOM   1187 C CD2 . LEU B 1 53 ? 2.179   -4.888  -16.242 1.00 29.60 ? 54  LEU B CD2 1 
ATOM   1188 N N   . GLN B 1 54 ? -2.913  -5.184  -15.497 1.00 21.94 ? 55  GLN B N   1 
ATOM   1189 C CA  . GLN B 1 54 ? -4.109  -4.524  -16.054 1.00 23.28 ? 55  GLN B CA  1 
ATOM   1190 C C   . GLN B 1 54 ? -4.390  -3.151  -15.451 1.00 21.04 ? 55  GLN B C   1 
ATOM   1191 O O   . GLN B 1 54 ? -4.651  -2.167  -16.146 1.00 22.21 ? 55  GLN B O   1 
ATOM   1192 C CB  . GLN B 1 54 ? -5.372  -5.425  -15.959 1.00 25.04 ? 55  GLN B CB  1 
ATOM   1193 C CG  . GLN B 1 54 ? -5.456  -6.543  -17.002 1.00 29.26 ? 55  GLN B CG  1 
ATOM   1194 C CD  . GLN B 1 54 ? -5.895  -6.092  -18.407 1.00 34.19 ? 55  GLN B CD  1 
ATOM   1195 O OE1 . GLN B 1 54 ? -5.793  -6.859  -19.370 1.00 36.37 ? 55  GLN B OE1 1 
ATOM   1196 N NE2 . GLN B 1 54 ? -6.399  -4.859  -18.528 1.00 36.23 ? 55  GLN B NE2 1 
ATOM   1197 N N   . ASP B 1 55 ? -4.379  -3.086  -14.125 1.00 18.82 ? 56  ASP B N   1 
ATOM   1198 C CA  . ASP B 1 55 ? -4.620  -1.855  -13.440 1.00 18.64 ? 56  ASP B CA  1 
ATOM   1199 C C   . ASP B 1 55 ? -3.479  -0.860  -13.673 1.00 16.02 ? 56  ASP B C   1 
ATOM   1200 O O   . ASP B 1 55 ? -3.748  0.295   -13.842 1.00 16.08 ? 56  ASP B O   1 
ATOM   1201 C CB  . ASP B 1 55 ? -4.823  -2.164  -11.955 1.00 20.18 ? 56  ASP B CB  1 
ATOM   1202 C CG  . ASP B 1 55 ? -6.193  -2.752  -11.684 1.00 23.96 ? 56  ASP B CG  1 
ATOM   1203 O OD1 . ASP B 1 55 ? -7.115  -2.577  -12.527 1.00 23.95 ? 56  ASP B OD1 1 
ATOM   1204 O OD2 . ASP B 1 55 ? -6.365  -3.364  -10.616 1.00 21.65 ? 56  ASP B OD2 1 
ATOM   1205 N N   . TRP B 1 56 ? -2.231  -1.331  -13.610 1.00 16.67 ? 57  TRP B N   1 
ATOM   1206 C CA  . TRP B 1 56 ? -1.096  -0.402  -13.745 1.00 17.10 ? 57  TRP B CA  1 
ATOM   1207 C C   . TRP B 1 56 ? -1.003  0.122   -15.168 1.00 16.73 ? 57  TRP B C   1 
ATOM   1208 O O   . TRP B 1 56 ? -0.704  1.316   -15.362 1.00 17.48 ? 57  TRP B O   1 
ATOM   1209 C CB  . TRP B 1 56 ? 0.212   -1.072  -13.317 1.00 17.92 ? 57  TRP B CB  1 
ATOM   1210 C CG  . TRP B 1 56 ? 1.269   -0.061  -13.000 1.00 15.95 ? 57  TRP B CG  1 
ATOM   1211 C CD1 . TRP B 1 56 ? 2.484   0.167   -13.659 1.00 15.28 ? 57  TRP B CD1 1 
ATOM   1212 C CD2 . TRP B 1 56 ? 1.202   0.931   -11.952 1.00 15.59 ? 57  TRP B CD2 1 
ATOM   1213 N NE1 . TRP B 1 56 ? 3.163   1.222   -13.066 1.00 15.30 ? 57  TRP B NE1 1 
ATOM   1214 C CE2 . TRP B 1 56 ? 2.431   1.740   -12.048 1.00 15.41 ? 57  TRP B CE2 1 
ATOM   1215 C CE3 . TRP B 1 56 ? 0.259   1.242   -10.985 1.00 15.60 ? 57  TRP B CE3 1 
ATOM   1216 C CZ2 . TRP B 1 56 ? 2.679   2.801   -11.175 1.00 15.09 ? 57  TRP B CZ2 1 
ATOM   1217 C CZ3 . TRP B 1 56 ? 0.503   2.310   -10.116 1.00 17.20 ? 57  TRP B CZ3 1 
ATOM   1218 C CH2 . TRP B 1 56 ? 1.703   3.073   -10.197 1.00 16.78 ? 57  TRP B CH2 1 
ATOM   1219 N N   . LYS B 1 57 ? -1.279  -0.750  -16.137 1.00 17.02 ? 58  LYS B N   1 
ATOM   1220 C CA  . LYS B 1 57 ? -1.363  -0.280  -17.563 1.00 18.66 ? 58  LYS B CA  1 
ATOM   1221 C C   . LYS B 1 57 ? -2.421  0.794   -17.733 1.00 18.04 ? 58  LYS B C   1 
ATOM   1222 O O   . LYS B 1 57 ? -2.248  1.745   -18.519 1.00 16.73 ? 58  LYS B O   1 
ATOM   1223 C CB  . LYS B 1 57 ? -1.585  -1.457  -18.500 1.00 20.55 ? 58  LYS B CB  1 
ATOM   1224 C CG  . LYS B 1 57 ? -0.330  -2.288  -18.725 1.00 22.23 ? 58  LYS B CG  1 
ATOM   1225 C CD  . LYS B 1 57 ? -0.624  -3.500  -19.606 1.00 26.98 ? 58  LYS B CD  1 
ATOM   1226 C CE  . LYS B 1 57 ? 0.667   -4.252  -19.904 1.00 30.39 ? 58  LYS B CE  1 
ATOM   1227 N NZ  . LYS B 1 57 ? 0.393   -5.598  -20.487 1.00 31.68 ? 58  LYS B NZ  1 
ATOM   1228 N N   . ARG B 1 58 ? -3.542  0.669   -17.037 1.00 16.43 ? 59  ARG B N   1 
ATOM   1229 C CA  . ARG B 1 58 ? -4.598  1.679   -17.097 1.00 16.26 ? 59  ARG B CA  1 
ATOM   1230 C C   . ARG B 1 58 ? -4.126  3.012   -16.525 1.00 17.57 ? 59  ARG B C   1 
ATOM   1231 O O   . ARG B 1 58 ? -4.373  4.075   -17.070 1.00 17.29 ? 59  ARG B O   1 
ATOM   1232 C CB  . ARG B 1 58 ? -5.863  1.205   -16.348 1.00 18.89 ? 59  ARG B CB  1 
ATOM   1233 C CG  . ARG B 1 58 ? -6.911  2.266   -16.175 1.00 17.90 ? 59  ARG B CG  1 
ATOM   1234 C CD  . ARG B 1 58 ? -8.253  1.690   -15.671 1.00 17.56 ? 59  ARG B CD  1 
ATOM   1235 N NE  . ARG B 1 58 ? -9.142  2.720   -15.137 1.00 19.28 ? 59  ARG B NE  1 
ATOM   1236 C CZ  . ARG B 1 58 ? -10.198 2.480   -14.338 1.00 17.54 ? 59  ARG B CZ  1 
ATOM   1237 N NH1 . ARG B 1 58 ? -10.500 1.215   -14.007 1.00 18.69 ? 59  ARG B NH1 1 
ATOM   1238 N NH2 . ARG B 1 58 ? -10.943 3.483   -13.879 1.00 20.17 ? 59  ARG B NH2 1 
ATOM   1239 N N   . VAL B 1 59 ? -3.466  2.978   -15.367 1.00 16.24 ? 60  VAL B N   1 
ATOM   1240 C CA  . VAL B 1 59 ? -2.946  4.211   -14.799 1.00 15.64 ? 60  VAL B CA  1 
ATOM   1241 C C   . VAL B 1 59 ? -2.003  4.818   -15.872 1.00 15.01 ? 60  VAL B C   1 
ATOM   1242 O O   . VAL B 1 59 ? -1.966  6.037   -16.009 1.00 15.65 ? 60  VAL B O   1 
ATOM   1243 C CB  . VAL B 1 59 ? -2.118  3.904   -13.510 1.00 15.25 ? 60  VAL B CB  1 
ATOM   1244 C CG1 . VAL B 1 59 ? -1.274  5.076   -13.057 1.00 15.77 ? 60  VAL B CG1 1 
ATOM   1245 C CG2 . VAL B 1 59 ? -3.023  3.496   -12.365 1.00 15.99 ? 60  VAL B CG2 1 
ATOM   1246 N N   . GLY B 1 60 ? -1.211  3.968   -16.543 1.00 16.47 ? 61  GLY B N   1 
ATOM   1247 C CA  . GLY B 1 60 ? -0.284  4.410   -17.611 1.00 16.47 ? 61  GLY B CA  1 
ATOM   1248 C C   . GLY B 1 60 ? -1.007  5.143   -18.726 1.00 19.03 ? 61  GLY B C   1 
ATOM   1249 O O   . GLY B 1 60 ? -0.621  6.252   -19.116 1.00 20.72 ? 61  GLY B O   1 
ATOM   1250 N N   . ARG B 1 61 ? -2.105  4.554   -19.187 1.00 17.93 ? 62  ARG B N   1 
ATOM   1251 C CA  . ARG B 1 61 ? -2.922  5.240   -20.220 1.00 19.57 ? 62  ARG B CA  1 
ATOM   1252 C C   . ARG B 1 61 ? -3.450  6.568   -19.715 1.00 18.12 ? 62  ARG B C   1 
ATOM   1253 O O   . ARG B 1 61 ? -3.466  7.581   -20.440 1.00 20.89 ? 62  ARG B O   1 
ATOM   1254 C CB  . ARG B 1 61 ? -4.094  4.353   -20.632 1.00 18.58 ? 62  ARG B CB  1 
ATOM   1255 C CG  . ARG B 1 61 ? -3.662  3.091   -21.341 1.00 18.17 ? 62  ARG B CG  1 
ATOM   1256 C CD  . ARG B 1 61 ? -4.846  2.454   -22.048 1.00 19.05 ? 62  ARG B CD  1 
ATOM   1257 N NE  . ARG B 1 61 ? -5.906  2.023   -21.131 1.00 19.67 ? 62  ARG B NE  1 
ATOM   1258 C CZ  . ARG B 1 61 ? -5.897  0.865   -20.451 1.00 19.50 ? 62  ARG B CZ  1 
ATOM   1259 N NH1 . ARG B 1 61 ? -4.892  0.011   -20.531 1.00 20.95 ? 62  ARG B NH1 1 
ATOM   1260 N NH2 . ARG B 1 61 ? -6.916  0.598   -19.645 1.00 21.12 ? 62  ARG B NH2 1 
ATOM   1261 N N   . GLU B 1 62 ? -3.897  6.615   -18.468 1.00 17.84 ? 63  GLU B N   1 
ATOM   1262 C CA  . GLU B 1 62 ? -4.470  7.839   -17.968 1.00 16.73 ? 63  GLU B CA  1 
ATOM   1263 C C   . GLU B 1 62 ? -3.444  8.953   -17.770 1.00 18.69 ? 63  GLU B C   1 
ATOM   1264 O O   . GLU B 1 62 ? -3.731  10.131  -17.979 1.00 20.14 ? 63  GLU B O   1 
ATOM   1265 C CB  . GLU B 1 62 ? -5.278  7.567   -16.684 1.00 17.00 ? 63  GLU B CB  1 
ATOM   1266 C CG  . GLU B 1 62 ? -6.368  6.540   -16.971 1.00 18.47 ? 63  GLU B CG  1 
ATOM   1267 C CD  . GLU B 1 62 ? -7.138  5.989   -15.769 1.00 19.88 ? 63  GLU B CD  1 
ATOM   1268 O OE1 . GLU B 1 62 ? -6.753  6.191   -14.626 1.00 21.91 ? 63  GLU B OE1 1 
ATOM   1269 O OE2 . GLU B 1 62 ? -8.173  5.294   -16.011 1.00 20.89 ? 63  GLU B OE2 1 
ATOM   1270 N N   . MET B 1 63 ? -2.249  8.584   -17.334 1.00 17.63 ? 64  MET B N   1 
ATOM   1271 C CA  . MET B 1 63 ? -1.179  9.537   -17.230 1.00 18.68 ? 64  MET B CA  1 
ATOM   1272 C C   . MET B 1 63 ? -0.788  10.103  -18.588 1.00 19.45 ? 64  MET B C   1 
ATOM   1273 O O   . MET B 1 63 ? -0.537  11.311  -18.684 1.00 19.12 ? 64  MET B O   1 
ATOM   1274 C CB  . MET B 1 63 ? 0.056   8.920   -16.518 1.00 17.36 ? 64  MET B CB  1 
ATOM   1275 C CG  . MET B 1 63 ? -0.198  8.757   -15.052 1.00 19.23 ? 64  MET B CG  1 
ATOM   1276 S SD  . MET B 1 63 ? 1.203   8.034   -14.205 1.00 23.86 ? 64  MET B SD  1 
ATOM   1277 C CE  . MET B 1 63 ? 0.637   8.389   -12.571 1.00 24.83 ? 64  MET B CE  1 
ATOM   1278 N N   . LYS B 1 64 ? -0.732  9.248   -19.591 1.00 18.42 ? 65  LYS B N   1 
ATOM   1279 C CA  . LYS B 1 64 ? -0.371  9.683   -20.946 1.00 21.97 ? 65  LYS B CA  1 
ATOM   1280 C C   . LYS B 1 64 ? -1.426  10.619  -21.529 1.00 22.48 ? 65  LYS B C   1 
ATOM   1281 O O   . LYS B 1 64 ? -1.097  11.540  -22.289 1.00 22.78 ? 65  LYS B O   1 
ATOM   1282 C CB  . LYS B 1 64 ? -0.206  8.503   -21.880 1.00 23.13 ? 65  LYS B CB  1 
ATOM   1283 C CG  . LYS B 1 64 ? 1.012   7.641   -21.581 1.00 29.87 ? 65  LYS B CG  1 
ATOM   1284 C CD  . LYS B 1 64 ? 1.870   7.394   -22.821 1.00 34.17 ? 65  LYS B CD  1 
ATOM   1285 C CE  . LYS B 1 64 ? 2.784   8.580   -23.083 1.00 35.86 ? 65  LYS B CE  1 
ATOM   1286 N NZ  . LYS B 1 64 ? 4.114   8.142   -23.596 1.00 40.67 ? 65  LYS B NZ  1 
ATOM   1287 N N   . ARG B 1 65 ? -2.684  10.368  -21.183 1.00 21.16 ? 66  ARG B N   1 
ATOM   1288 C CA  . ARG B 1 65 ? -3.766  11.211  -21.707 1.00 22.82 ? 66  ARG B CA  1 
ATOM   1289 C C   . ARG B 1 65 ? -3.672  12.587  -21.053 1.00 23.87 ? 66  ARG B C   1 
ATOM   1290 O O   . ARG B 1 65 ? -3.851  13.629  -21.700 1.00 23.18 ? 66  ARG B O   1 
ATOM   1291 C CB  . ARG B 1 65 ? -5.141  10.547  -21.478 1.00 22.47 ? 66  ARG B CB  1 
ATOM   1292 C CG  . ARG B 1 65 ? -6.315  11.311  -22.108 1.00 26.38 ? 66  ARG B CG  1 
ATOM   1293 C CD  . ARG B 1 65 ? -7.633  10.852  -21.482 1.00 31.78 ? 66  ARG B CD  1 
ATOM   1294 N NE  . ARG B 1 65 ? -8.684  11.829  -21.782 1.00 35.39 ? 66  ARG B NE  1 
ATOM   1295 C CZ  . ARG B 1 65 ? -9.901  11.841  -21.251 1.00 36.17 ? 66  ARG B CZ  1 
ATOM   1296 N NH1 . ARG B 1 65 ? -10.274 10.922  -20.362 1.00 37.36 ? 66  ARG B NH1 1 
ATOM   1297 N NH2 . ARG B 1 65 ? -10.753 12.786  -21.620 1.00 39.68 ? 66  ARG B NH2 1 
ATOM   1298 N N   . TYR B 1 66 ? -3.345  12.600  -19.759 1.00 21.66 ? 67  TYR B N   1 
ATOM   1299 C CA  . TYR B 1 66 ? -3.146  13.844  -19.046 1.00 22.20 ? 67  TYR B CA  1 
ATOM   1300 C C   . TYR B 1 66 ? -2.044  14.673  -19.735 1.00 23.86 ? 67  TYR B C   1 
ATOM   1301 O O   . TYR B 1 66 ? -2.175  15.883  -19.951 1.00 23.25 ? 67  TYR B O   1 
ATOM   1302 C CB  . TYR B 1 66 ? -2.794  13.550  -17.558 1.00 22.59 ? 67  TYR B CB  1 
ATOM   1303 C CG  . TYR B 1 66 ? -2.803  14.782  -16.750 1.00 23.86 ? 67  TYR B CG  1 
ATOM   1304 C CD1 . TYR B 1 66 ? -1.676  15.608  -16.687 1.00 24.74 ? 67  TYR B CD1 1 
ATOM   1305 C CD2 . TYR B 1 66 ? -3.968  15.189  -16.080 1.00 23.44 ? 67  TYR B CD2 1 
ATOM   1306 C CE1 . TYR B 1 66 ? -1.694  16.762  -15.954 1.00 26.27 ? 67  TYR B CE1 1 
ATOM   1307 C CE2 . TYR B 1 66 ? -3.984  16.347  -15.347 1.00 27.73 ? 67  TYR B CE2 1 
ATOM   1308 C CZ  . TYR B 1 66 ? -2.854  17.133  -15.307 1.00 26.67 ? 67  TYR B CZ  1 
ATOM   1309 O OH  . TYR B 1 66 ? -2.877  18.295  -14.594 1.00 31.49 ? 67  TYR B OH  1 
ATOM   1310 N N   . ALA B 1 67 ? -0.953  14.017  -20.086 1.00 22.65 ? 68  ALA B N   1 
ATOM   1311 C CA  . ALA B 1 67 ? 0.162   14.674  -20.777 1.00 23.97 ? 68  ALA B CA  1 
ATOM   1312 C C   . ALA B 1 67 ? -0.260  15.219  -22.159 1.00 25.87 ? 68  ALA B C   1 
ATOM   1313 O O   . ALA B 1 67 ? 0.156   16.327  -22.544 1.00 26.81 ? 68  ALA B O   1 
ATOM   1314 C CB  . ALA B 1 67 ? 1.329   13.688  -20.931 1.00 24.74 ? 68  ALA B CB  1 
ATOM   1315 N N   . ALA B 1 68 ? -1.053  14.445  -22.902 1.00 24.27 ? 69  ALA B N   1 
ATOM   1316 C CA  . ALA B 1 68 ? -1.514  14.876  -24.246 1.00 24.96 ? 69  ALA B CA  1 
ATOM   1317 C C   . ALA B 1 68 ? -2.328  16.146  -24.112 1.00 27.57 ? 69  ALA B C   1 
ATOM   1318 O O   . ALA B 1 68 ? -2.223  17.045  -24.943 1.00 31.24 ? 69  ALA B O   1 
ATOM   1319 C CB  . ALA B 1 68 ? -2.342  13.798  -24.926 1.00 23.86 ? 69  ALA B CB  1 
ATOM   1320 N N   . GLU B 1 69 ? -3.119  16.208  -23.045 1.00 25.89 ? 70  GLU B N   1 
ATOM   1321 C CA  . GLU B 1 69 ? -4.105  17.254  -22.833 1.00 27.48 ? 70  GLU B CA  1 
ATOM   1322 C C   . GLU B 1 69 ? -3.559  18.488  -22.147 1.00 31.02 ? 70  GLU B C   1 
ATOM   1323 O O   . GLU B 1 69 ? -4.083  19.572  -22.403 1.00 32.15 ? 70  GLU B O   1 
ATOM   1324 C CB  . GLU B 1 69 ? -5.312  16.714  -22.058 1.00 24.99 ? 70  GLU B CB  1 
ATOM   1325 C CG  . GLU B 1 69 ? -6.111  15.667  -22.845 1.00 28.16 ? 70  GLU B CG  1 
ATOM   1326 C CD  . GLU B 1 69 ? -7.364  15.172  -22.134 1.00 28.86 ? 70  GLU B CD  1 
ATOM   1327 O OE1 . GLU B 1 69 ? -7.590  15.516  -20.953 1.00 31.27 ? 70  GLU B OE1 1 
ATOM   1328 O OE2 . GLU B 1 69 ? -8.146  14.426  -22.758 1.00 31.11 ? 70  GLU B OE2 1 
ATOM   1329 N N   . HIS B 1 70 ? -2.529  18.340  -21.296 1.00 27.65 ? 71  HIS B N   1 
ATOM   1330 C CA  . HIS B 1 70 ? -1.990  19.460  -20.504 1.00 28.50 ? 71  HIS B CA  1 
ATOM   1331 C C   . HIS B 1 70 ? -0.559  19.807  -20.811 1.00 30.61 ? 71  HIS B C   1 
ATOM   1332 O O   . HIS B 1 70 ? -0.050  20.825  -20.331 1.00 33.26 ? 71  HIS B O   1 
ATOM   1333 C CB  . HIS B 1 70 ? -2.127  19.189  -19.004 1.00 28.45 ? 71  HIS B CB  1 
ATOM   1334 C CG  . HIS B 1 70 ? -3.551  18.983  -18.540 1.00 28.70 ? 71  HIS B CG  1 
ATOM   1335 N ND1 . HIS B 1 70 ? -4.152  17.775  -18.555 1.00 30.25 ? 71  HIS B ND1 1 
ATOM   1336 C CD2 . HIS B 1 70 ? -4.482  19.882  -18.031 1.00 27.59 ? 71  HIS B CD2 1 
ATOM   1337 C CE1 . HIS B 1 70 ? -5.409  17.899  -18.096 1.00 29.19 ? 71  HIS B CE1 1 
ATOM   1338 N NE2 . HIS B 1 70 ? -5.604  19.192  -17.773 1.00 30.95 ? 71  HIS B NE2 1 
ATOM   1339 N N   . GLY B 1 71 ? 0.108   18.988  -21.620 1.00 32.22 ? 72  GLY B N   1 
ATOM   1340 C CA  . GLY B 1 71 ? 1.507   19.210  -21.979 1.00 38.05 ? 72  GLY B CA  1 
ATOM   1341 C C   . GLY B 1 71 ? 2.450   18.518  -21.013 1.00 43.06 ? 72  GLY B C   1 
ATOM   1342 O O   . GLY B 1 71 ? 2.152   18.406  -19.831 1.00 44.24 ? 72  GLY B O   1 
ATOM   1343 N N   . THR B 1 72 ? 3.592   18.046  -21.515 1.00 49.15 ? 73  THR B N   1 
ATOM   1344 C CA  . THR B 1 72 ? 4.537   17.293  -20.674 1.00 51.88 ? 73  THR B CA  1 
ATOM   1345 C C   . THR B 1 72 ? 5.165   18.106  -19.541 1.00 52.75 ? 73  THR B C   1 
ATOM   1346 O O   . THR B 1 72 ? 5.657   17.521  -18.580 1.00 56.80 ? 73  THR B O   1 
ATOM   1347 C CB  . THR B 1 72 ? 5.685   16.630  -21.469 1.00 51.99 ? 73  THR B CB  1 
ATOM   1348 O OG1 . THR B 1 72 ? 6.470   17.646  -22.113 1.00 53.66 ? 73  THR B OG1 1 
ATOM   1349 C CG2 . THR B 1 72 ? 5.155   15.624  -22.487 1.00 49.85 ? 73  THR B CG2 1 
ATOM   1350 N N   . ASP B 1 73 ? 5.166   19.432  -19.628 1.00 54.50 ? 74  ASP B N   1 
ATOM   1351 C CA  . ASP B 1 73 ? 5.744   20.216  -18.526 1.00 57.21 ? 74  ASP B CA  1 
ATOM   1352 C C   . ASP B 1 73 ? 4.821   20.368  -17.299 1.00 54.92 ? 74  ASP B C   1 
ATOM   1353 O O   . ASP B 1 73 ? 5.214   20.947  -16.286 1.00 57.20 ? 74  ASP B O   1 
ATOM   1354 C CB  . ASP B 1 73 ? 6.336   21.561  -19.009 1.00 61.09 ? 74  ASP B CB  1 
ATOM   1355 C CG  . ASP B 1 73 ? 5.272   22.594  -19.383 1.00 65.96 ? 74  ASP B CG  1 
ATOM   1356 O OD1 . ASP B 1 73 ? 4.351   22.866  -18.573 1.00 66.74 ? 74  ASP B OD1 1 
ATOM   1357 O OD2 . ASP B 1 73 ? 5.380   23.165  -20.491 1.00 67.27 ? 74  ASP B OD2 1 
ATOM   1358 N N   . SER B 1 74 ? 3.600   19.854  -17.391 1.00 50.28 ? 75  SER B N   1 
ATOM   1359 C CA  . SER B 1 74 ? 2.651   19.907  -16.267 1.00 49.03 ? 75  SER B CA  1 
ATOM   1360 C C   . SER B 1 74 ? 2.744   18.654  -15.362 1.00 45.71 ? 75  SER B C   1 
ATOM   1361 O O   . SER B 1 74 ? 2.084   18.568  -14.324 1.00 47.56 ? 75  SER B O   1 
ATOM   1362 C CB  . SER B 1 74 ? 1.215   20.084  -16.795 1.00 50.32 ? 75  SER B CB  1 
ATOM   1363 O OG  . SER B 1 74 ? 0.873   19.056  -17.715 1.00 52.46 ? 75  SER B OG  1 
ATOM   1364 N N   . ILE B 1 75 ? 3.604   17.719  -15.771 1.00 39.50 ? 76  ILE B N   1 
ATOM   1365 C CA  . ILE B 1 75 ? 3.723   16.366  -15.225 1.00 33.68 ? 76  ILE B CA  1 
ATOM   1366 C C   . ILE B 1 75 ? 5.067   16.311  -14.482 1.00 30.45 ? 76  ILE B C   1 
ATOM   1367 O O   . ILE B 1 75 ? 6.042   16.886  -14.949 1.00 32.99 ? 76  ILE B O   1 
ATOM   1368 C CB  A ILE B 1 75 ? 3.643   15.299  -16.363 0.50 33.41 ? 76  ILE B CB  1 
ATOM   1369 C CB  B ILE B 1 75 ? 3.633   15.367  -16.399 0.50 32.41 ? 76  ILE B CB  1 
ATOM   1370 C CG1 A ILE B 1 75 ? 3.739   13.866  -15.861 0.50 33.69 ? 76  ILE B CG1 1 
ATOM   1371 C CG1 B ILE B 1 75 ? 2.230   15.442  -17.017 0.50 30.69 ? 76  ILE B CG1 1 
ATOM   1372 C CG2 A ILE B 1 75 ? 4.782   15.429  -17.357 0.50 35.60 ? 76  ILE B CG2 1 
ATOM   1373 C CG2 B ILE B 1 75 ? 4.015   13.952  -16.005 0.50 33.68 ? 76  ILE B CG2 1 
ATOM   1374 C CD1 A ILE B 1 75 ? 4.195   12.918  -16.959 0.50 30.65 ? 76  ILE B CD1 1 
ATOM   1375 C CD1 B ILE B 1 75 ? 1.703   14.122  -17.508 0.50 29.80 ? 76  ILE B CD1 1 
ATOM   1376 N N   . PRO B 1 76 ? 5.120   15.670  -13.302 1.00 26.68 ? 77  PRO B N   1 
ATOM   1377 C CA  . PRO B 1 76 ? 6.439   15.587  -12.669 1.00 24.30 ? 77  PRO B CA  1 
ATOM   1378 C C   . PRO B 1 76 ? 7.456   14.821  -13.555 1.00 23.10 ? 77  PRO B C   1 
ATOM   1379 O O   . PRO B 1 76 ? 7.104   13.805  -14.185 1.00 19.82 ? 77  PRO B O   1 
ATOM   1380 C CB  . PRO B 1 76 ? 6.157   14.797  -11.387 1.00 24.14 ? 77  PRO B CB  1 
ATOM   1381 C CG  . PRO B 1 76 ? 4.685   14.956  -11.125 1.00 24.80 ? 77  PRO B CG  1 
ATOM   1382 C CD  . PRO B 1 76 ? 4.086   14.988  -12.499 1.00 24.04 ? 77  PRO B CD  1 
ATOM   1383 N N   . LYS B 1 77 ? 8.711   15.278  -13.579 1.00 21.14 ? 78  LYS B N   1 
ATOM   1384 C CA  . LYS B 1 77 ? 9.758   14.632  -14.374 1.00 23.45 ? 78  LYS B CA  1 
ATOM   1385 C C   . LYS B 1 77 ? 10.000  13.196  -13.979 1.00 22.28 ? 78  LYS B C   1 
ATOM   1386 O O   . LYS B 1 77 ? 10.453  12.390  -14.786 1.00 22.36 ? 78  LYS B O   1 
ATOM   1387 C CB  . LYS B 1 77 ? 11.084  15.421  -14.319 1.00 25.07 ? 78  LYS B CB  1 
ATOM   1388 C CG  . LYS B 1 77 ? 11.280  16.439  -15.439 1.00 29.54 ? 78  LYS B CG  1 
ATOM   1389 C CD  . LYS B 1 77 ? 12.673  17.065  -15.372 1.00 32.38 ? 78  LYS B CD  1 
ATOM   1390 N N   . GLN B 1 78 ? 9.678   12.873  -12.732 1.00 20.69 ? 79  GLN B N   1 
ATOM   1391 C CA  . GLN B 1 78 ? 9.941   11.536  -12.218 1.00 18.23 ? 79  GLN B CA  1 
ATOM   1392 C C   . GLN B 1 78 ? 8.736   10.616  -12.436 1.00 18.12 ? 79  GLN B C   1 
ATOM   1393 O O   . GLN B 1 78 ? 8.826   9.446   -12.107 1.00 17.87 ? 79  GLN B O   1 
ATOM   1394 C CB  . GLN B 1 78 ? 10.333  11.574  -10.736 1.00 18.69 ? 79  GLN B CB  1 
ATOM   1395 C CG  . GLN B 1 78 ? 9.187   11.931  -9.767  1.00 19.15 ? 79  GLN B CG  1 
ATOM   1396 C CD  . GLN B 1 78 ? 8.942   13.446  -9.611  1.00 20.30 ? 79  GLN B CD  1 
ATOM   1397 O OE1 . GLN B 1 78 ? 9.356   14.256  -10.450 1.00 23.96 ? 79  GLN B OE1 1 
ATOM   1398 N NE2 . GLN B 1 78 ? 8.280   13.828  -8.519  1.00 20.57 ? 79  GLN B NE2 1 
ATOM   1399 N N   . ALA B 1 79 ? 7.623   11.138  -12.975 1.00 17.18 ? 80  ALA B N   1 
ATOM   1400 C CA  . ALA B 1 79 ? 6.399   10.302  -13.037 1.00 16.72 ? 80  ALA B CA  1 
ATOM   1401 C C   . ALA B 1 79 ? 6.472   9.139   -13.995 1.00 14.68 ? 80  ALA B C   1 
ATOM   1402 O O   . ALA B 1 79 ? 6.197   7.991   -13.634 1.00 15.33 ? 80  ALA B O   1 
ATOM   1403 C CB  . ALA B 1 79 ? 5.176   11.159  -13.364 1.00 17.91 ? 80  ALA B CB  1 
ATOM   1404 N N   . TYR B 1 80 ? 6.855   9.390   -15.239 1.00 16.37 ? 81  TYR B N   1 
ATOM   1405 C CA  . TYR B 1 80 ? 7.003   8.290   -16.159 1.00 17.62 ? 81  TYR B CA  1 
ATOM   1406 C C   . TYR B 1 80 ? 8.144   7.292   -15.741 1.00 16.58 ? 81  TYR B C   1 
ATOM   1407 O O   . TYR B 1 80 ? 7.922   6.076   -15.793 1.00 17.05 ? 81  TYR B O   1 
ATOM   1408 C CB  . TYR B 1 80 ? 7.192   8.780   -17.604 1.00 20.75 ? 81  TYR B CB  1 
ATOM   1409 C CG  . TYR B 1 80 ? 7.065   7.638   -18.593 1.00 25.96 ? 81  TYR B CG  1 
ATOM   1410 C CD1 . TYR B 1 80 ? 5.833   7.007   -18.797 1.00 28.33 ? 81  TYR B CD1 1 
ATOM   1411 C CD2 . TYR B 1 80 ? 8.177   7.160   -19.299 1.00 29.72 ? 81  TYR B CD2 1 
ATOM   1412 C CE1 . TYR B 1 80 ? 5.696   5.943   -19.680 1.00 31.71 ? 81  TYR B CE1 1 
ATOM   1413 C CE2 . TYR B 1 80 ? 8.047   6.095   -20.189 1.00 31.45 ? 81  TYR B CE2 1 
ATOM   1414 C CZ  . TYR B 1 80 ? 6.803   5.499   -20.372 1.00 34.22 ? 81  TYR B CZ  1 
ATOM   1415 O OH  . TYR B 1 80 ? 6.663   4.457   -21.247 1.00 39.59 ? 81  TYR B OH  1 
ATOM   1416 N N   . PRO B 1 81 ? 9.320   7.798   -15.304 1.00 16.95 ? 82  PRO B N   1 
ATOM   1417 C CA  . PRO B 1 81 ? 10.346  6.859   -14.824 1.00 16.75 ? 82  PRO B CA  1 
ATOM   1418 C C   . PRO B 1 81 ? 9.831   5.928   -13.725 1.00 15.91 ? 82  PRO B C   1 
ATOM   1419 O O   . PRO B 1 81 ? 10.072  4.708   -13.791 1.00 15.99 ? 82  PRO B O   1 
ATOM   1420 C CB  . PRO B 1 81 ? 11.453  7.786   -14.290 1.00 16.70 ? 82  PRO B CB  1 
ATOM   1421 C CG  . PRO B 1 81 ? 11.357  8.974   -15.206 1.00 17.26 ? 82  PRO B CG  1 
ATOM   1422 C CD  . PRO B 1 81 ? 9.874   9.163   -15.450 1.00 17.27 ? 82  PRO B CD  1 
ATOM   1423 N N   . ILE B 1 82 ? 9.138   6.500   -12.724 1.00 15.13 ? 83  ILE B N   1 
ATOM   1424 C CA  . ILE B 1 82 ? 8.565   5.708   -11.620 1.00 16.17 ? 83  ILE B CA  1 
ATOM   1425 C C   . ILE B 1 82 ? 7.504   4.717   -12.150 1.00 15.21 ? 83  ILE B C   1 
ATOM   1426 O O   . ILE B 1 82 ? 7.517   3.527   -11.837 1.00 17.14 ? 83  ILE B O   1 
ATOM   1427 C CB  . ILE B 1 82 ? 8.012   6.601   -10.460 1.00 15.69 ? 83  ILE B CB  1 
ATOM   1428 C CG1 . ILE B 1 82 ? 9.172   7.322   -9.713  1.00 17.09 ? 83  ILE B CG1 1 
ATOM   1429 C CG2 . ILE B 1 82 ? 7.246   5.769   -9.426  1.00 17.28 ? 83  ILE B CG2 1 
ATOM   1430 C CD1 . ILE B 1 82 ? 8.749   8.493   -8.826  1.00 17.62 ? 83  ILE B CD1 1 
ATOM   1431 N N   . TRP B 1 83 ? 6.609   5.202   -13.017 1.00 15.35 ? 84  TRP B N   1 
ATOM   1432 C CA  . TRP B 1 83 ? 5.589   4.318   -13.539 1.00 16.65 ? 84  TRP B CA  1 
ATOM   1433 C C   . TRP B 1 83 ? 6.205   3.172   -14.277 1.00 17.25 ? 84  TRP B C   1 
ATOM   1434 O O   . TRP B 1 83 ? 5.793   1.997   -14.116 1.00 17.61 ? 84  TRP B O   1 
ATOM   1435 C CB  . TRP B 1 83 ? 4.617   5.128   -14.463 1.00 16.72 ? 84  TRP B CB  1 
ATOM   1436 C CG  . TRP B 1 83 ? 3.576   4.214   -15.065 1.00 16.97 ? 84  TRP B CG  1 
ATOM   1437 C CD1 . TRP B 1 83 ? 2.341   3.872   -14.526 1.00 17.46 ? 84  TRP B CD1 1 
ATOM   1438 C CD2 . TRP B 1 83 ? 3.695   3.435   -16.293 1.00 18.73 ? 84  TRP B CD2 1 
ATOM   1439 N NE1 . TRP B 1 83 ? 1.699   2.934   -15.314 1.00 17.88 ? 84  TRP B NE1 1 
ATOM   1440 C CE2 . TRP B 1 83 ? 2.458   2.643   -16.403 1.00 17.49 ? 84  TRP B CE2 1 
ATOM   1441 C CE3 . TRP B 1 83 ? 4.668   3.319   -17.282 1.00 19.36 ? 84  TRP B CE3 1 
ATOM   1442 C CZ2 . TRP B 1 83 ? 2.237   1.777   -17.461 1.00 19.10 ? 84  TRP B CZ2 1 
ATOM   1443 C CZ3 . TRP B 1 83 ? 4.428   2.446   -18.348 1.00 20.82 ? 84  TRP B CZ3 1 
ATOM   1444 C CH2 . TRP B 1 83 ? 3.224   1.721   -18.447 1.00 19.17 ? 84  TRP B CH2 1 
ATOM   1445 N N   . LEU B 1 84 ? 7.242   3.469   -15.062 1.00 17.91 ? 85  LEU B N   1 
ATOM   1446 C CA  . LEU B 1 84 ? 7.900   2.467   -15.876 1.00 19.14 ? 85  LEU B CA  1 
ATOM   1447 C C   . LEU B 1 84 ? 8.551   1.426   -15.002 1.00 18.39 ? 85  LEU B C   1 
ATOM   1448 O O   . LEU B 1 84 ? 8.466   0.228   -15.281 1.00 18.90 ? 85  LEU B O   1 
ATOM   1449 C CB  . LEU B 1 84 ? 8.945   3.145   -16.768 1.00 22.16 ? 85  LEU B CB  1 
ATOM   1450 C CG  . LEU B 1 84 ? 9.604   2.244   -17.804 1.00 25.84 ? 85  LEU B CG  1 
ATOM   1451 C CD1 . LEU B 1 84 ? 8.578   1.535   -18.679 1.00 30.09 ? 85  LEU B CD1 1 
ATOM   1452 C CD2 . LEU B 1 84 ? 10.514  3.081   -18.680 1.00 28.58 ? 85  LEU B CD2 1 
ATOM   1453 N N   . GLN B 1 85 ? 9.227   1.871   -13.946 1.00 18.08 ? 86  GLN B N   1 
ATOM   1454 C CA  . GLN B 1 85 ? 9.911   0.897   -13.120 1.00 18.80 ? 86  GLN B CA  1 
ATOM   1455 C C   . GLN B 1 85 ? 8.915   -0.022  -12.456 1.00 17.92 ? 86  GLN B C   1 
ATOM   1456 O O   . GLN B 1 85 ? 9.159   -1.253  -12.316 1.00 17.72 ? 86  GLN B O   1 
ATOM   1457 C CB  . GLN B 1 85 ? 10.793  1.553   -12.057 1.00 20.71 ? 86  GLN B CB  1 
ATOM   1458 C CG  . GLN B 1 85 ? 11.751  0.533   -11.453 1.00 23.23 ? 86  GLN B CG  1 
ATOM   1459 C CD  . GLN B 1 85 ? 12.630  -0.081  -12.518 1.00 23.42 ? 86  GLN B CD  1 
ATOM   1460 O OE1 . GLN B 1 85 ? 12.619  -1.305  -12.724 1.00 30.52 ? 86  GLN B OE1 1 
ATOM   1461 N NE2 . GLN B 1 85 ? 13.298  0.755   -13.262 1.00 19.93 ? 86  GLN B NE2 1 
ATOM   1462 N N   . LEU B 1 86 ? 7.817   0.566   -11.964 1.00 17.10 ? 87  LEU B N   1 
ATOM   1463 C CA  . LEU B 1 86 ? 6.760   -0.287  -11.377 1.00 17.91 ? 87  LEU B CA  1 
ATOM   1464 C C   . LEU B 1 86 ? 6.123   -1.250  -12.391 1.00 19.17 ? 87  LEU B C   1 
ATOM   1465 O O   . LEU B 1 86 ? 5.843   -2.390  -12.042 1.00 17.35 ? 87  LEU B O   1 
ATOM   1466 C CB  . LEU B 1 86 ? 5.703   0.540   -10.599 1.00 18.63 ? 87  LEU B CB  1 
ATOM   1467 C CG  . LEU B 1 86 ? 6.126   1.163   -9.246  1.00 24.12 ? 87  LEU B CG  1 
ATOM   1468 C CD1 . LEU B 1 86 ? 5.108   2.216   -8.770  1.00 25.61 ? 87  LEU B CD1 1 
ATOM   1469 C CD2 . LEU B 1 86 ? 6.371   0.175   -8.115  1.00 27.47 ? 87  LEU B CD2 1 
ATOM   1470 N N   . ARG B 1 87 ? 5.928   -0.833  -13.651 1.00 18.37 ? 88  ARG B N   1 
ATOM   1471 C CA  . ARG B 1 87 ? 5.491   -1.760  -14.697 1.00 21.03 ? 88  ARG B CA  1 
ATOM   1472 C C   . ARG B 1 87 ? 6.402   -2.959  -14.827 1.00 21.69 ? 88  ARG B C   1 
ATOM   1473 O O   . ARG B 1 87 ? 5.944   -4.093  -14.905 1.00 21.52 ? 88  ARG B O   1 
ATOM   1474 C CB  . ARG B 1 87 ? 5.416   -1.090  -16.066 1.00 21.66 ? 88  ARG B CB  1 
ATOM   1475 C CG  . ARG B 1 87 ? 4.676   -2.014  -17.042 1.00 24.10 ? 88  ARG B CG  1 
ATOM   1476 C CD  . ARG B 1 87 ? 4.691   -1.528  -18.468 1.00 30.33 ? 88  ARG B CD  1 
ATOM   1477 N NE  . ARG B 1 87 ? 6.042   -1.568  -18.996 1.00 35.14 ? 88  ARG B NE  1 
ATOM   1478 C CZ  . ARG B 1 87 ? 6.388   -1.000  -20.140 1.00 37.34 ? 88  ARG B CZ  1 
ATOM   1479 N NH1 . ARG B 1 87 ? 5.468   -0.374  -20.862 1.00 41.05 ? 88  ARG B NH1 1 
ATOM   1480 N NH2 . ARG B 1 87 ? 7.634   -1.066  -20.558 1.00 38.14 ? 88  ARG B NH2 1 
ATOM   1481 N N   . GLU B 1 88 ? 7.706   -2.709  -14.807 1.00 20.26 ? 89  GLU B N   1 
ATOM   1482 C CA  . GLU B 1 88 ? 8.676   -3.801  -14.897 1.00 22.98 ? 89  GLU B CA  1 
ATOM   1483 C C   . GLU B 1 88 ? 8.654   -4.692  -13.669 1.00 21.57 ? 89  GLU B C   1 
ATOM   1484 O O   . GLU B 1 88 ? 8.736   -5.914  -13.798 1.00 22.95 ? 89  GLU B O   1 
ATOM   1485 C CB  . GLU B 1 88 ? 10.089  -3.261  -15.153 1.00 25.97 ? 89  GLU B CB  1 
ATOM   1486 C CG  . GLU B 1 88 ? 10.282  -2.674  -16.550 1.00 33.80 ? 89  GLU B CG  1 
ATOM   1487 C CD  . GLU B 1 88 ? 9.789   -3.550  -17.709 1.00 38.18 ? 89  GLU B CD  1 
ATOM   1488 O OE1 . GLU B 1 88 ? 10.390  -4.620  -17.971 1.00 38.65 ? 89  GLU B OE1 1 
ATOM   1489 O OE2 . GLU B 1 88 ? 8.801   -3.156  -18.369 1.00 38.31 ? 89  GLU B OE2 1 
ATOM   1490 N N   . ILE B 1 89 ? 8.495   -4.104  -12.488 1.00 21.74 ? 90  ILE B N   1 
ATOM   1491 C CA  . ILE B 1 89 ? 8.403   -4.864  -11.236 1.00 22.80 ? 90  ILE B CA  1 
ATOM   1492 C C   . ILE B 1 89 ? 7.221   -5.838  -11.319 1.00 25.44 ? 90  ILE B C   1 
ATOM   1493 O O   . ILE B 1 89 ? 7.316   -6.974  -10.883 1.00 26.39 ? 90  ILE B O   1 
ATOM   1494 C CB  . ILE B 1 89 ? 8.311   -3.933  -10.004 1.00 22.95 ? 90  ILE B CB  1 
ATOM   1495 C CG1 . ILE B 1 89 ? 9.653   -3.251  -9.754  1.00 21.61 ? 90  ILE B CG1 1 
ATOM   1496 C CG2 . ILE B 1 89 ? 7.877   -4.669  -8.743  1.00 24.60 ? 90  ILE B CG2 1 
ATOM   1497 C CD1 . ILE B 1 89 ? 9.516   -1.943  -9.004  1.00 23.45 ? 90  ILE B CD1 1 
ATOM   1498 N N   . LEU B 1 90 ? 6.121   -5.405  -11.931 1.00 24.23 ? 91  LEU B N   1 
ATOM   1499 C CA  . LEU B 1 90 ? 4.958   -6.309  -12.124 1.00 27.02 ? 91  LEU B CA  1 
ATOM   1500 C C   . LEU B 1 90 ? 5.136   -7.392  -13.170 1.00 28.91 ? 91  LEU B C   1 
ATOM   1501 O O   . LEU B 1 90 ? 4.406   -8.390  -13.158 1.00 31.76 ? 91  LEU B O   1 
ATOM   1502 C CB  . LEU B 1 90 ? 3.705   -5.500  -12.459 1.00 26.41 ? 91  LEU B CB  1 
ATOM   1503 C CG  . LEU B 1 90 ? 3.383   -4.509  -11.352 1.00 29.41 ? 91  LEU B CG  1 
ATOM   1504 C CD1 . LEU B 1 90 ? 2.343   -3.522  -11.852 1.00 33.43 ? 91  LEU B CD1 1 
ATOM   1505 C CD2 . LEU B 1 90 ? 2.887   -5.216  -10.106 1.00 32.99 ? 91  LEU B CD2 1 
ATOM   1506 N N   . THR B 1 91 ? 6.087   -7.200  -14.072 1.00 30.30 ? 92  THR B N   1 
ATOM   1507 C CA  . THR B 1 91 ? 6.315   -8.129  -15.162 1.00 34.00 ? 92  THR B CA  1 
ATOM   1508 C C   . THR B 1 91 ? 7.203   -9.284  -14.705 1.00 39.89 ? 92  THR B C   1 
ATOM   1509 O O   . THR B 1 91 ? 8.322   -9.074  -14.231 1.00 42.62 ? 92  THR B O   1 
ATOM   1510 C CB  . THR B 1 91 ? 6.920   -7.385  -16.374 1.00 38.91 ? 92  THR B CB  1 
ATOM   1511 O OG1 . THR B 1 91 ? 6.104   -6.240  -16.670 1.00 40.18 ? 92  THR B OG1 1 
ATOM   1512 C CG2 . THR B 1 91 ? 6.994   -8.299  -17.594 1.00 39.95 ? 92  THR B CG2 1 
HETATM 1513 C C1  . MYR C 2 .  ? -7.537  6.456   3.137   1.00 37.89 ? 101 MYR A C1  1 
HETATM 1514 O O1  . MYR C 2 .  ? -6.965  6.060   4.178   1.00 36.22 ? 101 MYR A O1  1 
HETATM 1515 C C2  . MYR C 2 .  ? -6.670  6.672   1.927   1.00 34.96 ? 101 MYR A C2  1 
HETATM 1516 C C3  . MYR C 2 .  ? -5.744  5.476   1.879   1.00 35.27 ? 101 MYR A C3  1 
HETATM 1517 C C4  . MYR C 2 .  ? -4.657  5.720   0.849   1.00 34.48 ? 101 MYR A C4  1 
HETATM 1518 C C5  . MYR C 2 .  ? -3.599  4.648   1.050   1.00 32.81 ? 101 MYR A C5  1 
HETATM 1519 C C6  . MYR C 2 .  ? -2.468  5.078   0.159   1.00 34.77 ? 101 MYR A C6  1 
HETATM 1520 C C7  . MYR C 2 .  ? -2.310  3.974   -0.829  1.00 35.71 ? 101 MYR A C7  1 
HETATM 1521 C C8  . MYR C 2 .  ? -1.307  3.000   -0.244  1.00 33.97 ? 101 MYR A C8  1 
HETATM 1522 C C9  . MYR C 2 .  ? -0.624  2.421   -1.468  1.00 31.06 ? 101 MYR A C9  1 
HETATM 1523 C C10 . MYR C 2 .  ? 0.602   1.609   -1.101  1.00 30.01 ? 101 MYR A C10 1 
HETATM 1524 C C11 . MYR C 2 .  ? 0.955   0.771   -2.320  1.00 31.35 ? 101 MYR A C11 1 
HETATM 1525 C C12 . MYR C 2 .  ? 1.421   1.611   -3.513  1.00 30.89 ? 101 MYR A C12 1 
HETATM 1526 C C13 . MYR C 2 .  ? 1.923   0.686   -4.622  1.00 33.02 ? 101 MYR A C13 1 
HETATM 1527 C C14 . MYR C 2 .  ? 2.073   1.406   -5.948  1.00 33.50 ? 101 MYR A C14 1 
HETATM 1528 C C1  . MYR D 2 .  ? -13.307 14.519  9.236   1.00 27.90 ? 101 MYR B C1  1 
HETATM 1529 O O1  . MYR D 2 .  ? -12.785 15.521  9.795   1.00 27.13 ? 101 MYR B O1  1 
HETATM 1530 C C2  . MYR D 2 .  ? -14.651 13.953  9.658   1.00 26.00 ? 101 MYR B C2  1 
HETATM 1531 C C3  . MYR D 2 .  ? -15.600 15.134  9.881   1.00 23.27 ? 101 MYR B C3  1 
HETATM 1532 C C4  . MYR D 2 .  ? -17.048 14.707  9.678   1.00 22.89 ? 101 MYR B C4  1 
HETATM 1533 C C5  . MYR D 2 .  ? -17.921 15.955  9.897   1.00 23.25 ? 101 MYR B C5  1 
HETATM 1534 C C6  . MYR D 2 .  ? -19.387 15.562  9.994   1.00 22.99 ? 101 MYR B C6  1 
HETATM 1535 C C7  . MYR D 2 .  ? -20.160 16.842  10.315  1.00 24.78 ? 101 MYR B C7  1 
HETATM 1536 C C8  . MYR D 2 .  ? -21.639 16.722  9.921   1.00 21.96 ? 101 MYR B C8  1 
HETATM 1537 C C9  . MYR D 2 .  ? -22.379 18.050  10.098  1.00 26.03 ? 101 MYR B C9  1 
HETATM 1538 C C10 . MYR D 2 .  ? -23.729 18.083  9.371   1.00 25.28 ? 101 MYR B C10 1 
HETATM 1539 C C11 . MYR D 2 .  ? -24.703 17.111  10.037  1.00 25.88 ? 101 MYR B C11 1 
HETATM 1540 C C12 . MYR D 2 .  ? -26.089 17.106  9.384   1.00 26.40 ? 101 MYR B C12 1 
HETATM 1541 C C13 . MYR D 2 .  ? -26.876 15.859  9.762   1.00 27.29 ? 101 MYR B C13 1 
HETATM 1542 C C14 . MYR D 2 .  ? -27.245 15.938  11.229  1.00 29.09 ? 101 MYR B C14 1 
HETATM 1543 O O   . HOH E 3 .  ? -10.099 10.410  8.707   1.00 37.45 ? 201 HOH A O   1 
HETATM 1544 O O   . HOH E 3 .  ? 4.404   4.577   15.318  1.00 34.41 ? 202 HOH A O   1 
HETATM 1545 O O   . HOH E 3 .  ? -7.748  -1.876  19.835  1.00 28.22 ? 203 HOH A O   1 
HETATM 1546 O O   . HOH E 3 .  ? -11.805 0.510   3.410   1.00 30.94 ? 204 HOH A O   1 
HETATM 1547 O O   . HOH E 3 .  ? -8.610  -0.367  18.049  1.00 29.33 ? 205 HOH A O   1 
HETATM 1548 O O   . HOH E 3 .  ? -8.303  -8.996  -3.027  1.00 28.43 ? 206 HOH A O   1 
HETATM 1549 O O   . HOH E 3 .  ? 8.328   -13.174 7.423   1.00 27.65 ? 207 HOH A O   1 
HETATM 1550 O O   . HOH E 3 .  ? 2.578   7.227   10.957  1.00 29.52 ? 208 HOH A O   1 
HETATM 1551 O O   . HOH E 3 .  ? 9.056   -9.730  1.314   1.00 31.07 ? 209 HOH A O   1 
HETATM 1552 O O   . HOH E 3 .  ? -6.033  -8.221  -4.380  1.00 22.65 ? 210 HOH A O   1 
HETATM 1553 O O   A HOH E 3 .  ? -14.680 -7.339  2.038   0.50 23.23 ? 211 HOH A O   1 
HETATM 1554 O O   B HOH E 3 .  ? -15.300 -8.973  3.911   0.50 28.80 ? 211 HOH A O   1 
HETATM 1555 O O   . HOH E 3 .  ? 0.298   -9.647  -5.539  1.00 30.02 ? 212 HOH A O   1 
HETATM 1556 O O   . HOH E 3 .  ? -8.994  5.604   7.081   1.00 35.84 ? 213 HOH A O   1 
HETATM 1557 O O   . HOH E 3 .  ? -2.145  2.746   20.197  1.00 28.39 ? 214 HOH A O   1 
HETATM 1558 O O   . HOH E 3 .  ? -0.439  6.644   5.106   1.00 21.11 ? 215 HOH A O   1 
HETATM 1559 O O   . HOH E 3 .  ? 5.472   1.400   17.922  1.00 23.57 ? 216 HOH A O   1 
HETATM 1560 O O   . HOH E 3 .  ? -10.166 -17.475 11.982  1.00 33.79 ? 217 HOH A O   1 
HETATM 1561 O O   . HOH E 3 .  ? -12.839 -13.252 3.276   1.00 34.81 ? 218 HOH A O   1 
HETATM 1562 O O   . HOH E 3 .  ? -13.643 -3.767  8.909   1.00 25.17 ? 219 HOH A O   1 
HETATM 1563 O O   . HOH E 3 .  ? 6.251   5.919   11.693  1.00 27.69 ? 220 HOH A O   1 
HETATM 1564 O O   . HOH E 3 .  ? -4.547  -9.456  24.601  1.00 27.98 ? 221 HOH A O   1 
HETATM 1565 O O   . HOH E 3 .  ? -4.567  -14.421 15.309  1.00 22.92 ? 222 HOH A O   1 
HETATM 1566 O O   . HOH E 3 .  ? -10.423 -17.786 4.294   1.00 35.15 ? 223 HOH A O   1 
HETATM 1567 O O   . HOH E 3 .  ? 3.781   -4.794  18.875  1.00 25.98 ? 224 HOH A O   1 
HETATM 1568 O O   . HOH E 3 .  ? -13.032 -7.435  11.315  1.00 29.97 ? 225 HOH A O   1 
HETATM 1569 O O   . HOH E 3 .  ? -12.194 -9.631  9.664   1.00 24.26 ? 226 HOH A O   1 
HETATM 1570 O O   . HOH E 3 .  ? -0.221  9.761   5.139   1.00 27.70 ? 227 HOH A O   1 
HETATM 1571 O O   . HOH E 3 .  ? -10.627 -2.832  -3.483  1.00 21.50 ? 228 HOH A O   1 
HETATM 1572 O O   . HOH E 3 .  ? 10.977  -0.432  9.208   1.00 30.55 ? 229 HOH A O   1 
HETATM 1573 O O   . HOH E 3 .  ? -8.945  -16.304 -4.790  1.00 24.27 ? 230 HOH A O   1 
HETATM 1574 O O   . HOH E 3 .  ? -10.815 -7.650  -2.898  1.00 22.84 ? 231 HOH A O   1 
HETATM 1575 O O   . HOH E 3 .  ? -7.883  -16.507 17.369  1.00 47.07 ? 232 HOH A O   1 
HETATM 1576 O O   . HOH E 3 .  ? -3.176  -17.940 -2.511  1.00 27.08 ? 233 HOH A O   1 
HETATM 1577 O O   . HOH E 3 .  ? -5.938  -17.343 -3.301  1.00 24.77 ? 234 HOH A O   1 
HETATM 1578 O O   . HOH E 3 .  ? 7.377   5.037   6.547   1.00 17.91 ? 235 HOH A O   1 
HETATM 1579 O O   . HOH E 3 .  ? 5.240   -2.879  20.682  1.00 27.53 ? 236 HOH A O   1 
HETATM 1580 O O   . HOH E 3 .  ? 5.319   -20.114 -5.312  1.00 25.98 ? 237 HOH A O   1 
HETATM 1581 O O   . HOH E 3 .  ? 7.026   -20.120 -3.000  1.00 26.49 ? 238 HOH A O   1 
HETATM 1582 O O   . HOH E 3 .  ? -11.629 -14.388 -2.145  1.00 32.32 ? 239 HOH A O   1 
HETATM 1583 O O   . HOH F 3 .  ? 13.490  1.851   -14.157 0.50 25.96 ? 201 HOH B O   1 
HETATM 1584 O O   . HOH F 3 .  ? 13.198  4.916   -3.716  1.00 33.09 ? 202 HOH B O   1 
HETATM 1585 O O   . HOH F 3 .  ? 2.355   17.957  -6.129  1.00 36.09 ? 203 HOH B O   1 
HETATM 1586 O O   . HOH F 3 .  ? -8.950  13.913  -10.207 1.00 36.32 ? 204 HOH B O   1 
HETATM 1587 O O   . HOH F 3 .  ? 13.825  3.329   -2.657  1.00 33.47 ? 205 HOH B O   1 
HETATM 1588 O O   . HOH F 3 .  ? 15.044  7.670   -1.114  1.00 30.79 ? 206 HOH B O   1 
HETATM 1589 O O   . HOH F 3 .  ? -6.351  13.393  1.598   1.00 31.60 ? 207 HOH B O   1 
HETATM 1590 O O   . HOH F 3 .  ? 11.207  16.820  -5.124  1.00 27.56 ? 208 HOH B O   1 
HETATM 1591 O O   . HOH F 3 .  ? -3.588  15.068  -5.974  1.00 24.19 ? 209 HOH B O   1 
HETATM 1592 O O   . HOH F 3 .  ? -6.943  19.913  4.750   1.00 27.50 ? 210 HOH B O   1 
HETATM 1593 O O   . HOH F 3 .  ? -10.721 6.984   -4.657  1.00 28.74 ? 211 HOH B O   1 
HETATM 1594 O O   . HOH F 3 .  ? -5.674  -2.163  -18.616 1.00 23.03 ? 212 HOH B O   1 
HETATM 1595 O O   . HOH F 3 .  ? -9.320  4.912   -18.411 1.00 24.83 ? 213 HOH B O   1 
HETATM 1596 O O   A HOH F 3 .  ? -10.517 6.058   -14.936 0.50 16.74 ? 214 HOH B O   1 
HETATM 1597 O O   B HOH F 3 .  ? -9.349  8.276   -13.883 0.50 26.06 ? 214 HOH B O   1 
HETATM 1598 O O   . HOH F 3 .  ? 21.315  2.301   -5.540  1.00 19.68 ? 215 HOH B O   1 
HETATM 1599 O O   . HOH F 3 .  ? 14.213  11.900  -6.127  1.00 24.53 ? 216 HOH B O   1 
HETATM 1600 O O   . HOH F 3 .  ? -7.851  -1.382  -3.966  1.00 18.03 ? 217 HOH B O   1 
HETATM 1601 O O   . HOH F 3 .  ? 10.007  1.789   2.993   1.00 22.38 ? 218 HOH B O   1 
HETATM 1602 O O   . HOH F 3 .  ? 7.164   9.755   4.570   1.00 28.57 ? 219 HOH B O   1 
HETATM 1603 O O   . HOH F 3 .  ? 14.260  14.064  -7.026  1.00 37.31 ? 220 HOH B O   1 
HETATM 1604 O O   . HOH F 3 .  ? -8.424  -4.655  -20.363 1.00 36.24 ? 221 HOH B O   1 
HETATM 1605 O O   . HOH F 3 .  ? 11.319  9.368   3.935   1.00 28.88 ? 222 HOH B O   1 
HETATM 1606 O O   . HOH F 3 .  ? -6.270  11.263  -17.952 1.00 24.09 ? 223 HOH B O   1 
HETATM 1607 O O   . HOH F 3 .  ? 9.410   6.303   3.492   1.00 36.12 ? 224 HOH B O   1 
HETATM 1608 O O   . HOH F 3 .  ? 10.716  12.173  -17.554 1.00 30.04 ? 225 HOH B O   1 
HETATM 1609 O O   . HOH F 3 .  ? -0.445  1.384   -20.644 1.00 20.78 ? 226 HOH B O   1 
HETATM 1610 O O   . HOH F 3 .  ? -13.286 2.486   -12.660 1.00 27.62 ? 227 HOH B O   1 
HETATM 1611 O O   . HOH F 3 .  ? -7.637  13.541  7.944   1.00 29.27 ? 228 HOH B O   1 
HETATM 1612 O O   . HOH F 3 .  ? 6.406   17.097  -2.740  1.00 29.50 ? 229 HOH B O   1 
HETATM 1613 O O   . HOH F 3 .  ? 7.439   11.967  -16.312 1.00 23.88 ? 230 HOH B O   1 
HETATM 1614 O O   . HOH F 3 .  ? -3.250  7.407   -23.259 1.00 29.25 ? 231 HOH B O   1 
HETATM 1615 O O   . HOH F 3 .  ? 10.378  12.519  6.592   1.00 29.64 ? 232 HOH B O   1 
HETATM 1616 O O   . HOH F 3 .  ? 6.813   6.924   4.377   1.00 23.13 ? 233 HOH B O   1 
HETATM 1617 O O   . HOH F 3 .  ? -9.332  2.102   -19.099 1.00 26.60 ? 234 HOH B O   1 
HETATM 1618 O O   . HOH F 3 .  ? -2.371  -0.049  -21.967 1.00 23.57 ? 235 HOH B O   1 
HETATM 1619 O O   . HOH F 3 .  ? 1.955   16.229  -8.211  1.00 23.83 ? 236 HOH B O   1 
HETATM 1620 O O   . HOH F 3 .  ? 17.963  17.996  -3.885  1.00 31.05 ? 237 HOH B O   1 
HETATM 1621 O O   . HOH F 3 .  ? 7.542   -10.508 -11.777 1.00 56.77 ? 238 HOH B O   1 
HETATM 1622 O O   . HOH F 3 .  ? -6.503  14.041  -18.613 1.00 29.93 ? 239 HOH B O   1 
HETATM 1623 O O   A HOH F 3 .  ? 20.193  0.092   -3.004  0.50 18.77 ? 240 HOH B O   1 
HETATM 1624 O O   B HOH F 3 .  ? 21.409  0.024   -4.041  0.50 18.06 ? 240 HOH B O   1 
HETATM 1625 O O   . HOH F 3 .  ? 12.484  15.063  0.508   1.00 25.60 ? 241 HOH B O   1 
HETATM 1626 O O   . HOH F 3 .  ? -4.206  -7.357  -7.796  1.00 21.28 ? 242 HOH B O   1 
HETATM 1627 O O   . HOH F 3 .  ? -0.494  16.587  -9.354  1.00 26.79 ? 243 HOH B O   1 
HETATM 1628 O O   A HOH F 3 .  ? 14.432  13.005  0.769   0.50 7.55  ? 244 HOH B O   1 
HETATM 1629 O O   B HOH F 3 .  ? 14.227  12.056  1.383   0.50 14.05 ? 244 HOH B O   1 
HETATM 1630 O O   . HOH F 3 .  ? 12.544  1.809   1.677   1.00 26.59 ? 245 HOH B O   1 
HETATM 1631 O O   . HOH F 3 .  ? 1.821   -0.203  -21.044 1.00 28.28 ? 246 HOH B O   1 
HETATM 1632 O O   . HOH F 3 .  ? 0.480   3.721   -21.697 1.00 27.41 ? 247 HOH B O   1 
HETATM 1633 O O   A HOH F 3 .  ? 1.960   17.846  -1.838  0.50 20.30 ? 248 HOH B O   1 
HETATM 1634 O O   B HOH F 3 .  ? 3.977   17.611  -3.842  0.50 25.10 ? 248 HOH B O   1 
# 
